data_7KRA
#
_entry.id   7KRA
#
_cell.length_a   1.00
_cell.length_b   1.00
_cell.length_c   1.00
_cell.angle_alpha   90.00
_cell.angle_beta   90.00
_cell.angle_gamma   90.00
#
_symmetry.space_group_name_H-M   'P 1'
#
loop_
_entity.id
_entity.type
_entity.pdbx_description
1 polymer 'ER membrane protein complex subunit 1'
2 polymer 'ER membrane protein complex subunit 2'
3 polymer 'ER membrane protein complex subunit 3'
4 polymer 'ER membrane protein complex subunit 4'
5 polymer 'ER membrane protein complex subunit 5'
6 polymer 'ER membrane protein complex subunit 6'
7 polymer 'Protein SOP4'
8 polymer 'Endoplasmic reticulum membrane protein complex subunit 10'
9 polymer 'Fab DH4 heavy chain'
10 polymer 'Fab DH4 light chain'
11 polymer 'Unassigned helix'
12 non-polymer 2-acetamido-2-deoxy-beta-D-glucopyranose
13 non-polymer '[(2~{R})-1-octanoyloxy-3-[oxidanyl-[2-(trimethyl-$l^{4}-azanyl)ethoxy]phosphoryl]oxy-propan-2-yl] nonanoate'
#
loop_
_entity_poly.entity_id
_entity_poly.type
_entity_poly.pdbx_seq_one_letter_code
_entity_poly.pdbx_strand_id
1 'polypeptide(L)'
;MKITCTDLVYVFILLFLNTSCVQAVFSDDAFITDWQLANLGPWEKVIPDSRDRNRVLILSNPTETSCLVSSFNVSSGQIL
FRNVLPFTIDEIQLDSNDHNAMVCVNSSSNHWQKYDLHDWFLLEEGVDNAPSTTILPQSSYLNDQVSIKNNELHILDEQS
KLAEWKLELPQGFNKVEYFHREDPLALVLNVNDTQYMGFSANGTELIPVWQRDEWLTNVVDYAVLDVFDSRDVELNKDMK
AELDSNSLWNAYWLRLTTNWNRLINLLKENQFSPGRVFTKLLALDAKDTTVSDLKFGFAKILIVLTHDGFIGGLDMVNKG
QLIWKLDLEIDQGVKMFWTDKNHDELVVFSHDGHYLTIEVTKDQPIIKSRSPLSERKTVDSVIRLNEHDHQYLIKFEDKD
HLLFKLNPGKNTDVPIVANNHSSSHIFVTEHDTNGIYGYIIENDTVKQTWKKAVNSKEKMVAYSKRETTNLNTLGITLGD
KSVLYKYLYPNLAAYLIANEEHHTITFNLIDTITGEILITQEHKDSPDFRFPMDIVFGEYWVVYSYFSSEPVPEQKLVVV
ELYESLTPDERLSNSSDNFSYDPLTGHINKPQFQTKQFIFPEIIKTMSISKTTDDITTKAIVMELENGQITYIPKLLLNA
RGKPAEEMAKDKKKEFMATPYTPVIPINDNFIITHFRNLLPGSDSQLISIPTNLESTSIICDLGLDVFCTRITPSGQFDL
MSPTFEKGKLLITIFVLLVITYFIRPSVSNKKLKSQWLIK
;
A
2 'polypeptide(L)'
;MLKDLVREKLLTIMNTKAYTQFNPEQLLQLENEMKIYMKSGDSALTEGNYFFLMEMLFYVLVYRNQDVDAQVVYNTLRDR
LGENSYKMVIMKATLLQINGNDKGAIEYLENLLNDDLEYETDFVTYVSIAKKLIAIKTTSKNLSQESVLKEVVALTDKFP
LDAELWWYASEIYFEMGQFEKACYCLEQVLCITPFNYACFGRLSETLYYEALRSKKQTKTELLEKALKNALRSVELSELY
LKGWALVNIISRELGRNKQNDLIKLSASKLKEISAKSNNKDKITAELILNKI
;
B
3 'polypeptide(L)'
;MLLDDQLKYWVLLPISIVMVLTGVLKQYIMTLITGSSANEAQPRVKLTEWQYLQWAQLLIGNGGNLSSDAFAAKKEFLVK
DLTEERHLAKAKQQDGSQAGEVPNPFNDPSMSNAMMNMAKGNMASFIPQTIIMWWVNHFFAGFILMQLPFPLTAKFKEML
QTGIICQDLDVRWVSSISWYFISVLGLNPVYNLIGLNDQDMGIQAGIGGPQGPQGPPQSQVDKAMHAMANDLTIIQHETC
LDNVEQRVLKQYM
;
C
4 'polypeptide(L)'
;MSEQEPYEWAKHLLDTKYIEKYNIQNSNTLPSPPGFEGNSSKGNVTRKQQDATSQTTSLAQKNQITVLQVQKAWQIALQP
AKSIPMNIFMSYMSGTSLQIIPIMTALMLLSGPIKAIFSTRSAFKPVLGNKATQSQVQTAMFMYIVFQGVLMYIGYRKLN
SMGLIPNAKGDWLPWERIAHYNNGLQWFSD
;
D
5 'polypeptide(L)'
;MSFVSKLLYTVSALVLFHSGFSSYEFHHLLKLNSLNNAQGAISKLPKDIMYETYAGLILFVLAVFTSFEKLQYLPIESND
GKIISQGNYLKEIALNKATNVDNLIGSNPNGEIIFTPSFVDVHMKRKICREWASNTVKKEKGGSGSGENLYFQSGSGSDY
KDDDDKDYKDDDDKDYKDDDDK
;
E
6 'polypeptide(L)'
;MSSNEEVFTQINATANVVDNKKRLLFVQDSSALVLGLVAGFLQIESVHGFIWFLILYNLINVIYIVWICQLQPGKFYQSP
LHDIFFESFFREITGFVMAWTFGYALIG
;
F
7 'polypeptide(L)'
;MFSQIVLLLSAFIYVASATARRGTIKGRLDLAASNITGFVSTRTSFKLYQIGNFSTEYPYTSTTMFQDDEGNFEFANLPL
NDGVNETTYYVMYPASMDFNLKPNRILIEFKNLENGTLQLNAFKNFFGREYFPSKDITYPEKLQSMKVHPYITVELLHKA
PIRSYLQARNVSIFSTGIVGNILNSRWKLAGVITLIALVVFPIIVEKLDPETARAIREEAKRKQREKYAAVASK
;
G
8 'polypeptide(L)'
;MLVRLLRVILLASMVFCADILQLSYSDDAKDAIPLGTFEIDSTSDGNVTVTTVNIQDVEVSGEYCLNAQIEGKLDMPCFS
YMKLRTPLKYDLIVDVDEDNEVKQVSLSYDETNDAITATVRYPEAGPTAPVTKLKKKTKTYADKKASKNKDGSTAQFEED
EEVKEVSWFQKNWKMLLLGLLIYNFVAGSAKKQQQGGAGADQKTE
;
H
9 'polypeptide(L)'
;MAQVQLQQWGAGLLKPSETLSLTCAVYGGSFSGYYWSWIRQPPGKGLEWIGEINHSGSTNYNPSLKSRVTISVDTSKNQF
SLKLSSVTAADTAVYYCARGLAGRGYYGSGSYLRWGQGTLVTVSSASTKGPSVFPLAPSSKSTSGGTAALGCLVKDYFPE
PVTVSWNSGALTSGVHTFPAVLQSSGLYSLSSVVTVPSSSLGTQTYICNVNHKPSNTKVDKKVEPKSCAAAHHHHHHGAA
EQKLISEEDLNGAA
;
I
10 'polypeptide(L)'
;LFAIPLVVPFYSHSALDVVMTQSPLSLPVTPGEPASISCRSSQTLMNRNGNNFLDWYLQKPGQSPQLLIYLGSNRAPGVP
DRFSGSGSGTDFTLRISRVEPEDVGVYYCMQALQTPSFGGGTKVEIRRTVAAPSVFIFPPSDEQLKSGTASVVCLLNNFY
PREAKVQWKVDNALQSGNSQESVTEQDSKDSTYSLSSTLTLSKADYEKHKVYACEVTHQGLSSPVTKSFNRGEC
;
J
11 'polypeptide(L)'
;(UNK)(UNK)(UNK)(UNK)(UNK)(UNK)(UNK)(UNK)(UNK)(UNK)(UNK)(UNK)(UNK)(UNK)(UNK)(UNK)
(UNK)(UNK)(UNK)(UNK)(UNK)(UNK)(UNK)(UNK)
;
M,N
#
# COMPACT_ATOMS: atom_id res chain seq x y z
N VAL A 25 19.16 -1.58 -5.61
CA VAL A 25 17.92 -1.96 -4.93
C VAL A 25 17.68 -3.46 -5.04
N PHE A 26 18.30 -4.11 -6.03
CA PHE A 26 18.08 -5.52 -6.27
C PHE A 26 18.98 -6.43 -5.44
N SER A 27 20.27 -6.08 -5.33
CA SER A 27 21.27 -7.04 -4.87
C SER A 27 21.02 -7.51 -3.45
N ASP A 28 20.31 -6.74 -2.63
CA ASP A 28 19.96 -7.21 -1.29
C ASP A 28 19.03 -8.40 -1.38
N ASP A 29 17.97 -8.29 -2.18
CA ASP A 29 16.92 -9.30 -2.30
C ASP A 29 16.92 -9.95 -3.69
N ALA A 30 18.10 -10.16 -4.26
CA ALA A 30 18.19 -10.72 -5.61
C ALA A 30 17.57 -12.11 -5.67
N PHE A 31 18.14 -13.06 -4.92
CA PHE A 31 17.66 -14.43 -4.88
C PHE A 31 16.75 -14.71 -3.69
N ILE A 32 16.63 -13.77 -2.75
CA ILE A 32 15.92 -14.06 -1.51
C ILE A 32 14.42 -14.17 -1.77
N THR A 33 13.86 -13.24 -2.54
CA THR A 33 12.42 -13.20 -2.76
C THR A 33 11.97 -14.00 -3.99
N ASP A 34 12.82 -14.12 -5.01
CA ASP A 34 12.47 -14.88 -6.20
C ASP A 34 12.43 -16.37 -5.90
N TRP A 35 11.51 -17.07 -6.56
CA TRP A 35 10.89 -18.29 -6.04
C TRP A 35 10.84 -19.39 -7.11
N GLN A 36 11.93 -19.59 -7.83
CA GLN A 36 11.87 -20.34 -9.09
C GLN A 36 12.12 -21.82 -8.86
N LEU A 37 11.25 -22.65 -9.43
CA LEU A 37 11.33 -24.11 -9.36
C LEU A 37 11.58 -24.67 -10.76
N ALA A 38 12.41 -25.70 -10.83
CA ALA A 38 12.80 -26.30 -12.10
C ALA A 38 12.13 -27.66 -12.21
N ASN A 39 11.36 -27.85 -13.29
CA ASN A 39 10.65 -29.09 -13.56
C ASN A 39 11.12 -29.64 -14.90
N LEU A 40 11.60 -30.87 -14.88
CA LEU A 40 12.14 -31.52 -16.05
C LEU A 40 11.16 -32.51 -16.68
N GLY A 41 10.06 -32.83 -16.01
CA GLY A 41 9.08 -33.75 -16.54
C GLY A 41 9.46 -35.19 -16.25
N PRO A 42 8.58 -36.13 -16.62
CA PRO A 42 8.92 -37.55 -16.42
C PRO A 42 9.90 -37.99 -17.49
N TRP A 43 11.01 -38.57 -17.06
CA TRP A 43 12.12 -38.82 -17.98
C TRP A 43 11.77 -39.94 -18.93
N GLU A 44 12.03 -39.74 -20.21
CA GLU A 44 11.79 -40.72 -21.25
C GLU A 44 13.05 -41.46 -21.65
N LYS A 45 14.17 -40.75 -21.81
CA LYS A 45 15.43 -41.42 -22.13
C LYS A 45 16.58 -40.71 -21.42
N VAL A 46 17.51 -41.52 -20.90
CA VAL A 46 18.69 -41.03 -20.19
C VAL A 46 19.91 -41.58 -20.92
N ILE A 47 20.66 -40.70 -21.56
CA ILE A 47 21.80 -41.06 -22.40
C ILE A 47 23.07 -40.70 -21.65
N PRO A 48 24.04 -41.61 -21.52
CA PRO A 48 25.28 -41.24 -20.84
C PRO A 48 26.13 -40.32 -21.68
N ASP A 49 27.02 -39.60 -21.01
CA ASP A 49 27.92 -38.64 -21.64
C ASP A 49 29.31 -39.25 -21.74
N SER A 50 29.93 -39.13 -22.93
CA SER A 50 31.21 -39.80 -23.14
C SER A 50 32.34 -39.14 -22.36
N ARG A 51 32.24 -37.83 -22.11
CA ARG A 51 33.19 -37.08 -21.32
C ARG A 51 32.50 -36.58 -20.06
N ASP A 52 33.29 -36.32 -19.01
CA ASP A 52 32.75 -35.86 -17.74
C ASP A 52 31.73 -36.86 -17.21
N ARG A 53 32.22 -38.06 -16.91
CA ARG A 53 31.39 -39.27 -16.86
C ARG A 53 30.19 -39.14 -15.92
N ASN A 54 30.28 -38.29 -14.90
CA ASN A 54 29.14 -38.04 -14.03
C ASN A 54 28.27 -36.91 -14.60
N ARG A 55 27.76 -37.16 -15.80
CA ARG A 55 26.86 -36.25 -16.47
C ARG A 55 26.08 -37.03 -17.52
N VAL A 56 24.78 -36.75 -17.65
CA VAL A 56 23.91 -37.44 -18.59
C VAL A 56 23.04 -36.42 -19.31
N LEU A 57 22.43 -36.87 -20.40
CA LEU A 57 21.50 -36.06 -21.18
C LEU A 57 20.12 -36.71 -21.13
N ILE A 58 19.11 -35.94 -20.76
CA ILE A 58 17.77 -36.44 -20.51
C ILE A 58 16.83 -35.89 -21.56
N LEU A 59 16.22 -36.78 -22.33
CA LEU A 59 15.09 -36.43 -23.19
C LEU A 59 13.82 -36.69 -22.41
N SER A 60 12.96 -35.69 -22.28
CA SER A 60 11.76 -35.79 -21.48
C SER A 60 10.67 -34.89 -22.05
N ASN A 61 9.52 -34.94 -21.39
CA ASN A 61 8.38 -34.08 -21.69
C ASN A 61 7.98 -34.09 -23.16
N PRO A 62 7.60 -35.24 -23.71
CA PRO A 62 7.18 -35.29 -25.11
C PRO A 62 5.88 -34.53 -25.34
N THR A 63 5.71 -34.07 -26.57
CA THR A 63 4.42 -33.57 -27.02
C THR A 63 4.35 -33.79 -28.53
N GLU A 64 3.32 -33.25 -29.17
CA GLU A 64 3.09 -33.53 -30.57
C GLU A 64 4.08 -32.84 -31.49
N THR A 65 4.78 -31.82 -31.02
CA THR A 65 5.62 -30.99 -31.86
C THR A 65 7.06 -30.85 -31.38
N SER A 66 7.34 -31.10 -30.09
CA SER A 66 8.64 -30.81 -29.53
C SER A 66 8.92 -31.77 -28.38
N CYS A 67 10.13 -31.68 -27.84
CA CYS A 67 10.48 -32.39 -26.63
C CYS A 67 11.52 -31.54 -25.89
N LEU A 68 11.82 -31.92 -24.65
CA LEU A 68 12.72 -31.15 -23.80
C LEU A 68 14.01 -31.95 -23.63
N VAL A 69 15.11 -31.41 -24.14
CA VAL A 69 16.42 -32.02 -24.03
C VAL A 69 17.20 -31.23 -22.99
N SER A 70 17.60 -31.89 -21.91
CA SER A 70 18.31 -31.25 -20.81
C SER A 70 19.59 -32.01 -20.53
N SER A 71 20.48 -31.37 -19.78
CA SER A 71 21.70 -31.99 -19.28
C SER A 71 21.62 -32.01 -17.77
N PHE A 72 22.12 -33.08 -17.17
CA PHE A 72 21.85 -33.38 -15.77
C PHE A 72 23.10 -33.96 -15.14
N ASN A 73 23.56 -33.35 -14.07
CA ASN A 73 24.63 -33.91 -13.25
C ASN A 73 24.05 -35.04 -12.42
N VAL A 74 24.60 -36.24 -12.58
CA VAL A 74 23.94 -37.42 -12.03
C VAL A 74 24.32 -37.70 -10.57
N SER A 75 25.43 -37.14 -10.09
CA SER A 75 25.80 -37.25 -8.68
C SER A 75 25.25 -36.10 -7.84
N SER A 76 24.25 -35.39 -8.35
CA SER A 76 23.62 -34.28 -7.65
C SER A 76 22.24 -34.09 -8.26
N GLY A 77 21.61 -32.96 -7.96
CA GLY A 77 20.48 -32.49 -8.72
C GLY A 77 21.04 -31.56 -9.79
N GLN A 78 20.72 -30.27 -9.70
CA GLN A 78 21.46 -29.24 -10.43
C GLN A 78 21.43 -29.47 -11.94
N ILE A 79 20.22 -29.38 -12.50
CA ILE A 79 20.04 -29.30 -13.94
C ILE A 79 21.01 -28.27 -14.51
N LEU A 80 21.72 -28.65 -15.58
CA LEU A 80 22.74 -27.79 -16.16
C LEU A 80 22.16 -26.82 -17.19
N PHE A 81 21.47 -27.35 -18.20
CA PHE A 81 20.75 -26.50 -19.14
C PHE A 81 19.59 -27.28 -19.74
N ARG A 82 18.63 -26.56 -20.29
CA ARG A 82 17.45 -27.14 -20.92
C ARG A 82 17.19 -26.46 -22.25
N ASN A 83 16.67 -27.22 -23.21
CA ASN A 83 16.30 -26.66 -24.50
C ASN A 83 15.07 -27.39 -25.02
N VAL A 84 14.15 -26.63 -25.60
CA VAL A 84 12.94 -27.19 -26.21
C VAL A 84 13.24 -27.41 -27.68
N LEU A 85 13.49 -28.66 -28.06
CA LEU A 85 13.79 -28.97 -29.46
C LEU A 85 12.49 -29.25 -30.22
N PRO A 86 12.30 -28.73 -31.47
CA PRO A 86 11.05 -28.95 -32.21
C PRO A 86 11.04 -30.28 -32.98
N PHE A 87 11.37 -31.37 -32.29
CA PHE A 87 11.33 -32.70 -32.86
C PHE A 87 10.70 -33.66 -31.85
N THR A 88 9.98 -34.65 -32.36
CA THR A 88 9.43 -35.69 -31.50
C THR A 88 10.57 -36.60 -31.03
N ILE A 89 10.31 -37.34 -29.94
CA ILE A 89 11.39 -38.12 -29.33
C ILE A 89 11.87 -39.21 -30.27
N ASP A 90 10.98 -39.80 -31.06
CA ASP A 90 11.41 -40.87 -31.96
C ASP A 90 12.27 -40.37 -33.11
N GLU A 91 12.37 -39.06 -33.32
CA GLU A 91 13.20 -38.48 -34.36
C GLU A 91 14.59 -38.08 -33.87
N ILE A 92 14.95 -38.42 -32.64
CA ILE A 92 16.18 -37.97 -32.00
C ILE A 92 17.01 -39.20 -31.67
N GLN A 93 18.18 -39.32 -32.31
CA GLN A 93 19.01 -40.52 -32.18
C GLN A 93 20.47 -40.14 -32.29
N LEU A 94 21.33 -41.06 -31.85
CA LEU A 94 22.76 -40.81 -31.80
C LEU A 94 23.38 -40.94 -33.20
N ASP A 95 24.70 -40.77 -33.27
CA ASP A 95 25.45 -40.93 -34.50
C ASP A 95 26.03 -42.34 -34.59
N SER A 96 26.80 -42.59 -35.64
CA SER A 96 27.53 -43.84 -35.79
C SER A 96 28.90 -43.59 -36.37
N ASN A 100 29.29 -38.58 -28.26
CA ASN A 100 28.51 -38.76 -29.48
C ASN A 100 27.86 -37.43 -29.84
N ALA A 101 27.00 -37.41 -30.89
CA ALA A 101 26.68 -36.18 -31.58
C ALA A 101 25.20 -35.94 -31.85
N MET A 102 24.30 -36.83 -31.42
CA MET A 102 22.90 -36.50 -31.19
C MET A 102 22.22 -35.92 -32.44
N VAL A 103 22.16 -36.73 -33.49
CA VAL A 103 21.56 -36.29 -34.75
C VAL A 103 20.04 -36.25 -34.61
N CYS A 104 19.43 -35.14 -35.02
CA CYS A 104 17.98 -34.97 -35.01
C CYS A 104 17.51 -34.71 -36.43
N VAL A 105 16.59 -35.54 -36.92
CA VAL A 105 16.20 -35.57 -38.32
C VAL A 105 14.68 -35.52 -38.42
N ASN A 106 14.15 -34.51 -39.12
CA ASN A 106 12.73 -34.50 -39.43
C ASN A 106 12.42 -35.60 -40.43
N SER A 107 11.15 -35.99 -40.50
CA SER A 107 10.68 -37.08 -41.35
C SER A 107 9.90 -36.61 -42.56
N SER A 108 9.08 -35.56 -42.44
CA SER A 108 8.37 -35.03 -43.60
C SER A 108 9.35 -34.55 -44.65
N SER A 109 10.16 -33.54 -44.31
CA SER A 109 11.32 -33.15 -45.09
C SER A 109 12.53 -33.93 -44.56
N ASN A 110 13.72 -33.56 -45.00
CA ASN A 110 14.97 -34.12 -44.46
C ASN A 110 15.82 -33.04 -43.80
N HIS A 111 15.18 -32.02 -43.23
CA HIS A 111 15.91 -31.03 -42.45
C HIS A 111 16.49 -31.71 -41.22
N TRP A 112 17.80 -31.61 -41.03
CA TRP A 112 18.47 -32.31 -39.95
C TRP A 112 19.49 -31.39 -39.28
N GLN A 113 19.74 -31.67 -38.00
CA GLN A 113 20.65 -30.89 -37.17
C GLN A 113 21.44 -31.83 -36.29
N LYS A 114 22.76 -31.72 -36.35
CA LYS A 114 23.65 -32.48 -35.49
C LYS A 114 24.17 -31.55 -34.40
N TYR A 115 23.83 -31.87 -33.15
CA TYR A 115 24.15 -31.07 -31.98
C TYR A 115 25.19 -31.80 -31.12
N ASP A 116 26.21 -31.08 -30.68
CA ASP A 116 27.23 -31.69 -29.85
C ASP A 116 26.68 -32.05 -28.48
N LEU A 117 27.15 -33.16 -27.93
CA LEU A 117 26.96 -33.45 -26.52
C LEU A 117 27.97 -32.65 -25.70
N HIS A 118 27.64 -32.45 -24.42
CA HIS A 118 28.51 -31.80 -23.43
C HIS A 118 28.59 -30.28 -23.61
N ASP A 119 28.00 -29.76 -24.69
CA ASP A 119 27.83 -28.35 -24.99
C ASP A 119 26.83 -28.33 -26.13
N TRP A 120 25.77 -27.52 -26.04
CA TRP A 120 24.74 -27.56 -27.07
C TRP A 120 25.18 -26.65 -28.23
N PHE A 121 26.20 -27.13 -28.94
CA PHE A 121 26.70 -26.47 -30.14
C PHE A 121 26.03 -27.10 -31.34
N LEU A 122 25.52 -26.27 -32.24
CA LEU A 122 24.91 -26.76 -33.48
C LEU A 122 26.05 -27.14 -34.39
N LEU A 123 26.50 -28.39 -34.28
CA LEU A 123 27.69 -28.83 -35.00
C LEU A 123 27.46 -28.79 -36.50
N GLU A 124 26.30 -29.26 -36.96
CA GLU A 124 26.02 -29.23 -38.39
C GLU A 124 24.52 -29.08 -38.63
N GLU A 125 24.20 -28.57 -39.82
CA GLU A 125 22.84 -28.33 -40.26
C GLU A 125 22.77 -28.74 -41.72
N GLY A 126 21.60 -29.25 -42.14
CA GLY A 126 21.49 -29.62 -43.54
C GLY A 126 20.06 -29.96 -43.92
N VAL A 127 19.86 -30.12 -45.23
CA VAL A 127 18.54 -30.36 -45.79
C VAL A 127 18.47 -31.61 -46.66
N ASP A 128 19.58 -32.14 -47.15
CA ASP A 128 19.54 -33.22 -48.13
C ASP A 128 19.50 -34.60 -47.47
N ASN A 129 20.51 -34.91 -46.65
CA ASN A 129 20.71 -36.25 -46.12
C ASN A 129 21.21 -36.19 -44.70
N ALA A 130 20.66 -37.06 -43.85
CA ALA A 130 21.19 -37.22 -42.51
C ALA A 130 22.46 -38.06 -42.57
N PRO A 131 23.43 -37.82 -41.67
CA PRO A 131 24.65 -38.65 -41.72
C PRO A 131 24.38 -40.12 -41.42
N SER A 132 23.74 -40.41 -40.28
CA SER A 132 23.34 -41.76 -39.93
C SER A 132 22.52 -41.71 -38.65
N THR A 133 22.01 -42.85 -38.20
CA THR A 133 21.40 -42.97 -36.88
C THR A 133 21.65 -44.36 -36.34
N THR A 134 21.56 -44.48 -35.01
CA THR A 134 21.43 -45.76 -34.34
C THR A 134 20.28 -45.64 -33.34
N ILE A 135 19.48 -46.69 -33.24
CA ILE A 135 18.36 -46.66 -32.31
C ILE A 135 18.91 -46.76 -30.89
N LEU A 136 18.38 -45.94 -29.99
CA LEU A 136 18.88 -45.93 -28.63
C LEU A 136 18.54 -47.26 -27.95
N PRO A 137 19.50 -47.94 -27.34
CA PRO A 137 19.27 -49.33 -26.94
C PRO A 137 18.39 -49.43 -25.70
N GLN A 138 17.73 -50.57 -25.58
CA GLN A 138 16.93 -50.86 -24.40
C GLN A 138 17.86 -51.23 -23.24
N SER A 139 17.30 -51.21 -22.02
CA SER A 139 18.13 -51.23 -20.83
C SER A 139 18.84 -52.57 -20.66
N SER A 140 18.09 -53.66 -20.57
CA SER A 140 18.64 -54.99 -20.34
C SER A 140 19.39 -55.06 -19.00
N TYR A 141 18.94 -54.31 -18.00
CA TYR A 141 19.68 -54.26 -16.75
C TYR A 141 19.50 -55.53 -15.93
N LEU A 142 18.43 -56.29 -16.18
CA LEU A 142 18.40 -57.66 -15.71
C LEU A 142 19.27 -58.53 -16.62
N ASN A 143 19.77 -59.62 -16.04
CA ASN A 143 20.76 -60.52 -16.63
C ASN A 143 22.17 -59.94 -16.67
N ASP A 144 22.35 -58.67 -16.28
CA ASP A 144 23.66 -58.03 -16.30
C ASP A 144 24.16 -57.66 -14.92
N GLN A 145 23.40 -56.87 -14.16
CA GLN A 145 23.92 -56.27 -12.92
C GLN A 145 22.96 -56.30 -11.75
N VAL A 146 21.74 -56.81 -11.90
CA VAL A 146 20.67 -56.58 -10.92
C VAL A 146 19.89 -57.86 -10.69
N SER A 147 19.55 -58.12 -9.43
CA SER A 147 18.61 -59.19 -9.08
C SER A 147 17.81 -58.73 -7.87
N ILE A 148 16.48 -58.87 -7.94
CA ILE A 148 15.60 -58.42 -6.87
C ILE A 148 14.67 -59.56 -6.50
N LYS A 149 14.87 -60.15 -5.31
CA LYS A 149 14.04 -61.26 -4.87
C LYS A 149 13.20 -60.96 -3.63
N ASN A 150 13.82 -60.64 -2.50
CA ASN A 150 13.09 -60.55 -1.23
C ASN A 150 12.72 -59.10 -0.92
N ASN A 151 12.00 -58.46 -1.84
CA ASN A 151 11.66 -57.04 -1.71
C ASN A 151 12.92 -56.22 -1.45
N GLU A 152 13.99 -56.58 -2.16
CA GLU A 152 15.34 -56.12 -1.86
C GLU A 152 16.14 -56.18 -3.15
N LEU A 153 17.06 -55.24 -3.33
CA LEU A 153 17.77 -55.05 -4.59
C LEU A 153 19.24 -55.39 -4.40
N HIS A 154 19.72 -56.38 -5.15
CA HIS A 154 21.11 -56.84 -5.08
C HIS A 154 21.81 -56.48 -6.38
N ILE A 155 22.97 -55.85 -6.25
CA ILE A 155 23.83 -55.53 -7.40
C ILE A 155 24.82 -56.67 -7.56
N LEU A 156 24.88 -57.25 -8.76
CA LEU A 156 25.73 -58.39 -9.05
C LEU A 156 26.83 -58.01 -10.03
N ASP A 157 28.02 -58.55 -9.79
CA ASP A 157 29.01 -58.62 -10.85
C ASP A 157 28.51 -59.57 -11.94
N GLU A 158 28.99 -59.35 -13.16
CA GLU A 158 28.59 -60.22 -14.27
C GLU A 158 29.00 -61.67 -14.02
N GLN A 159 30.25 -61.89 -13.66
CA GLN A 159 30.77 -63.21 -13.29
C GLN A 159 31.27 -63.16 -11.85
N SER A 160 31.24 -64.32 -11.19
CA SER A 160 31.53 -64.39 -9.76
C SER A 160 30.58 -63.48 -8.98
N LYS A 161 29.29 -63.81 -9.08
CA LYS A 161 28.22 -62.93 -8.64
C LYS A 161 28.16 -62.96 -7.11
N LEU A 162 29.06 -62.19 -6.51
CA LEU A 162 29.17 -62.11 -5.06
C LEU A 162 28.13 -61.19 -4.43
N ALA A 163 27.36 -60.45 -5.22
CA ALA A 163 26.22 -59.67 -4.73
C ALA A 163 26.66 -58.62 -3.70
N GLU A 164 27.55 -57.73 -4.14
CA GLU A 164 27.91 -56.59 -3.32
C GLU A 164 26.84 -55.49 -3.44
N TRP A 165 26.82 -54.61 -2.45
CA TRP A 165 25.98 -53.41 -2.46
C TRP A 165 24.50 -53.76 -2.64
N LYS A 166 23.96 -54.51 -1.67
CA LYS A 166 22.53 -54.76 -1.65
C LYS A 166 21.83 -53.62 -0.92
N LEU A 167 20.59 -53.36 -1.32
CA LEU A 167 19.82 -52.25 -0.78
C LEU A 167 18.36 -52.67 -0.65
N GLU A 168 17.73 -52.29 0.44
CA GLU A 168 16.31 -52.54 0.62
C GLU A 168 15.53 -51.67 -0.36
N LEU A 169 14.52 -52.25 -0.99
CA LEU A 169 13.75 -51.51 -1.98
C LEU A 169 12.95 -50.41 -1.28
N PRO A 170 12.63 -49.31 -1.98
CA PRO A 170 11.69 -48.35 -1.40
C PRO A 170 10.27 -48.88 -1.37
N GLN A 171 9.32 -48.07 -0.90
CA GLN A 171 7.94 -48.52 -0.83
C GLN A 171 7.38 -48.78 -2.22
N GLY A 172 7.42 -47.76 -3.08
CA GLY A 172 7.09 -47.95 -4.48
C GLY A 172 8.35 -48.22 -5.28
N PHE A 173 8.20 -48.89 -6.42
CA PHE A 173 9.34 -49.16 -7.28
C PHE A 173 8.83 -49.48 -8.67
N ASN A 174 9.22 -48.68 -9.66
CA ASN A 174 8.86 -48.91 -11.05
C ASN A 174 10.00 -49.51 -11.88
N LYS A 175 11.17 -48.88 -11.87
CA LYS A 175 12.28 -49.38 -12.68
C LYS A 175 13.56 -48.67 -12.26
N VAL A 176 14.67 -49.14 -12.82
CA VAL A 176 16.00 -48.57 -12.60
C VAL A 176 16.33 -47.73 -13.82
N GLU A 177 16.36 -46.41 -13.65
CA GLU A 177 16.50 -45.53 -14.80
C GLU A 177 17.92 -45.56 -15.36
N TYR A 178 18.92 -45.48 -14.49
CA TYR A 178 20.30 -45.33 -14.93
C TYR A 178 21.19 -46.03 -13.91
N PHE A 179 22.33 -46.55 -14.39
CA PHE A 179 23.23 -47.29 -13.51
C PHE A 179 24.63 -47.27 -14.13
N HIS A 180 25.59 -46.75 -13.38
CA HIS A 180 26.99 -46.66 -13.81
C HIS A 180 27.84 -47.43 -12.82
N ARG A 181 28.60 -48.41 -13.31
CA ARG A 181 29.31 -49.35 -12.45
C ARG A 181 30.76 -48.97 -12.19
N GLU A 182 31.34 -48.07 -12.98
CA GLU A 182 32.75 -47.74 -12.86
C GLU A 182 32.93 -46.75 -11.71
N ASP A 183 34.13 -46.18 -11.57
CA ASP A 183 34.57 -45.55 -10.33
C ASP A 183 33.62 -44.49 -9.77
N PRO A 184 33.11 -43.54 -10.56
CA PRO A 184 32.06 -42.67 -9.98
C PRO A 184 30.70 -43.37 -10.04
N LEU A 185 30.49 -44.28 -9.10
CA LEU A 185 29.29 -45.11 -9.12
C LEU A 185 28.07 -44.24 -8.82
N ALA A 186 27.05 -44.38 -9.65
CA ALA A 186 25.80 -43.64 -9.48
C ALA A 186 24.66 -44.53 -9.92
N LEU A 187 23.56 -44.46 -9.18
CA LEU A 187 22.38 -45.27 -9.45
C LEU A 187 21.16 -44.39 -9.33
N VAL A 188 20.23 -44.51 -10.28
CA VAL A 188 18.99 -43.73 -10.28
C VAL A 188 17.82 -44.70 -10.36
N LEU A 189 16.89 -44.56 -9.42
CA LEU A 189 15.69 -45.40 -9.35
C LEU A 189 14.47 -44.53 -9.58
N ASN A 190 13.55 -44.99 -10.42
CA ASN A 190 12.27 -44.31 -10.63
C ASN A 190 11.32 -44.90 -9.59
N VAL A 191 11.25 -44.26 -8.43
CA VAL A 191 10.73 -44.95 -7.25
C VAL A 191 9.20 -45.01 -7.27
N ASN A 192 8.54 -43.87 -7.33
CA ASN A 192 7.11 -43.76 -7.52
C ASN A 192 6.92 -43.37 -8.97
N ASP A 193 5.69 -43.07 -9.38
CA ASP A 193 5.45 -42.75 -10.79
C ASP A 193 6.23 -41.53 -11.25
N THR A 194 6.44 -40.55 -10.37
CA THR A 194 7.05 -39.27 -10.73
C THR A 194 8.28 -38.91 -9.89
N GLN A 195 8.73 -39.78 -9.00
CA GLN A 195 9.85 -39.49 -8.10
C GLN A 195 11.08 -40.28 -8.51
N TYR A 196 12.24 -39.63 -8.45
CA TYR A 196 13.51 -40.24 -8.81
C TYR A 196 14.48 -40.11 -7.65
N MET A 197 15.13 -41.22 -7.29
CA MET A 197 16.05 -41.27 -6.16
C MET A 197 17.44 -41.63 -6.67
N GLY A 198 18.45 -40.90 -6.18
CA GLY A 198 19.81 -41.10 -6.64
C GLY A 198 20.77 -41.47 -5.53
N PHE A 199 21.42 -42.62 -5.71
CA PHE A 199 22.35 -43.21 -4.75
C PHE A 199 23.74 -43.24 -5.34
N SER A 200 24.73 -43.34 -4.45
CA SER A 200 26.13 -43.50 -4.84
C SER A 200 26.81 -44.40 -3.82
N ALA A 201 28.01 -44.86 -4.18
CA ALA A 201 28.78 -45.73 -3.30
C ALA A 201 29.55 -44.93 -2.27
N LEU A 206 25.56 -48.54 -0.35
CA LEU A 206 24.93 -47.43 -1.05
C LEU A 206 24.23 -46.50 -0.07
N ILE A 207 24.49 -45.21 -0.21
CA ILE A 207 23.89 -44.17 0.61
C ILE A 207 23.02 -43.29 -0.31
N PRO A 208 21.84 -42.82 0.12
CA PRO A 208 21.10 -41.89 -0.74
C PRO A 208 21.84 -40.56 -0.84
N VAL A 209 21.90 -40.03 -2.05
CA VAL A 209 22.61 -38.80 -2.34
C VAL A 209 21.67 -37.67 -2.69
N TRP A 210 20.67 -37.92 -3.55
CA TRP A 210 19.71 -36.87 -3.89
C TRP A 210 18.35 -37.49 -4.19
N GLN A 211 17.34 -36.62 -4.23
CA GLN A 211 15.97 -37.03 -4.50
C GLN A 211 15.28 -35.91 -5.26
N ARG A 212 14.52 -36.27 -6.28
CA ARG A 212 13.88 -35.32 -7.18
C ARG A 212 12.44 -35.74 -7.41
N ASP A 213 11.58 -34.75 -7.66
CA ASP A 213 10.16 -34.99 -7.93
C ASP A 213 9.70 -34.02 -9.02
N GLU A 214 9.09 -34.57 -10.08
CA GLU A 214 8.54 -33.77 -11.17
C GLU A 214 7.03 -33.94 -11.27
N TRP A 215 6.34 -33.96 -10.14
CA TRP A 215 4.88 -34.02 -10.16
C TRP A 215 4.25 -32.75 -10.67
N LEU A 216 5.01 -31.66 -10.78
CA LEU A 216 4.49 -30.32 -11.04
C LEU A 216 4.69 -29.87 -12.48
N THR A 217 4.81 -30.82 -13.42
CA THR A 217 5.35 -30.49 -14.73
C THR A 217 4.46 -29.56 -15.55
N ASN A 218 3.17 -29.46 -15.25
CA ASN A 218 2.28 -28.65 -16.07
C ASN A 218 1.10 -28.21 -15.22
N VAL A 219 1.02 -26.91 -14.93
CA VAL A 219 -0.01 -26.36 -14.06
C VAL A 219 -1.13 -25.81 -14.93
N VAL A 220 -2.35 -26.25 -14.68
CA VAL A 220 -3.51 -25.88 -15.47
C VAL A 220 -4.29 -24.74 -14.83
N ASP A 221 -4.59 -24.86 -13.54
CA ASP A 221 -5.38 -23.84 -12.86
C ASP A 221 -4.91 -23.74 -11.41
N TYR A 222 -5.20 -22.60 -10.79
CA TYR A 222 -4.67 -22.25 -9.49
C TYR A 222 -5.78 -21.68 -8.61
N ALA A 223 -5.56 -21.75 -7.30
CA ALA A 223 -6.39 -21.05 -6.33
C ALA A 223 -5.51 -20.68 -5.14
N VAL A 224 -5.86 -19.58 -4.48
CA VAL A 224 -5.02 -18.97 -3.46
C VAL A 224 -5.69 -19.11 -2.10
N LEU A 225 -4.96 -19.68 -1.14
CA LEU A 225 -5.41 -19.83 0.24
C LEU A 225 -4.58 -18.91 1.12
N ASP A 226 -5.24 -18.15 1.97
CA ASP A 226 -4.60 -17.13 2.79
C ASP A 226 -4.45 -17.60 4.23
N VAL A 227 -3.33 -17.23 4.85
CA VAL A 227 -3.04 -17.54 6.25
C VAL A 227 -2.84 -16.23 6.99
N PHE A 228 -3.44 -16.14 8.18
CA PHE A 228 -3.44 -14.90 8.95
C PHE A 228 -3.52 -15.25 10.43
N ASP A 229 -3.38 -14.21 11.27
CA ASP A 229 -3.40 -14.40 12.72
C ASP A 229 -4.76 -14.87 13.19
N SER A 230 -4.77 -15.76 14.18
CA SER A 230 -5.99 -16.30 14.76
C SER A 230 -6.85 -16.98 13.71
N SER A 247 -21.49 -0.65 35.64
CA SER A 247 -21.21 -1.45 34.44
C SER A 247 -19.96 -0.94 33.74
N LEU A 248 -19.91 0.38 33.52
CA LEU A 248 -18.75 0.97 32.87
C LEU A 248 -17.56 1.06 33.82
N TRP A 249 -17.82 1.22 35.11
CA TRP A 249 -16.72 1.28 36.07
C TRP A 249 -15.97 -0.04 36.14
N ASN A 250 -16.69 -1.16 35.95
CA ASN A 250 -16.01 -2.44 35.81
C ASN A 250 -15.13 -2.46 34.57
N ALA A 251 -15.56 -1.79 33.50
CA ALA A 251 -14.73 -1.68 32.31
C ALA A 251 -13.46 -0.90 32.62
N TYR A 252 -13.60 0.21 33.35
CA TYR A 252 -12.43 1.00 33.76
C TYR A 252 -11.47 0.15 34.58
N TRP A 253 -11.99 -0.62 35.54
CA TRP A 253 -11.10 -1.36 36.42
C TRP A 253 -10.42 -2.50 35.68
N LEU A 254 -11.16 -3.23 34.83
CA LEU A 254 -10.53 -4.34 34.13
C LEU A 254 -9.48 -3.82 33.15
N ARG A 255 -9.78 -2.72 32.44
CA ARG A 255 -8.81 -2.17 31.51
C ARG A 255 -7.58 -1.65 32.23
N LEU A 256 -7.77 -0.95 33.35
CA LEU A 256 -6.64 -0.43 34.10
C LEU A 256 -5.80 -1.57 34.65
N THR A 257 -6.44 -2.62 35.17
CA THR A 257 -5.70 -3.71 35.78
C THR A 257 -4.91 -4.48 34.74
N THR A 258 -5.54 -4.80 33.60
CA THR A 258 -4.81 -5.56 32.59
C THR A 258 -3.68 -4.73 31.99
N ASN A 259 -3.91 -3.44 31.72
CA ASN A 259 -2.85 -2.61 31.17
C ASN A 259 -1.71 -2.43 32.17
N TRP A 260 -2.03 -2.19 33.44
CA TRP A 260 -0.99 -1.95 34.42
C TRP A 260 -0.21 -3.22 34.71
N ASN A 261 -0.88 -4.37 34.74
CA ASN A 261 -0.17 -5.63 34.92
C ASN A 261 0.70 -5.94 33.71
N ARG A 262 0.23 -5.63 32.50
CA ARG A 262 1.04 -5.81 31.31
C ARG A 262 2.29 -4.95 31.37
N LEU A 263 2.14 -3.71 31.83
CA LEU A 263 3.31 -2.84 31.99
C LEU A 263 4.25 -3.37 33.07
N ILE A 264 3.70 -3.83 34.19
CA ILE A 264 4.52 -4.30 35.30
C ILE A 264 5.34 -5.52 34.89
N ASN A 265 4.71 -6.45 34.17
CA ASN A 265 5.40 -7.68 33.78
C ASN A 265 6.58 -7.37 32.86
N LEU A 266 6.38 -6.48 31.90
CA LEU A 266 7.44 -6.06 30.99
C LEU A 266 8.30 -4.93 31.54
N LEU A 267 8.14 -4.59 32.83
CA LEU A 267 8.81 -3.41 33.37
C LEU A 267 10.33 -3.59 33.37
N LYS A 268 10.81 -4.79 33.73
CA LYS A 268 12.24 -5.04 33.81
C LYS A 268 12.76 -5.47 32.44
N GLU A 269 14.02 -5.89 32.39
CA GLU A 269 14.73 -6.30 31.18
C GLU A 269 14.53 -5.33 30.01
N PRO A 274 20.84 0.28 28.46
CA PRO A 274 20.09 -0.80 29.11
C PRO A 274 19.01 -1.40 28.20
N GLY A 275 18.39 -2.49 28.65
CA GLY A 275 17.28 -3.06 27.89
C GLY A 275 16.06 -2.17 27.85
N ARG A 276 15.92 -1.27 28.83
CA ARG A 276 14.81 -0.34 28.82
C ARG A 276 14.83 0.56 27.59
N VAL A 277 16.02 1.07 27.24
CA VAL A 277 16.14 1.97 26.10
C VAL A 277 15.87 1.22 24.80
N PHE A 278 16.31 -0.04 24.71
CA PHE A 278 16.07 -0.80 23.50
C PHE A 278 14.61 -1.21 23.38
N THR A 279 13.92 -1.43 24.50
CA THR A 279 12.48 -1.66 24.45
C THR A 279 11.75 -0.40 24.04
N LYS A 280 12.24 0.77 24.45
CA LYS A 280 11.68 2.02 23.97
C LYS A 280 11.99 2.24 22.50
N LEU A 281 13.09 1.66 22.00
CA LEU A 281 13.51 1.91 20.64
C LEU A 281 12.54 1.30 19.62
N LEU A 282 12.08 0.06 19.89
CA LEU A 282 11.17 -0.67 19.01
C LEU A 282 11.76 -0.92 17.62
N ALA A 283 13.07 -0.78 17.45
CA ALA A 283 13.74 -1.07 16.19
C ALA A 283 14.17 -2.52 16.11
N LEU A 284 14.78 -3.03 17.18
CA LEU A 284 15.22 -4.42 17.24
C LEU A 284 14.04 -5.33 17.62
N LYS A 287 15.13 -8.96 14.81
CA LYS A 287 13.71 -9.09 14.52
C LYS A 287 13.45 -10.33 13.66
N ASP A 288 12.29 -10.95 13.87
CA ASP A 288 11.89 -12.10 13.08
C ASP A 288 11.00 -11.64 11.93
N THR A 289 11.36 -12.03 10.71
CA THR A 289 10.64 -11.58 9.53
C THR A 289 9.34 -12.33 9.31
N THR A 290 9.09 -13.42 10.02
CA THR A 290 7.87 -14.19 9.77
C THR A 290 6.63 -13.41 10.18
N VAL A 291 6.70 -12.70 11.32
CA VAL A 291 5.55 -11.90 11.72
C VAL A 291 5.37 -10.70 10.80
N SER A 292 6.49 -10.15 10.30
CA SER A 292 6.38 -9.04 9.36
C SER A 292 5.72 -9.49 8.06
N ASP A 293 6.10 -10.66 7.55
CA ASP A 293 5.49 -11.15 6.33
C ASP A 293 4.04 -11.53 6.54
N LEU A 294 3.71 -12.10 7.70
CA LEU A 294 2.33 -12.49 7.96
C LEU A 294 1.45 -11.26 8.18
N LYS A 295 2.03 -10.16 8.66
CA LYS A 295 1.21 -8.97 8.90
C LYS A 295 0.83 -8.29 7.59
N PHE A 296 1.74 -8.24 6.62
CA PHE A 296 1.49 -7.57 5.35
C PHE A 296 0.75 -8.46 4.36
N GLY A 297 0.42 -9.69 4.71
CA GLY A 297 -0.19 -10.59 3.75
C GLY A 297 0.76 -11.18 2.75
N PHE A 298 2.08 -11.04 2.96
CA PHE A 298 3.04 -11.59 2.03
C PHE A 298 3.00 -13.11 2.03
N ALA A 299 2.80 -13.71 3.20
CA ALA A 299 2.75 -15.16 3.30
C ALA A 299 1.39 -15.67 2.84
N LYS A 300 1.42 -16.68 1.96
CA LYS A 300 0.21 -17.23 1.37
C LYS A 300 0.50 -18.67 0.99
N ILE A 301 -0.56 -19.42 0.73
CA ILE A 301 -0.47 -20.78 0.21
C ILE A 301 -1.10 -20.76 -1.18
N LEU A 302 -0.36 -21.25 -2.17
CA LEU A 302 -0.81 -21.31 -3.55
C LEU A 302 -1.18 -22.74 -3.87
N ILE A 303 -2.45 -22.97 -4.20
CA ILE A 303 -2.97 -24.30 -4.45
C ILE A 303 -3.04 -24.49 -5.96
N VAL A 304 -2.27 -25.44 -6.47
CA VAL A 304 -2.09 -25.65 -7.90
C VAL A 304 -2.62 -27.02 -8.29
N LEU A 305 -3.32 -27.06 -9.42
CA LEU A 305 -3.78 -28.29 -10.05
C LEU A 305 -2.93 -28.52 -11.29
N THR A 306 -2.24 -29.66 -11.35
CA THR A 306 -1.37 -29.93 -12.49
C THR A 306 -2.19 -30.44 -13.67
N HIS A 307 -1.50 -30.81 -14.74
CA HIS A 307 -2.19 -31.30 -15.93
C HIS A 307 -2.68 -32.72 -15.73
N ASP A 308 -1.88 -33.57 -15.08
CA ASP A 308 -2.39 -34.81 -14.54
C ASP A 308 -3.16 -34.49 -13.27
N GLY A 309 -3.68 -35.52 -12.61
CA GLY A 309 -4.46 -35.26 -11.42
C GLY A 309 -3.57 -35.14 -10.21
N PHE A 310 -3.32 -33.91 -9.79
CA PHE A 310 -2.45 -33.66 -8.64
C PHE A 310 -2.76 -32.27 -8.12
N ILE A 311 -3.26 -32.18 -6.89
CA ILE A 311 -3.41 -30.90 -6.20
C ILE A 311 -2.23 -30.77 -5.26
N GLY A 312 -1.71 -29.55 -5.12
CA GLY A 312 -0.67 -29.33 -4.13
C GLY A 312 -0.62 -27.91 -3.66
N GLY A 313 -0.14 -27.73 -2.43
CA GLY A 313 -0.03 -26.42 -1.81
C GLY A 313 1.40 -25.98 -1.65
N LEU A 314 1.75 -24.84 -2.24
CA LEU A 314 3.10 -24.31 -2.23
C LEU A 314 3.15 -23.09 -1.33
N ASP A 315 4.14 -23.07 -0.44
CA ASP A 315 4.31 -21.96 0.50
C ASP A 315 4.89 -20.76 -0.25
N MET A 316 4.13 -19.68 -0.33
CA MET A 316 4.55 -18.53 -1.13
C MET A 316 5.81 -17.88 -0.58
N VAL A 317 6.09 -18.08 0.71
CA VAL A 317 7.38 -17.76 1.29
C VAL A 317 8.07 -19.07 1.64
N ASN A 318 9.34 -18.97 2.04
CA ASN A 318 10.19 -20.13 2.30
C ASN A 318 10.54 -20.88 1.02
N LYS A 319 10.60 -20.16 -0.10
CA LYS A 319 11.11 -20.70 -1.36
C LYS A 319 10.32 -21.92 -1.84
N GLY A 320 9.01 -21.90 -1.60
CA GLY A 320 8.12 -22.88 -2.18
C GLY A 320 8.29 -24.28 -1.65
N GLN A 321 8.47 -24.45 -0.35
CA GLN A 321 8.37 -25.76 0.24
C GLN A 321 6.95 -26.28 0.09
N LEU A 322 6.84 -27.59 -0.11
CA LEU A 322 5.54 -28.21 -0.38
C LEU A 322 4.88 -28.54 0.94
N ILE A 323 3.72 -27.91 1.19
CA ILE A 323 3.02 -28.14 2.45
C ILE A 323 2.26 -29.46 2.40
N TRP A 324 1.46 -29.67 1.36
CA TRP A 324 0.77 -30.93 1.19
C TRP A 324 0.54 -31.19 -0.28
N LYS A 325 0.47 -32.48 -0.63
CA LYS A 325 0.18 -32.94 -1.98
C LYS A 325 -0.91 -34.00 -1.89
N LEU A 326 -1.93 -33.86 -2.72
CA LEU A 326 -2.99 -34.85 -2.85
C LEU A 326 -2.99 -35.36 -4.27
N ASP A 327 -3.04 -36.68 -4.42
CA ASP A 327 -3.09 -37.33 -5.72
C ASP A 327 -4.51 -37.74 -6.01
N LEU A 328 -5.10 -37.13 -7.03
CA LEU A 328 -6.42 -37.53 -7.51
C LEU A 328 -6.27 -38.69 -8.48
N GLU A 329 -7.39 -39.15 -9.02
CA GLU A 329 -7.44 -40.16 -10.06
C GLU A 329 -8.39 -39.73 -11.16
N ILE A 330 -8.26 -38.46 -11.56
CA ILE A 330 -9.13 -37.88 -12.57
C ILE A 330 -8.58 -38.05 -13.98
N ASP A 331 -7.26 -38.20 -14.12
CA ASP A 331 -6.48 -38.45 -15.32
C ASP A 331 -6.32 -37.22 -16.20
N GLN A 332 -6.98 -36.10 -15.89
CA GLN A 332 -6.67 -34.74 -16.31
C GLN A 332 -7.57 -33.82 -15.50
N GLY A 333 -7.04 -32.68 -15.10
CA GLY A 333 -7.82 -31.64 -14.43
C GLY A 333 -8.04 -30.50 -15.40
N VAL A 334 -9.24 -29.91 -15.37
CA VAL A 334 -9.60 -28.86 -16.31
C VAL A 334 -9.79 -27.51 -15.61
N LYS A 335 -10.39 -27.49 -14.42
CA LYS A 335 -10.61 -26.26 -13.68
C LYS A 335 -10.71 -26.55 -12.20
N MET A 336 -10.64 -25.48 -11.41
CA MET A 336 -10.66 -25.55 -9.95
C MET A 336 -11.33 -24.30 -9.42
N PHE A 337 -12.23 -24.47 -8.46
CA PHE A 337 -12.97 -23.36 -7.88
C PHE A 337 -13.11 -23.54 -6.38
N TRP A 338 -13.25 -22.42 -5.68
CA TRP A 338 -13.76 -22.44 -4.31
C TRP A 338 -15.26 -22.63 -4.35
N THR A 339 -15.78 -23.49 -3.47
CA THR A 339 -17.20 -23.79 -3.52
C THR A 339 -18.04 -22.65 -2.97
N ASP A 340 -17.54 -21.98 -1.92
CA ASP A 340 -18.28 -20.90 -1.29
C ASP A 340 -17.30 -19.81 -0.85
N LYS A 341 -17.86 -18.71 -0.35
CA LYS A 341 -17.05 -17.61 0.14
C LYS A 341 -16.21 -17.99 1.35
N ASN A 342 -16.59 -19.06 2.05
CA ASN A 342 -15.90 -19.42 3.29
C ASN A 342 -14.46 -19.87 3.05
N HIS A 343 -14.11 -20.28 1.83
CA HIS A 343 -12.74 -20.65 1.47
C HIS A 343 -12.27 -21.85 2.28
N ASP A 344 -13.10 -22.91 2.27
CA ASP A 344 -12.78 -24.17 2.93
C ASP A 344 -12.80 -25.38 2.02
N GLU A 345 -13.55 -25.33 0.91
CA GLU A 345 -13.77 -26.49 0.06
C GLU A 345 -13.45 -26.14 -1.38
N LEU A 346 -12.98 -27.14 -2.12
CA LEU A 346 -12.67 -27.00 -3.54
C LEU A 346 -13.53 -27.97 -4.35
N VAL A 347 -13.90 -27.54 -5.54
CA VAL A 347 -14.55 -28.39 -6.53
C VAL A 347 -13.64 -28.48 -7.74
N VAL A 348 -13.37 -29.70 -8.20
CA VAL A 348 -12.37 -29.97 -9.22
C VAL A 348 -13.04 -30.74 -10.34
N PHE A 349 -12.96 -30.19 -11.56
CA PHE A 349 -13.55 -30.80 -12.73
C PHE A 349 -12.51 -31.60 -13.50
N SER A 350 -12.92 -32.77 -13.98
CA SER A 350 -12.03 -33.68 -14.70
C SER A 350 -12.30 -33.59 -16.19
N HIS A 351 -11.33 -34.09 -16.96
CA HIS A 351 -11.47 -34.04 -18.41
C HIS A 351 -12.58 -34.97 -18.88
N ASP A 352 -12.64 -36.19 -18.32
CA ASP A 352 -13.60 -37.18 -18.81
C ASP A 352 -15.02 -36.93 -18.33
N GLY A 353 -15.25 -36.00 -17.42
CA GLY A 353 -16.58 -35.56 -17.04
C GLY A 353 -16.90 -35.66 -15.56
N HIS A 354 -16.02 -36.23 -14.74
CA HIS A 354 -16.29 -36.34 -13.31
C HIS A 354 -16.04 -35.01 -12.62
N TYR A 355 -16.65 -34.86 -11.44
CA TYR A 355 -16.34 -33.74 -10.56
C TYR A 355 -16.10 -34.27 -9.15
N LEU A 356 -15.13 -33.65 -8.48
CA LEU A 356 -14.68 -34.03 -7.16
C LEU A 356 -14.87 -32.86 -6.22
N THR A 357 -15.19 -33.16 -4.96
CA THR A 357 -15.27 -32.16 -3.90
C THR A 357 -14.26 -32.52 -2.83
N ILE A 358 -13.37 -31.58 -2.52
CA ILE A 358 -12.22 -31.78 -1.66
C ILE A 358 -12.32 -30.82 -0.48
N GLU A 359 -12.06 -31.34 0.71
CA GLU A 359 -12.04 -30.56 1.95
C GLU A 359 -10.60 -30.15 2.22
N VAL A 360 -10.33 -28.85 2.13
CA VAL A 360 -9.00 -28.32 2.43
C VAL A 360 -8.90 -28.09 3.93
N THR A 361 -7.88 -28.69 4.55
CA THR A 361 -7.63 -28.57 5.98
C THR A 361 -6.17 -28.14 6.15
N LYS A 362 -5.82 -27.77 7.38
CA LYS A 362 -4.42 -27.46 7.69
C LYS A 362 -3.52 -28.67 7.44
N ASP A 363 -4.03 -29.86 7.75
CA ASP A 363 -3.32 -31.11 7.51
C ASP A 363 -3.54 -31.52 6.05
N GLN A 364 -3.13 -32.74 5.71
CA GLN A 364 -3.35 -33.24 4.36
C GLN A 364 -4.85 -33.26 4.06
N PRO A 365 -5.30 -32.77 2.90
CA PRO A 365 -6.74 -32.72 2.65
C PRO A 365 -7.31 -34.12 2.47
N ILE A 366 -8.64 -34.16 2.38
CA ILE A 366 -9.38 -35.39 2.11
C ILE A 366 -10.28 -35.17 0.90
N ILE A 367 -10.31 -36.15 0.00
CA ILE A 367 -11.20 -36.13 -1.15
C ILE A 367 -12.56 -36.62 -0.70
N LYS A 368 -13.44 -35.70 -0.30
CA LYS A 368 -14.68 -36.12 0.35
C LYS A 368 -15.72 -36.65 -0.62
N SER A 369 -15.69 -36.27 -1.89
CA SER A 369 -16.68 -36.78 -2.82
C SER A 369 -16.14 -36.85 -4.25
N ARG A 370 -16.54 -37.89 -4.97
CA ARG A 370 -16.32 -38.03 -6.40
C ARG A 370 -17.64 -38.48 -7.02
N SER A 371 -18.05 -37.84 -8.12
CA SER A 371 -19.26 -38.32 -8.79
C SER A 371 -19.25 -37.81 -10.24
N PRO A 372 -19.97 -38.49 -11.14
CA PRO A 372 -20.03 -38.01 -12.52
C PRO A 372 -20.98 -36.82 -12.67
N LEU A 373 -20.85 -36.15 -13.82
CA LEU A 373 -21.81 -35.15 -14.24
C LEU A 373 -23.08 -35.84 -14.72
N SER A 374 -24.09 -35.04 -15.07
CA SER A 374 -25.31 -35.62 -15.63
C SER A 374 -25.04 -36.28 -16.97
N GLU A 375 -24.26 -35.64 -17.82
CA GLU A 375 -23.91 -36.17 -19.13
C GLU A 375 -22.41 -36.47 -19.15
N ARG A 376 -22.06 -37.71 -19.45
CA ARG A 376 -20.66 -38.15 -19.44
C ARG A 376 -20.06 -37.93 -20.83
N LYS A 377 -19.59 -36.70 -21.04
CA LYS A 377 -18.84 -36.32 -22.23
C LYS A 377 -17.56 -35.61 -21.80
N THR A 378 -16.66 -35.40 -22.75
CA THR A 378 -15.43 -34.71 -22.44
C THR A 378 -15.70 -33.23 -22.21
N VAL A 379 -15.04 -32.67 -21.20
CA VAL A 379 -15.28 -31.31 -20.73
C VAL A 379 -14.24 -30.39 -21.34
N ASP A 380 -14.69 -29.35 -22.03
CA ASP A 380 -13.80 -28.34 -22.59
C ASP A 380 -13.48 -27.24 -21.58
N SER A 381 -14.50 -26.64 -20.98
CA SER A 381 -14.26 -25.53 -20.06
C SER A 381 -15.43 -25.39 -19.10
N VAL A 382 -15.19 -24.62 -18.03
CA VAL A 382 -16.18 -24.37 -16.99
C VAL A 382 -16.15 -22.88 -16.65
N ILE A 383 -17.33 -22.26 -16.58
CA ILE A 383 -17.50 -20.88 -16.17
C ILE A 383 -18.24 -20.85 -14.84
N ARG A 384 -17.70 -20.10 -13.89
CA ARG A 384 -18.37 -19.89 -12.61
C ARG A 384 -19.46 -18.84 -12.78
N LEU A 385 -20.68 -19.20 -12.41
CA LEU A 385 -21.82 -18.28 -12.44
C LEU A 385 -21.87 -17.57 -11.09
N ASN A 386 -22.97 -16.86 -10.82
CA ASN A 386 -23.14 -16.08 -9.60
C ASN A 386 -22.76 -16.88 -8.35
N GLU A 387 -22.10 -16.19 -7.42
CA GLU A 387 -21.50 -16.87 -6.26
C GLU A 387 -22.58 -17.53 -5.39
N HIS A 388 -23.65 -16.81 -5.10
CA HIS A 388 -24.60 -17.27 -4.09
C HIS A 388 -25.49 -18.38 -4.61
N ASP A 389 -25.77 -18.41 -5.91
CA ASP A 389 -26.62 -19.46 -6.46
C ASP A 389 -25.87 -20.77 -6.71
N HIS A 390 -24.54 -20.76 -6.66
CA HIS A 390 -23.73 -21.98 -6.78
C HIS A 390 -23.98 -22.69 -8.10
N GLN A 391 -23.93 -21.93 -9.19
CA GLN A 391 -24.13 -22.45 -10.53
C GLN A 391 -22.83 -22.44 -11.31
N TYR A 392 -22.74 -23.35 -12.29
CA TYR A 392 -21.61 -23.42 -13.20
C TYR A 392 -22.14 -23.74 -14.59
N LEU A 393 -21.56 -23.13 -15.61
CA LEU A 393 -21.88 -23.46 -17.00
C LEU A 393 -20.72 -24.25 -17.57
N ILE A 394 -20.99 -25.47 -18.02
CA ILE A 394 -19.97 -26.42 -18.46
C ILE A 394 -20.09 -26.56 -19.97
N LYS A 395 -19.01 -26.27 -20.68
CA LYS A 395 -18.94 -26.42 -22.13
C LYS A 395 -18.20 -27.72 -22.43
N PHE A 396 -18.93 -28.70 -22.95
CA PHE A 396 -18.34 -29.93 -23.46
C PHE A 396 -17.83 -29.70 -24.87
N GLU A 397 -16.66 -30.30 -25.17
CA GLU A 397 -16.28 -30.53 -26.55
C GLU A 397 -17.39 -31.29 -27.25
N ASP A 398 -17.56 -31.02 -28.54
CA ASP A 398 -18.80 -31.11 -29.32
C ASP A 398 -19.65 -29.87 -29.01
N LYS A 399 -19.17 -28.94 -28.17
CA LYS A 399 -19.77 -27.62 -28.03
C LYS A 399 -21.19 -27.69 -27.49
N ASP A 400 -21.37 -28.42 -26.38
CA ASP A 400 -22.67 -28.55 -25.73
C ASP A 400 -22.59 -27.96 -24.33
N HIS A 401 -23.59 -27.16 -23.99
CA HIS A 401 -23.58 -26.40 -22.73
C HIS A 401 -24.53 -27.04 -21.74
N LEU A 402 -24.04 -27.22 -20.51
CA LEU A 402 -24.81 -27.80 -19.42
C LEU A 402 -24.79 -26.84 -18.25
N LEU A 403 -25.96 -26.43 -17.78
CA LEU A 403 -26.06 -25.71 -16.52
C LEU A 403 -25.99 -26.73 -15.38
N PHE A 404 -25.24 -26.37 -14.33
CA PHE A 404 -24.92 -27.29 -13.25
C PHE A 404 -25.12 -26.59 -11.93
N LYS A 405 -25.87 -27.22 -11.03
CA LYS A 405 -26.17 -26.67 -9.71
C LYS A 405 -25.79 -27.76 -8.72
N LEU A 406 -24.62 -27.61 -8.09
CA LEU A 406 -24.03 -28.76 -7.39
C LEU A 406 -24.67 -28.99 -6.03
N ASN A 407 -24.65 -27.99 -5.16
CA ASN A 407 -25.03 -28.17 -3.76
C ASN A 407 -25.07 -26.80 -3.09
N PRO A 408 -25.58 -26.71 -1.85
CA PRO A 408 -25.41 -25.47 -1.08
C PRO A 408 -23.96 -25.19 -0.68
N GLY A 409 -23.02 -26.09 -0.95
CA GLY A 409 -21.62 -25.86 -0.65
C GLY A 409 -21.17 -26.38 0.70
N LYS A 410 -21.95 -27.24 1.34
CA LYS A 410 -21.60 -27.78 2.65
C LYS A 410 -20.89 -29.13 2.52
N SER A 423 -36.55 -7.95 -14.83
CA SER A 423 -36.10 -9.32 -14.58
C SER A 423 -34.59 -9.36 -14.42
N SER A 424 -34.11 -10.19 -13.49
CA SER A 424 -32.68 -10.31 -13.21
C SER A 424 -32.08 -11.34 -14.17
N HIS A 425 -31.77 -10.88 -15.37
CA HIS A 425 -31.12 -11.73 -16.35
C HIS A 425 -29.68 -12.00 -15.96
N ILE A 426 -29.17 -13.15 -16.38
CA ILE A 426 -27.76 -13.49 -16.30
C ILE A 426 -27.25 -13.72 -17.71
N PHE A 427 -26.14 -13.08 -18.05
CA PHE A 427 -25.58 -13.11 -19.40
C PHE A 427 -24.19 -13.74 -19.35
N VAL A 428 -23.87 -14.52 -20.38
CA VAL A 428 -22.59 -15.20 -20.50
C VAL A 428 -21.99 -14.85 -21.85
N THR A 429 -20.68 -15.02 -21.97
CA THR A 429 -19.98 -14.76 -23.22
C THR A 429 -18.90 -15.83 -23.42
N GLU A 430 -18.99 -16.53 -24.54
CA GLU A 430 -18.00 -17.52 -24.97
C GLU A 430 -17.32 -17.03 -26.23
N HIS A 431 -16.04 -17.36 -26.37
CA HIS A 431 -15.28 -17.04 -27.57
C HIS A 431 -14.55 -18.27 -28.08
N ASP A 432 -14.42 -18.34 -29.40
CA ASP A 432 -13.68 -19.39 -30.10
C ASP A 432 -12.76 -18.71 -31.10
N THR A 433 -11.96 -19.51 -31.80
CA THR A 433 -11.23 -18.97 -32.94
C THR A 433 -12.15 -18.57 -34.10
N ASN A 434 -13.42 -18.97 -34.07
CA ASN A 434 -14.37 -18.62 -35.12
C ASN A 434 -15.16 -17.36 -34.80
N GLY A 435 -15.33 -16.99 -33.53
CA GLY A 435 -16.01 -15.76 -33.20
C GLY A 435 -16.50 -15.76 -31.76
N ILE A 436 -17.21 -14.68 -31.44
CA ILE A 436 -17.74 -14.44 -30.09
C ILE A 436 -19.24 -14.67 -30.13
N TYR A 437 -19.77 -15.40 -29.14
CA TYR A 437 -21.10 -15.97 -29.24
C TYR A 437 -22.12 -15.40 -28.26
N GLY A 438 -21.86 -15.39 -26.97
CA GLY A 438 -22.84 -14.84 -26.05
C GLY A 438 -24.00 -15.77 -25.78
N TYR A 439 -24.53 -15.76 -24.55
CA TYR A 439 -25.64 -16.61 -24.14
C TYR A 439 -26.42 -15.91 -23.05
N ILE A 440 -27.68 -16.32 -22.87
CA ILE A 440 -28.53 -15.82 -21.79
C ILE A 440 -29.05 -17.01 -20.99
N ILE A 441 -28.96 -16.92 -19.66
CA ILE A 441 -29.39 -17.97 -18.75
C ILE A 441 -30.71 -17.52 -18.13
N GLU A 442 -31.79 -18.19 -18.50
CA GLU A 442 -33.13 -17.86 -18.03
C GLU A 442 -33.84 -19.14 -17.63
N ASN A 443 -34.44 -19.13 -16.43
CA ASN A 443 -35.26 -20.24 -15.96
C ASN A 443 -34.46 -21.54 -15.95
N ASP A 444 -33.20 -21.46 -15.53
CA ASP A 444 -32.30 -22.60 -15.46
C ASP A 444 -32.13 -23.26 -16.83
N THR A 445 -32.16 -22.47 -17.90
CA THR A 445 -31.86 -22.95 -19.23
C THR A 445 -30.98 -21.93 -19.94
N VAL A 446 -30.18 -22.41 -20.89
CA VAL A 446 -29.28 -21.56 -21.67
C VAL A 446 -29.89 -21.33 -23.04
N LYS A 447 -29.76 -20.12 -23.56
CA LYS A 447 -30.32 -19.76 -24.85
C LYS A 447 -29.31 -18.93 -25.63
N GLN A 448 -29.09 -19.30 -26.90
CA GLN A 448 -28.24 -18.51 -27.77
C GLN A 448 -28.91 -17.17 -28.04
N THR A 449 -28.12 -16.09 -28.00
CA THR A 449 -28.65 -14.75 -28.09
C THR A 449 -28.17 -14.01 -29.35
N TRP A 450 -26.87 -14.00 -29.64
CA TRP A 450 -26.39 -13.46 -30.91
C TRP A 450 -25.13 -14.21 -31.32
N LYS A 451 -24.52 -13.80 -32.42
CA LYS A 451 -23.29 -14.39 -32.91
C LYS A 451 -22.51 -13.33 -33.68
N LYS A 452 -21.19 -13.34 -33.53
CA LYS A 452 -20.29 -12.51 -34.34
C LYS A 452 -19.21 -13.45 -34.88
N ALA A 453 -19.46 -14.06 -36.03
CA ALA A 453 -18.58 -15.05 -36.61
C ALA A 453 -17.72 -14.45 -37.71
N VAL A 454 -16.47 -14.89 -37.78
CA VAL A 454 -15.51 -14.40 -38.76
C VAL A 454 -15.72 -15.11 -40.10
N ASN A 455 -15.12 -14.58 -41.16
CA ASN A 455 -15.27 -15.14 -42.50
C ASN A 455 -14.42 -16.39 -42.63
N SER A 456 -14.36 -16.94 -43.84
CA SER A 456 -13.60 -18.17 -44.07
C SER A 456 -12.10 -17.94 -43.91
N LYS A 457 -11.61 -16.74 -44.21
CA LYS A 457 -10.18 -16.45 -44.20
C LYS A 457 -9.74 -15.64 -42.98
N GLU A 458 -10.67 -15.16 -42.17
CA GLU A 458 -10.34 -14.48 -40.92
C GLU A 458 -10.29 -15.50 -39.79
N LYS A 459 -9.57 -15.14 -38.73
CA LYS A 459 -9.43 -16.01 -37.57
C LYS A 459 -9.16 -15.15 -36.35
N MET A 460 -10.02 -15.23 -35.35
CA MET A 460 -9.83 -14.45 -34.13
C MET A 460 -8.65 -15.00 -33.36
N VAL A 461 -7.80 -14.10 -32.86
CA VAL A 461 -6.50 -14.47 -32.30
C VAL A 461 -6.40 -14.12 -30.81
N ALA A 462 -6.88 -12.95 -30.42
CA ALA A 462 -6.79 -12.48 -29.04
C ALA A 462 -8.14 -11.92 -28.60
N TYR A 463 -8.49 -12.18 -27.33
CA TYR A 463 -9.75 -11.72 -26.76
C TYR A 463 -9.52 -11.43 -25.29
N SER A 464 -10.19 -10.40 -24.78
CA SER A 464 -10.08 -10.09 -23.35
C SER A 464 -11.33 -9.38 -22.87
N LYS A 465 -11.63 -9.59 -21.59
CA LYS A 465 -12.78 -9.03 -20.90
C LYS A 465 -12.36 -7.88 -20.00
N ARG A 466 -13.34 -7.08 -19.60
CA ARG A 466 -13.09 -5.96 -18.69
C ARG A 466 -13.08 -6.47 -17.26
N GLU A 467 -11.90 -6.45 -16.64
CA GLU A 467 -11.81 -6.89 -15.25
C GLU A 467 -12.48 -5.85 -14.34
N THR A 468 -13.22 -6.33 -13.35
CA THR A 468 -13.83 -5.43 -12.38
C THR A 468 -12.73 -4.74 -11.57
N THR A 469 -12.91 -3.43 -11.36
CA THR A 469 -11.89 -2.62 -10.72
C THR A 469 -12.55 -1.64 -9.75
N ASN A 470 -11.95 -1.50 -8.57
CA ASN A 470 -12.42 -0.54 -7.60
C ASN A 470 -12.25 0.88 -8.14
N LEU A 471 -13.29 1.70 -7.99
CA LEU A 471 -13.32 3.04 -8.57
C LEU A 471 -12.78 4.03 -7.56
N ASN A 472 -11.62 4.61 -7.87
CA ASN A 472 -10.95 5.57 -7.01
C ASN A 472 -11.19 7.01 -7.44
N THR A 473 -11.06 7.31 -8.73
CA THR A 473 -11.28 8.63 -9.27
C THR A 473 -12.12 8.52 -10.53
N LEU A 474 -13.08 9.42 -10.67
CA LEU A 474 -14.05 9.34 -11.76
C LEU A 474 -13.56 9.98 -13.05
N GLY A 475 -12.51 10.80 -13.00
CA GLY A 475 -12.02 11.45 -14.21
C GLY A 475 -10.58 11.85 -14.06
N ILE A 476 -9.87 11.85 -15.18
CA ILE A 476 -8.49 12.33 -15.22
C ILE A 476 -8.51 13.85 -15.35
N THR A 477 -7.72 14.52 -14.54
CA THR A 477 -7.76 15.97 -14.40
C THR A 477 -6.54 16.60 -15.08
N LEU A 478 -6.79 17.69 -15.80
CA LEU A 478 -5.78 18.35 -16.60
C LEU A 478 -5.15 19.50 -15.83
N GLY A 479 -4.01 19.97 -16.33
CA GLY A 479 -3.56 21.31 -15.96
C GLY A 479 -4.55 22.33 -16.48
N ASP A 480 -4.77 23.37 -15.68
CA ASP A 480 -5.88 24.33 -15.67
C ASP A 480 -7.14 23.71 -15.08
N LYS A 481 -7.02 22.56 -14.42
CA LYS A 481 -8.05 21.92 -13.60
C LYS A 481 -9.38 21.79 -14.34
N SER A 482 -9.31 21.13 -15.51
CA SER A 482 -10.44 20.58 -16.22
C SER A 482 -10.30 19.06 -16.26
N VAL A 483 -11.42 18.35 -16.36
CA VAL A 483 -11.47 16.91 -16.16
C VAL A 483 -12.19 16.25 -17.33
N LEU A 484 -11.63 15.15 -17.84
CA LEU A 484 -12.10 14.51 -19.07
C LEU A 484 -13.18 13.45 -18.87
N TYR A 485 -13.45 12.99 -17.65
CA TYR A 485 -14.55 12.07 -17.38
C TYR A 485 -14.41 10.77 -18.18
N LYS A 486 -13.35 10.03 -17.83
CA LYS A 486 -13.05 8.74 -18.47
C LYS A 486 -14.28 7.84 -18.55
N TYR A 487 -14.32 7.03 -19.62
CA TYR A 487 -15.48 6.21 -19.93
C TYR A 487 -15.45 4.93 -19.11
N LEU A 488 -16.49 4.74 -18.30
CA LEU A 488 -16.59 3.60 -17.37
C LEU A 488 -17.95 2.94 -17.60
N TYR A 489 -17.99 2.00 -18.52
CA TYR A 489 -19.15 1.16 -18.76
C TYR A 489 -18.71 -0.29 -18.61
N PRO A 490 -19.36 -1.10 -17.77
CA PRO A 490 -18.70 -2.34 -17.33
C PRO A 490 -18.75 -3.49 -18.33
N ASN A 491 -19.74 -3.52 -19.20
CA ASN A 491 -20.00 -4.69 -20.05
C ASN A 491 -19.35 -4.51 -21.42
N LEU A 492 -18.02 -4.62 -21.44
CA LEU A 492 -17.23 -4.47 -22.66
C LEU A 492 -16.28 -5.65 -22.82
N ALA A 493 -15.96 -5.97 -24.08
CA ALA A 493 -14.93 -6.94 -24.39
C ALA A 493 -14.16 -6.44 -25.61
N ALA A 494 -12.90 -6.84 -25.74
CA ALA A 494 -12.05 -6.42 -26.83
C ALA A 494 -11.46 -7.64 -27.52
N TYR A 495 -11.31 -7.58 -28.84
CA TYR A 495 -10.71 -8.71 -29.53
C TYR A 495 -10.08 -8.28 -30.85
N LEU A 496 -9.23 -9.17 -31.36
CA LEU A 496 -8.43 -8.95 -32.57
C LEU A 496 -8.83 -9.96 -33.63
N ILE A 497 -9.05 -9.49 -34.85
CA ILE A 497 -9.32 -10.34 -36.01
C ILE A 497 -8.14 -10.22 -36.96
N ALA A 498 -7.52 -11.35 -37.29
CA ALA A 498 -6.38 -11.40 -38.20
C ALA A 498 -6.87 -11.90 -39.55
N ASN A 499 -6.72 -11.07 -40.58
CA ASN A 499 -7.26 -11.35 -41.91
C ASN A 499 -6.13 -11.53 -42.91
N GLU A 500 -6.06 -12.72 -43.49
CA GLU A 500 -5.37 -12.93 -44.74
C GLU A 500 -6.27 -12.51 -45.90
N GLU A 501 -5.67 -12.41 -47.09
CA GLU A 501 -6.29 -11.90 -48.32
C GLU A 501 -6.41 -10.37 -48.29
N HIS A 502 -6.09 -9.74 -47.16
CA HIS A 502 -5.73 -8.34 -47.13
C HIS A 502 -4.51 -8.08 -46.26
N HIS A 503 -4.06 -9.05 -45.47
CA HIS A 503 -2.95 -8.88 -44.53
C HIS A 503 -3.19 -7.72 -43.58
N THR A 504 -4.27 -7.84 -42.79
CA THR A 504 -4.66 -6.78 -41.86
C THR A 504 -4.97 -7.35 -40.49
N ILE A 505 -4.81 -6.50 -39.47
CA ILE A 505 -5.23 -6.82 -38.11
C ILE A 505 -6.26 -5.78 -37.69
N THR A 506 -7.45 -6.24 -37.31
CA THR A 506 -8.53 -5.36 -36.89
C THR A 506 -8.78 -5.50 -35.40
N PHE A 507 -8.97 -4.37 -34.73
CA PHE A 507 -9.31 -4.31 -33.31
C PHE A 507 -10.76 -3.90 -33.17
N ASN A 508 -11.53 -4.64 -32.37
CA ASN A 508 -12.95 -4.39 -32.12
C ASN A 508 -13.23 -4.36 -30.63
N LEU A 509 -14.09 -3.43 -30.20
CA LEU A 509 -14.48 -3.24 -28.81
C LEU A 509 -15.97 -3.49 -28.67
N ILE A 510 -16.35 -4.73 -28.48
CA ILE A 510 -17.75 -5.13 -28.56
C ILE A 510 -18.45 -4.87 -27.23
N ASP A 511 -19.71 -4.46 -27.33
CA ASP A 511 -20.65 -4.36 -26.19
C ASP A 511 -21.34 -5.70 -26.03
N THR A 512 -21.07 -6.39 -24.93
CA THR A 512 -21.35 -7.82 -24.85
C THR A 512 -22.79 -8.15 -24.49
N ILE A 513 -23.57 -7.20 -23.99
CA ILE A 513 -24.97 -7.51 -23.69
C ILE A 513 -25.81 -7.54 -24.96
N THR A 514 -25.64 -6.55 -25.82
CA THR A 514 -26.41 -6.41 -27.05
C THR A 514 -25.67 -6.93 -28.27
N GLY A 515 -24.42 -6.48 -28.46
CA GLY A 515 -23.59 -6.96 -29.55
C GLY A 515 -23.21 -5.87 -30.52
N GLU A 516 -23.19 -4.62 -30.07
CA GLU A 516 -22.73 -3.52 -30.91
C GLU A 516 -21.21 -3.48 -30.90
N ILE A 517 -20.64 -2.97 -31.98
CA ILE A 517 -19.19 -2.99 -32.16
C ILE A 517 -18.54 -1.75 -31.56
N LEU A 518 -18.99 -0.56 -31.93
CA LEU A 518 -18.66 0.71 -31.31
C LEU A 518 -17.24 1.23 -31.58
N ILE A 519 -16.37 0.39 -32.15
CA ILE A 519 -15.02 0.77 -32.58
C ILE A 519 -14.57 -0.29 -33.56
N THR A 520 -13.95 0.13 -34.64
CA THR A 520 -13.14 -0.75 -35.47
C THR A 520 -11.88 -0.01 -35.84
N GLN A 521 -10.76 -0.72 -35.86
CA GLN A 521 -9.48 -0.06 -36.13
C GLN A 521 -8.54 -1.06 -36.76
N GLU A 522 -8.20 -0.86 -38.03
CA GLU A 522 -7.43 -1.83 -38.79
C GLU A 522 -6.03 -1.32 -39.07
N HIS A 523 -5.06 -2.22 -38.98
CA HIS A 523 -3.67 -1.95 -39.32
C HIS A 523 -3.31 -2.77 -40.54
N LYS A 524 -2.66 -2.13 -41.52
CA LYS A 524 -2.08 -2.79 -42.69
C LYS A 524 -0.62 -2.34 -42.74
N ASP A 525 0.24 -3.07 -42.04
CA ASP A 525 1.68 -2.84 -42.07
C ASP A 525 2.39 -4.19 -42.17
N SER A 526 1.87 -5.06 -43.03
CA SER A 526 2.40 -6.40 -43.24
C SER A 526 2.59 -7.19 -41.95
N PRO A 527 1.53 -7.42 -41.16
CA PRO A 527 1.69 -8.26 -39.98
C PRO A 527 2.06 -9.68 -40.37
N ASP A 528 2.70 -10.39 -39.45
CA ASP A 528 3.31 -11.67 -39.76
C ASP A 528 2.38 -12.86 -39.52
N PHE A 529 1.66 -12.88 -38.41
CA PHE A 529 0.69 -13.91 -38.00
C PHE A 529 1.34 -15.21 -37.55
N ARG A 530 2.66 -15.34 -37.62
CA ARG A 530 3.37 -16.49 -37.06
C ARG A 530 3.97 -16.21 -35.70
N PHE A 531 4.04 -14.94 -35.29
CA PHE A 531 4.60 -14.51 -34.02
C PHE A 531 3.48 -14.13 -33.06
N PRO A 532 3.65 -14.33 -31.76
CA PRO A 532 2.50 -14.29 -30.84
C PRO A 532 1.86 -12.92 -30.77
N MET A 533 0.54 -12.93 -30.59
CA MET A 533 -0.30 -11.75 -30.56
C MET A 533 -1.10 -11.76 -29.27
N ASP A 534 -1.35 -10.59 -28.69
CA ASP A 534 -2.04 -10.59 -27.41
C ASP A 534 -2.75 -9.27 -27.17
N ILE A 535 -3.71 -9.29 -26.24
CA ILE A 535 -4.51 -8.13 -25.87
C ILE A 535 -4.77 -8.18 -24.37
N VAL A 536 -4.80 -7.00 -23.74
CA VAL A 536 -5.24 -6.86 -22.37
C VAL A 536 -6.13 -5.64 -22.27
N PHE A 537 -7.10 -5.71 -21.35
CA PHE A 537 -8.14 -4.70 -21.20
C PHE A 537 -8.03 -4.16 -19.78
N GLY A 538 -7.85 -2.86 -19.64
CA GLY A 538 -7.68 -2.24 -18.34
C GLY A 538 -8.98 -1.74 -17.76
N GLU A 539 -8.89 -0.73 -16.90
CA GLU A 539 -10.08 -0.11 -16.36
C GLU A 539 -10.84 0.67 -17.44
N TYR A 540 -10.14 1.53 -18.18
CA TYR A 540 -10.73 2.30 -19.25
C TYR A 540 -9.84 2.39 -20.49
N TRP A 541 -8.92 1.45 -20.68
CA TRP A 541 -8.01 1.46 -21.81
C TRP A 541 -7.74 0.03 -22.25
N VAL A 542 -7.23 -0.11 -23.48
CA VAL A 542 -6.90 -1.40 -24.06
C VAL A 542 -5.49 -1.31 -24.62
N VAL A 543 -4.71 -2.37 -24.44
CA VAL A 543 -3.35 -2.44 -24.98
C VAL A 543 -3.17 -3.79 -25.64
N TYR A 544 -2.75 -3.79 -26.91
CA TYR A 544 -2.51 -5.04 -27.62
C TYR A 544 -1.18 -5.00 -28.35
N SER A 545 -0.65 -6.20 -28.61
CA SER A 545 0.70 -6.37 -29.12
C SER A 545 0.71 -7.35 -30.28
N TYR A 546 1.49 -7.02 -31.30
CA TYR A 546 1.66 -7.87 -32.48
C TYR A 546 2.95 -7.50 -33.18
N PHE A 547 3.42 -8.38 -34.06
CA PHE A 547 4.65 -8.17 -34.79
C PHE A 547 4.34 -7.59 -36.16
N SER A 548 5.27 -6.80 -36.69
CA SER A 548 5.02 -6.11 -37.95
C SER A 548 6.34 -5.65 -38.57
N SER A 549 6.29 -5.49 -39.89
CA SER A 549 7.47 -5.35 -40.74
C SER A 549 7.65 -3.98 -41.36
N GLU A 550 6.58 -3.23 -41.64
CA GLU A 550 6.71 -2.11 -42.58
C GLU A 550 7.54 -0.95 -42.00
N PRO A 551 7.14 -0.31 -40.90
CA PRO A 551 7.98 0.82 -40.43
C PRO A 551 9.39 0.37 -40.05
N VAL A 552 9.48 -0.64 -39.18
CA VAL A 552 10.72 -1.38 -38.93
C VAL A 552 10.27 -2.78 -38.51
N PRO A 553 11.06 -3.83 -38.74
CA PRO A 553 10.59 -5.18 -38.36
C PRO A 553 10.77 -5.48 -36.87
N GLU A 554 9.81 -5.01 -36.08
CA GLU A 554 9.99 -4.99 -34.62
C GLU A 554 8.64 -5.16 -33.94
N GLN A 555 8.66 -5.63 -32.69
CA GLN A 555 7.42 -5.88 -31.98
C GLN A 555 6.72 -4.53 -31.79
N LYS A 556 5.38 -4.54 -31.80
CA LYS A 556 4.64 -3.30 -31.76
C LYS A 556 3.52 -3.41 -30.73
N LEU A 557 3.40 -2.36 -29.92
CA LEU A 557 2.32 -2.20 -28.96
C LEU A 557 1.40 -1.09 -29.46
N VAL A 558 0.12 -1.21 -29.16
CA VAL A 558 -0.86 -0.18 -29.50
C VAL A 558 -1.77 -0.01 -28.31
N VAL A 559 -2.00 1.24 -27.91
CA VAL A 559 -2.81 1.58 -26.74
C VAL A 559 -3.93 2.51 -27.18
N VAL A 560 -5.16 2.20 -26.78
CA VAL A 560 -6.31 3.08 -26.98
C VAL A 560 -6.91 3.39 -25.63
N GLU A 561 -7.31 4.64 -25.44
CA GLU A 561 -7.90 5.11 -24.20
C GLU A 561 -9.26 5.70 -24.52
N LEU A 562 -10.24 5.39 -23.67
CA LEU A 562 -11.65 5.66 -23.90
C LEU A 562 -12.13 6.75 -22.95
N TYR A 563 -12.79 7.78 -23.51
CA TYR A 563 -13.33 8.89 -22.76
C TYR A 563 -14.77 9.14 -23.16
N GLU A 564 -15.54 9.70 -22.22
CA GLU A 564 -16.94 10.00 -22.49
C GLU A 564 -17.07 11.13 -23.51
N SER A 565 -16.18 12.09 -23.48
CA SER A 565 -16.15 13.15 -24.48
C SER A 565 -14.82 13.86 -24.40
N LEU A 566 -14.27 14.22 -25.55
CA LEU A 566 -12.93 14.77 -25.62
C LEU A 566 -12.86 16.27 -25.31
N THR A 567 -13.99 16.97 -25.32
CA THR A 567 -13.98 18.36 -24.89
C THR A 567 -13.64 18.42 -23.40
N PRO A 568 -12.81 19.37 -22.97
CA PRO A 568 -12.08 19.19 -21.71
C PRO A 568 -12.96 19.10 -20.47
N ASP A 569 -14.19 19.58 -20.51
CA ASP A 569 -15.11 19.48 -19.36
C ASP A 569 -16.50 19.19 -19.91
N GLU A 570 -16.87 17.92 -19.97
CA GLU A 570 -18.17 17.54 -20.48
C GLU A 570 -18.55 16.15 -19.98
N ARG A 571 -19.77 16.03 -19.49
CA ARG A 571 -20.46 14.75 -19.38
C ARG A 571 -21.58 14.82 -20.41
N LEU A 572 -21.27 14.43 -21.65
CA LEU A 572 -22.28 14.40 -22.70
C LEU A 572 -23.43 13.50 -22.34
N SER A 573 -23.16 12.48 -21.53
CA SER A 573 -24.10 11.50 -21.06
C SER A 573 -23.60 11.09 -19.68
N ASN A 574 -24.06 9.93 -19.19
CA ASN A 574 -23.73 9.47 -17.85
C ASN A 574 -24.44 10.34 -16.81
N SER A 575 -25.70 10.66 -17.09
CA SER A 575 -26.56 11.33 -16.12
C SER A 575 -26.70 10.44 -14.89
N SER A 576 -26.18 10.91 -13.76
CA SER A 576 -25.95 10.07 -12.60
C SER A 576 -26.95 10.28 -11.47
N ASP A 577 -27.97 11.12 -11.64
CA ASP A 577 -28.78 11.48 -10.48
C ASP A 577 -29.79 10.40 -10.12
N ASN A 578 -30.72 10.09 -11.04
CA ASN A 578 -31.72 9.05 -10.78
C ASN A 578 -32.04 8.19 -12.00
N PHE A 579 -31.14 8.07 -12.98
CA PHE A 579 -31.62 7.66 -14.30
C PHE A 579 -31.90 6.16 -14.37
N SER A 580 -31.10 5.33 -13.69
CA SER A 580 -31.31 3.87 -13.70
C SER A 580 -31.24 3.31 -15.13
N TYR A 581 -30.04 3.43 -15.71
CA TYR A 581 -29.79 3.02 -17.09
C TYR A 581 -30.27 1.59 -17.35
N ASP A 582 -30.68 1.37 -18.60
CA ASP A 582 -31.14 0.06 -19.08
C ASP A 582 -30.27 -0.38 -20.25
N PRO A 583 -29.24 -1.20 -20.05
CA PRO A 583 -28.33 -1.48 -21.17
C PRO A 583 -28.91 -2.38 -22.24
N LEU A 584 -29.90 -3.22 -21.91
CA LEU A 584 -30.39 -4.17 -22.89
C LEU A 584 -31.22 -3.49 -23.98
N THR A 585 -31.76 -2.31 -23.73
CA THR A 585 -32.40 -1.55 -24.80
C THR A 585 -31.37 -1.03 -25.78
N GLY A 586 -30.19 -0.65 -25.29
CA GLY A 586 -29.17 -0.02 -26.10
C GLY A 586 -29.09 1.48 -25.93
N HIS A 587 -29.67 2.02 -24.87
CA HIS A 587 -29.75 3.46 -24.64
C HIS A 587 -28.44 4.06 -24.14
N ILE A 588 -27.41 3.24 -23.91
CA ILE A 588 -26.23 3.72 -23.21
C ILE A 588 -25.48 4.75 -24.05
N ASN A 589 -24.61 5.49 -23.39
CA ASN A 589 -23.71 6.40 -24.07
C ASN A 589 -22.61 5.64 -24.79
N LYS A 590 -22.11 6.24 -25.88
CA LYS A 590 -21.09 5.62 -26.72
C LYS A 590 -19.75 6.34 -26.54
N PRO A 591 -18.62 5.65 -26.71
CA PRO A 591 -17.34 6.22 -26.33
C PRO A 591 -16.71 7.09 -27.41
N GLN A 592 -15.69 7.83 -27.00
CA GLN A 592 -14.72 8.43 -27.91
C GLN A 592 -13.36 7.94 -27.45
N PHE A 593 -12.38 7.96 -28.35
CA PHE A 593 -11.13 7.27 -28.07
C PHE A 593 -9.95 8.01 -28.66
N GLN A 594 -8.77 7.76 -28.07
CA GLN A 594 -7.51 8.27 -28.57
C GLN A 594 -6.47 7.16 -28.51
N THR A 595 -5.67 7.05 -29.58
CA THR A 595 -4.86 5.87 -29.84
C THR A 595 -3.43 6.24 -30.20
N LYS A 596 -2.49 5.41 -29.78
CA LYS A 596 -1.08 5.58 -30.12
C LYS A 596 -0.43 4.22 -30.30
N GLN A 597 0.73 4.22 -30.95
CA GLN A 597 1.51 3.01 -31.23
C GLN A 597 2.95 3.21 -30.79
N PHE A 598 3.55 2.15 -30.25
CA PHE A 598 4.93 2.14 -29.78
C PHE A 598 5.65 0.92 -30.35
N ILE A 599 6.97 1.02 -30.41
CA ILE A 599 7.83 -0.02 -30.95
C ILE A 599 8.65 -0.60 -29.82
N PHE A 600 8.67 -1.94 -29.73
CA PHE A 600 9.39 -2.69 -28.71
C PHE A 600 10.43 -3.60 -29.37
N PRO A 601 11.59 -3.81 -28.73
CA PRO A 601 12.64 -4.61 -29.40
C PRO A 601 12.32 -6.08 -29.53
N GLU A 602 11.78 -6.70 -28.47
CA GLU A 602 11.76 -8.15 -28.32
C GLU A 602 10.34 -8.68 -28.39
N ILE A 603 10.23 -9.94 -28.77
CA ILE A 603 8.94 -10.56 -29.06
C ILE A 603 8.25 -10.91 -27.76
N ILE A 604 7.04 -10.39 -27.57
CA ILE A 604 6.30 -10.51 -26.32
C ILE A 604 5.37 -11.71 -26.45
N LYS A 605 5.62 -12.74 -25.63
CA LYS A 605 4.81 -13.95 -25.71
C LYS A 605 3.43 -13.75 -25.09
N THR A 606 3.35 -13.06 -23.95
CA THR A 606 2.05 -12.86 -23.32
C THR A 606 2.10 -11.68 -22.37
N MET A 607 0.91 -11.23 -21.95
CA MET A 607 0.74 -9.98 -21.23
C MET A 607 -0.29 -10.14 -20.12
N SER A 608 -0.17 -9.29 -19.10
CA SER A 608 -1.15 -9.23 -18.03
C SER A 608 -1.04 -7.87 -17.35
N ILE A 609 -1.95 -7.59 -16.43
CA ILE A 609 -1.97 -6.35 -15.66
C ILE A 609 -2.08 -6.70 -14.19
N SER A 610 -1.33 -5.98 -13.36
CA SER A 610 -1.19 -6.33 -11.95
C SER A 610 -2.39 -5.85 -11.15
N LYS A 611 -2.55 -6.44 -9.96
CA LYS A 611 -3.67 -6.18 -9.08
C LYS A 611 -3.17 -5.81 -7.69
N THR A 612 -3.96 -5.00 -6.98
CA THR A 612 -3.69 -4.62 -5.61
C THR A 612 -5.01 -4.63 -4.84
N THR A 613 -4.94 -4.36 -3.54
CA THR A 613 -6.16 -4.38 -2.73
C THR A 613 -7.13 -3.29 -3.14
N ASP A 614 -6.65 -2.05 -3.23
CA ASP A 614 -7.35 -0.95 -3.85
C ASP A 614 -6.54 -0.52 -5.07
N ASP A 615 -7.22 -0.39 -6.21
CA ASP A 615 -6.52 -0.20 -7.48
C ASP A 615 -6.16 1.27 -7.62
N ILE A 616 -5.14 1.66 -6.87
CA ILE A 616 -4.62 3.04 -6.87
C ILE A 616 -3.32 3.14 -7.64
N THR A 617 -2.34 2.30 -7.30
CA THR A 617 -1.03 2.38 -7.94
C THR A 617 -1.14 2.00 -9.41
N THR A 618 -0.15 2.43 -10.19
CA THR A 618 -0.20 2.27 -11.64
C THR A 618 -0.19 0.79 -12.02
N LYS A 619 -0.81 0.49 -13.15
CA LYS A 619 -1.23 -0.88 -13.44
C LYS A 619 -0.11 -1.80 -13.88
N ALA A 620 1.03 -1.28 -14.36
CA ALA A 620 2.23 -2.09 -14.53
C ALA A 620 2.01 -3.27 -15.48
N ILE A 621 1.76 -2.93 -16.75
CA ILE A 621 1.58 -3.95 -17.79
C ILE A 621 2.80 -4.86 -17.75
N VAL A 622 2.59 -6.15 -17.49
CA VAL A 622 3.66 -7.11 -17.26
C VAL A 622 3.66 -8.11 -18.40
N MET A 623 4.84 -8.37 -18.96
CA MET A 623 5.01 -9.10 -20.20
C MET A 623 5.98 -10.24 -20.00
N GLU A 624 5.66 -11.37 -20.60
CA GLU A 624 6.55 -12.53 -20.67
C GLU A 624 7.03 -12.63 -22.11
N LEU A 625 8.35 -12.56 -22.29
CA LEU A 625 8.98 -12.52 -23.60
C LEU A 625 9.23 -13.93 -24.10
N GLU A 626 9.82 -14.05 -25.28
CA GLU A 626 10.12 -15.37 -25.82
C GLU A 626 11.27 -16.04 -25.07
N ASN A 627 12.22 -15.26 -24.56
CA ASN A 627 13.34 -15.82 -23.82
C ASN A 627 12.89 -16.51 -22.54
N GLY A 628 11.73 -16.10 -22.00
CA GLY A 628 11.34 -16.44 -20.65
C GLY A 628 11.54 -15.32 -19.67
N GLN A 629 12.34 -14.31 -20.02
CA GLN A 629 12.49 -13.15 -19.17
C GLN A 629 11.17 -12.41 -19.07
N ILE A 630 10.92 -11.82 -17.90
CA ILE A 630 9.67 -11.13 -17.59
C ILE A 630 9.99 -9.68 -17.31
N THR A 631 9.30 -8.78 -18.00
CA THR A 631 9.52 -7.34 -17.84
C THR A 631 8.18 -6.64 -17.78
N TYR A 632 8.07 -5.66 -16.88
CA TYR A 632 6.88 -4.83 -16.79
C TYR A 632 7.22 -3.40 -17.14
N ILE A 633 6.23 -2.67 -17.65
CA ILE A 633 6.33 -1.23 -17.80
C ILE A 633 5.09 -0.56 -17.22
N PRO A 634 5.20 0.54 -16.48
CA PRO A 634 3.99 1.17 -15.94
C PRO A 634 3.15 1.78 -17.04
N LYS A 635 1.84 1.87 -16.78
CA LYS A 635 0.92 2.45 -17.74
C LYS A 635 1.21 3.93 -18.00
N LEU A 636 1.93 4.60 -17.11
CA LEU A 636 2.26 6.01 -17.34
C LEU A 636 3.12 6.17 -18.57
N LEU A 637 3.99 5.21 -18.86
CA LEU A 637 4.85 5.35 -20.03
C LEU A 637 4.06 5.18 -21.32
N LEU A 638 3.12 4.24 -21.35
CA LEU A 638 2.22 4.06 -22.49
C LEU A 638 1.10 5.08 -22.36
N ASN A 639 1.40 6.31 -22.81
CA ASN A 639 0.48 7.43 -22.69
C ASN A 639 -0.10 7.75 -24.05
N ALA A 640 -1.40 7.57 -24.20
CA ALA A 640 -2.10 8.24 -25.29
C ALA A 640 -2.22 9.73 -24.96
N ARG A 641 -2.68 10.51 -25.92
CA ARG A 641 -2.71 11.97 -25.79
C ARG A 641 -1.32 12.57 -25.59
N GLY A 642 -0.27 11.83 -25.93
CA GLY A 642 1.07 12.32 -25.75
C GLY A 642 1.44 13.32 -26.82
N LYS A 643 2.53 14.04 -26.56
CA LYS A 643 3.10 15.03 -27.46
C LYS A 643 4.59 14.79 -27.55
N PRO A 644 5.26 15.31 -28.58
CA PRO A 644 6.64 14.87 -28.85
C PRO A 644 7.70 15.46 -27.95
N ALA A 645 7.33 16.10 -26.84
CA ALA A 645 8.19 16.75 -25.85
C ALA A 645 8.73 18.10 -26.34
N GLU A 646 8.45 18.50 -27.58
CA GLU A 646 8.65 19.88 -28.00
C GLU A 646 7.43 20.73 -27.66
N GLU A 647 6.24 20.16 -27.81
CA GLU A 647 4.99 20.84 -27.50
C GLU A 647 4.53 20.63 -26.06
N MET A 648 5.30 19.89 -25.25
CA MET A 648 4.98 19.74 -23.84
C MET A 648 5.50 20.90 -23.01
N ALA A 649 6.44 21.68 -23.55
CA ALA A 649 7.06 22.76 -22.79
C ALA A 649 6.14 23.96 -22.71
N LYS A 650 5.88 24.41 -21.48
CA LYS A 650 5.03 25.57 -21.21
C LYS A 650 3.65 25.40 -21.82
N ASP A 651 3.15 24.16 -21.81
CA ASP A 651 1.77 23.85 -22.19
C ASP A 651 1.01 23.67 -20.88
N LYS A 652 0.44 24.78 -20.38
CA LYS A 652 -0.21 24.78 -19.07
C LYS A 652 -1.36 23.77 -19.01
N LYS A 653 -1.97 23.46 -20.15
CA LYS A 653 -3.19 22.66 -20.19
C LYS A 653 -2.93 21.16 -20.02
N LYS A 654 -1.68 20.72 -19.92
CA LYS A 654 -1.44 19.31 -20.21
C LYS A 654 -1.89 18.35 -19.11
N GLU A 655 -1.26 18.39 -17.93
CA GLU A 655 -1.47 17.49 -16.80
C GLU A 655 -0.53 17.97 -15.71
N PHE A 656 -0.64 17.35 -14.54
CA PHE A 656 0.47 17.33 -13.60
C PHE A 656 1.46 16.26 -14.07
N MET A 657 2.73 16.64 -14.19
CA MET A 657 3.82 15.75 -14.61
C MET A 657 3.48 14.97 -15.89
N ALA A 658 3.04 15.73 -16.90
CA ALA A 658 2.68 15.14 -18.19
C ALA A 658 3.87 14.44 -18.85
N THR A 659 3.78 13.13 -18.99
CA THR A 659 4.80 12.37 -19.68
C THR A 659 4.77 12.65 -21.19
N PRO A 660 5.92 12.66 -21.87
CA PRO A 660 5.92 12.89 -23.32
C PRO A 660 5.57 11.61 -24.07
N TYR A 661 5.60 11.70 -25.41
CA TYR A 661 5.13 10.60 -26.24
C TYR A 661 6.12 9.45 -26.28
N THR A 662 7.39 9.72 -26.66
CA THR A 662 8.50 8.75 -26.73
C THR A 662 8.12 7.43 -27.41
N PRO A 663 7.88 7.42 -28.73
CA PRO A 663 7.37 6.18 -29.36
C PRO A 663 8.26 4.97 -29.20
N VAL A 664 9.58 5.13 -29.28
CA VAL A 664 10.50 4.00 -29.14
C VAL A 664 10.71 3.72 -27.65
N ILE A 665 10.37 2.51 -27.22
CA ILE A 665 10.51 2.09 -25.83
C ILE A 665 11.75 1.19 -25.75
N PRO A 666 12.83 1.61 -25.08
CA PRO A 666 13.95 0.69 -24.86
C PRO A 666 13.76 -0.15 -23.61
N ILE A 667 14.38 -1.31 -23.65
CA ILE A 667 14.27 -2.26 -22.53
C ILE A 667 15.22 -1.82 -21.42
N ASN A 668 14.72 -1.88 -20.18
CA ASN A 668 15.44 -1.39 -19.00
C ASN A 668 15.81 -2.58 -18.14
N ASP A 669 17.11 -2.81 -17.96
CA ASP A 669 17.56 -4.01 -17.27
C ASP A 669 17.21 -4.01 -15.80
N ASN A 670 16.86 -2.87 -15.21
CA ASN A 670 16.42 -2.86 -13.82
C ASN A 670 15.08 -3.56 -13.68
N PHE A 671 14.14 -3.29 -14.59
CA PHE A 671 12.81 -3.87 -14.50
C PHE A 671 12.75 -5.32 -14.93
N ILE A 672 13.80 -5.87 -15.54
CA ILE A 672 13.74 -7.27 -15.94
C ILE A 672 13.79 -8.11 -14.67
N ILE A 673 12.66 -8.71 -14.33
CA ILE A 673 12.57 -9.67 -13.24
C ILE A 673 13.16 -10.94 -13.83
N THR A 674 13.48 -11.92 -13.00
CA THR A 674 14.32 -13.04 -13.43
C THR A 674 15.68 -12.50 -13.89
N HIS A 675 16.34 -11.84 -12.93
CA HIS A 675 17.66 -11.25 -13.09
C HIS A 675 18.63 -12.15 -13.85
N PHE A 676 18.84 -13.37 -13.37
CA PHE A 676 19.76 -14.33 -13.97
C PHE A 676 19.11 -15.71 -14.09
N ARG A 677 17.82 -15.82 -13.86
CA ARG A 677 17.13 -17.10 -13.89
C ARG A 677 16.82 -17.48 -15.33
N ASN A 678 16.92 -18.77 -15.63
CA ASN A 678 16.64 -19.23 -16.99
C ASN A 678 15.14 -19.21 -17.28
N LEU A 679 14.35 -19.91 -16.45
CA LEU A 679 12.90 -19.82 -16.47
C LEU A 679 12.32 -20.18 -17.84
N LEU A 680 12.53 -21.41 -18.25
CA LEU A 680 11.88 -21.88 -19.46
C LEU A 680 10.40 -22.10 -19.15
N PRO A 681 9.49 -21.24 -19.59
CA PRO A 681 8.11 -21.30 -19.07
C PRO A 681 7.13 -22.14 -19.87
N GLY A 682 7.59 -22.88 -20.87
CA GLY A 682 6.72 -23.73 -21.65
C GLY A 682 5.95 -22.98 -22.70
N SER A 683 5.23 -23.73 -23.54
CA SER A 683 4.46 -23.13 -24.61
C SER A 683 3.12 -22.59 -24.11
N ASP A 684 2.50 -23.29 -23.18
CA ASP A 684 1.23 -22.88 -22.58
C ASP A 684 1.51 -22.45 -21.15
N SER A 685 1.46 -21.14 -20.90
CA SER A 685 1.80 -20.58 -19.59
C SER A 685 0.80 -19.48 -19.27
N GLN A 686 0.74 -19.14 -17.98
CA GLN A 686 -0.14 -18.10 -17.48
C GLN A 686 0.65 -17.14 -16.62
N LEU A 687 0.40 -15.85 -16.80
CA LEU A 687 0.87 -14.83 -15.88
C LEU A 687 -0.30 -14.43 -14.99
N ILE A 688 -0.11 -14.51 -13.68
CA ILE A 688 -1.15 -14.14 -12.72
C ILE A 688 -0.58 -13.11 -11.77
N SER A 689 -1.48 -12.31 -11.19
CA SER A 689 -1.13 -11.31 -10.20
C SER A 689 -2.04 -11.47 -9.00
N ILE A 690 -1.44 -11.50 -7.82
CA ILE A 690 -2.13 -11.69 -6.55
C ILE A 690 -1.97 -10.41 -5.74
N PRO A 691 -3.05 -9.76 -5.29
CA PRO A 691 -2.89 -8.58 -4.47
C PRO A 691 -2.44 -8.96 -3.06
N THR A 692 -1.93 -7.95 -2.36
CA THR A 692 -1.54 -8.08 -0.97
C THR A 692 -1.92 -6.81 -0.24
N ASN A 693 -1.72 -6.80 1.08
CA ASN A 693 -1.71 -5.56 1.82
C ASN A 693 -0.40 -4.83 1.50
N LEU A 694 -0.17 -3.70 2.16
CA LEU A 694 1.00 -2.89 1.82
C LEU A 694 0.95 -2.48 0.36
N GLU A 695 -0.07 -1.67 0.04
CA GLU A 695 -0.62 -1.54 -1.31
C GLU A 695 0.41 -1.21 -2.39
N SER A 696 1.60 -0.74 -2.03
CA SER A 696 2.62 -0.52 -3.05
C SER A 696 3.05 -1.82 -3.73
N THR A 697 2.95 -2.95 -3.03
CA THR A 697 3.51 -4.22 -3.49
C THR A 697 2.40 -5.14 -4.01
N SER A 698 2.69 -5.83 -5.11
CA SER A 698 1.81 -6.86 -5.65
C SER A 698 2.65 -8.07 -6.04
N ILE A 699 2.07 -9.28 -5.89
CA ILE A 699 2.76 -10.51 -6.22
C ILE A 699 2.42 -10.88 -7.66
N ILE A 700 3.42 -11.27 -8.45
CA ILE A 700 3.21 -11.80 -9.79
C ILE A 700 3.84 -13.18 -9.86
N CYS A 701 3.13 -14.12 -10.47
CA CYS A 701 3.60 -15.47 -10.65
C CYS A 701 3.42 -15.90 -12.10
N ASP A 702 4.32 -16.75 -12.55
CA ASP A 702 4.26 -17.38 -13.87
C ASP A 702 4.09 -18.88 -13.67
N LEU A 703 2.98 -19.41 -14.14
CA LEU A 703 2.68 -20.83 -14.09
C LEU A 703 2.86 -21.45 -15.48
N GLY A 704 3.28 -22.70 -15.49
CA GLY A 704 3.53 -23.41 -16.73
C GLY A 704 4.42 -24.59 -16.50
N LEU A 705 5.40 -24.82 -17.37
CA LEU A 705 6.38 -25.86 -17.11
C LEU A 705 7.20 -25.52 -15.87
N ASP A 706 7.68 -24.28 -15.79
CA ASP A 706 8.40 -23.76 -14.62
C ASP A 706 7.49 -22.79 -13.88
N VAL A 707 7.32 -23.01 -12.58
CA VAL A 707 6.50 -22.15 -11.74
C VAL A 707 7.41 -21.19 -11.01
N PHE A 708 7.05 -19.90 -11.01
CA PHE A 708 7.92 -18.86 -10.51
C PHE A 708 7.06 -17.76 -9.89
N CYS A 709 7.58 -17.09 -8.86
CA CYS A 709 6.82 -16.07 -8.16
C CYS A 709 7.75 -14.99 -7.64
N THR A 710 7.25 -13.77 -7.57
CA THR A 710 8.05 -12.63 -7.12
C THR A 710 7.09 -11.48 -6.80
N ARG A 711 7.66 -10.38 -6.33
CA ARG A 711 6.91 -9.19 -5.94
C ARG A 711 7.42 -7.98 -6.71
N ILE A 712 6.49 -7.13 -7.15
CA ILE A 712 6.82 -5.90 -7.86
C ILE A 712 6.14 -4.73 -7.18
N THR A 713 6.75 -3.56 -7.34
CA THR A 713 6.26 -2.29 -6.79
C THR A 713 6.29 -1.26 -7.92
N PRO A 714 5.19 -1.09 -8.66
CA PRO A 714 5.25 -0.19 -9.82
C PRO A 714 5.54 1.26 -9.49
N SER A 715 5.03 1.76 -8.36
CA SER A 715 5.14 3.16 -8.00
C SER A 715 6.24 3.42 -6.97
N GLY A 716 7.14 2.45 -6.77
CA GLY A 716 8.08 2.51 -5.68
C GLY A 716 7.42 2.03 -4.40
N GLN A 717 8.27 1.79 -3.40
CA GLN A 717 7.82 1.28 -2.10
C GLN A 717 7.69 2.47 -1.17
N PHE A 718 6.44 2.94 -0.97
CA PHE A 718 6.17 4.07 -0.11
C PHE A 718 5.48 3.71 1.19
N ASP A 719 4.88 2.52 1.29
CA ASP A 719 4.23 2.14 2.55
C ASP A 719 5.27 1.71 3.58
N LEU A 720 6.04 0.67 3.26
CA LEU A 720 7.17 0.29 4.09
C LEU A 720 8.30 1.25 3.80
N MET A 721 8.93 1.78 4.87
CA MET A 721 9.79 2.94 4.69
C MET A 721 11.05 2.59 3.89
N SER A 722 11.87 1.67 4.37
CA SER A 722 13.10 1.30 3.68
C SER A 722 13.79 0.14 4.39
N PRO A 723 14.59 -0.67 3.72
CA PRO A 723 15.60 -1.48 4.43
C PRO A 723 16.95 -0.81 4.61
N THR A 724 17.11 0.45 4.18
CA THR A 724 18.37 1.18 4.26
C THR A 724 18.21 2.53 4.93
N PHE A 725 17.30 2.64 5.89
CA PHE A 725 17.10 3.90 6.59
C PHE A 725 18.29 4.20 7.50
N GLU A 726 18.70 5.47 7.53
CA GLU A 726 19.87 5.90 8.30
C GLU A 726 19.40 6.42 9.66
N LYS A 727 19.18 5.48 10.58
CA LYS A 727 18.74 5.85 11.92
C LYS A 727 19.89 6.48 12.72
N GLY A 728 21.10 5.95 12.56
CA GLY A 728 22.21 6.43 13.37
C GLY A 728 22.56 7.88 13.11
N LYS A 729 22.48 8.30 11.84
CA LYS A 729 22.78 9.69 11.53
C LYS A 729 21.74 10.62 12.15
N LEU A 730 20.48 10.20 12.14
CA LEU A 730 19.42 11.01 12.73
C LEU A 730 19.60 11.14 14.25
N LEU A 731 19.92 10.02 14.91
CA LEU A 731 20.17 10.10 16.35
C LEU A 731 21.41 10.92 16.65
N ILE A 732 22.42 10.87 15.78
CA ILE A 732 23.62 11.69 15.98
C ILE A 732 23.26 13.16 15.87
N THR A 733 22.42 13.51 14.90
CA THR A 733 22.01 14.92 14.77
C THR A 733 21.24 15.38 15.99
N ILE A 734 20.33 14.54 16.50
CA ILE A 734 19.55 14.93 17.66
C ILE A 734 20.46 15.09 18.87
N PHE A 735 21.43 14.18 19.04
CA PHE A 735 22.30 14.26 20.20
C PHE A 735 23.23 15.46 20.12
N VAL A 736 23.69 15.80 18.90
CA VAL A 736 24.53 16.97 18.74
C VAL A 736 23.76 18.23 19.10
N LEU A 737 22.51 18.33 18.64
CA LEU A 737 21.70 19.50 18.98
C LEU A 737 21.45 19.57 20.48
N LEU A 738 21.20 18.42 21.11
CA LEU A 738 20.91 18.40 22.53
C LEU A 738 22.11 18.87 23.34
N VAL A 739 23.30 18.34 23.04
CA VAL A 739 24.47 18.70 23.84
C VAL A 739 24.92 20.13 23.54
N ILE A 740 24.80 20.59 22.29
CA ILE A 740 25.24 21.97 22.03
C ILE A 740 24.30 22.96 22.71
N THR A 741 22.99 22.67 22.76
CA THR A 741 22.09 23.52 23.55
C THR A 741 22.46 23.46 25.03
N TYR A 742 22.67 22.26 25.56
CA TYR A 742 22.92 22.12 27.00
C TYR A 742 24.22 22.80 27.41
N PHE A 743 25.19 22.89 26.50
CA PHE A 743 26.46 23.56 26.81
C PHE A 743 26.41 25.05 26.57
N ILE A 744 25.67 25.51 25.54
CA ILE A 744 25.64 26.94 25.27
C ILE A 744 24.66 27.68 26.19
N ARG A 745 23.74 26.99 26.84
CA ARG A 745 22.78 27.68 27.70
C ARG A 745 23.44 28.41 28.88
N PRO A 746 24.33 27.78 29.68
CA PRO A 746 24.94 28.53 30.79
C PRO A 746 25.70 29.76 30.34
N SER A 747 26.39 29.69 29.21
CA SER A 747 27.18 30.83 28.75
C SER A 747 26.30 32.03 28.46
N VAL A 748 25.27 31.85 27.64
CA VAL A 748 24.38 32.96 27.31
C VAL A 748 23.68 33.46 28.55
N SER A 749 23.19 32.55 29.40
CA SER A 749 22.45 32.95 30.58
C SER A 749 23.31 33.84 31.48
N ASN A 750 24.43 33.29 31.97
CA ASN A 750 25.28 34.04 32.89
C ASN A 750 25.78 35.33 32.25
N LYS A 751 26.39 35.23 31.05
CA LYS A 751 27.05 36.38 30.46
C LYS A 751 26.05 37.50 30.19
N LYS A 752 24.98 37.22 29.44
CA LYS A 752 24.13 38.31 29.02
C LYS A 752 23.26 38.81 30.16
N LEU A 753 22.77 37.93 31.04
CA LEU A 753 21.88 38.40 32.09
C LEU A 753 22.64 39.18 33.15
N LYS A 754 23.88 38.78 33.44
CA LYS A 754 24.66 39.49 34.45
C LYS A 754 25.40 40.70 33.89
N SER A 755 25.58 40.79 32.57
CA SER A 755 26.23 41.95 31.98
C SER A 755 25.26 43.02 31.54
N GLN A 756 24.01 42.66 31.22
CA GLN A 756 23.08 43.64 30.70
C GLN A 756 22.55 44.54 31.81
N TRP A 757 22.43 44.03 33.04
CA TRP A 757 22.01 44.82 34.18
C TRP A 757 23.17 45.43 34.95
N LEU A 758 24.40 45.03 34.66
CA LEU A 758 25.59 45.67 35.22
C LEU A 758 25.61 45.63 36.74
N ILE A 759 25.09 44.55 37.31
CA ILE A 759 25.09 44.42 38.78
C ILE A 759 26.52 44.35 39.29
N LYS B 3 8.17 30.34 51.38
CA LYS B 3 7.07 31.29 51.30
C LYS B 3 7.48 32.51 50.49
N ASP B 4 6.95 32.62 49.28
CA ASP B 4 7.39 33.64 48.33
C ASP B 4 6.89 35.04 48.65
N LEU B 5 5.98 35.19 49.61
CA LEU B 5 5.56 36.54 49.99
C LEU B 5 6.72 37.34 50.57
N VAL B 6 7.65 36.65 51.26
CA VAL B 6 8.86 37.32 51.73
C VAL B 6 9.67 37.81 50.54
N ARG B 7 9.69 37.05 49.46
CA ARG B 7 10.36 37.51 48.24
C ARG B 7 9.70 38.78 47.71
N GLU B 8 8.37 38.85 47.75
CA GLU B 8 7.68 40.06 47.31
C GLU B 8 8.08 41.25 48.17
N LYS B 9 8.11 41.06 49.48
CA LYS B 9 8.49 42.15 50.38
C LYS B 9 9.92 42.60 50.11
N LEU B 10 10.84 41.65 49.95
CA LEU B 10 12.24 41.98 49.74
C LEU B 10 12.44 42.72 48.41
N LEU B 11 11.76 42.27 47.35
CA LEU B 11 11.92 42.93 46.07
C LEU B 11 11.27 44.32 46.07
N THR B 12 10.16 44.49 46.78
CA THR B 12 9.59 45.82 46.92
C THR B 12 10.53 46.76 47.65
N ILE B 13 11.15 46.27 48.74
CA ILE B 13 12.13 47.08 49.46
C ILE B 13 13.31 47.39 48.55
N MET B 14 13.68 46.43 47.71
CA MET B 14 14.81 46.59 46.80
C MET B 14 14.56 47.72 45.81
N ASN B 15 13.50 47.58 45.01
CA ASN B 15 13.26 48.55 43.94
C ASN B 15 12.78 49.89 44.49
N THR B 16 12.24 49.91 45.70
CA THR B 16 11.95 51.16 46.38
C THR B 16 13.14 51.68 47.17
N LYS B 17 14.11 50.82 47.50
CA LYS B 17 15.23 51.19 48.37
C LYS B 17 14.73 51.72 49.70
N ALA B 18 13.67 51.10 50.22
CA ALA B 18 13.07 51.57 51.46
C ALA B 18 13.97 51.31 52.66
N TYR B 19 14.90 50.35 52.56
CA TYR B 19 15.81 50.07 53.66
C TYR B 19 16.64 51.27 54.06
N THR B 20 16.83 52.22 53.14
CA THR B 20 17.56 53.45 53.47
C THR B 20 16.84 54.22 54.57
N GLN B 21 15.51 54.21 54.56
CA GLN B 21 14.70 54.98 55.50
C GLN B 21 14.23 54.13 56.69
N PHE B 22 14.97 53.09 57.05
CA PHE B 22 14.55 52.19 58.11
C PHE B 22 15.11 52.65 59.45
N ASN B 23 14.34 52.41 60.51
CA ASN B 23 14.81 52.59 61.87
C ASN B 23 15.73 51.44 62.23
N PRO B 24 16.63 51.62 63.21
CA PRO B 24 17.57 50.53 63.53
C PRO B 24 16.90 49.26 64.00
N GLU B 25 15.76 49.35 64.68
CA GLU B 25 15.07 48.13 65.12
C GLU B 25 14.50 47.36 63.94
N GLN B 26 13.75 48.04 63.07
CA GLN B 26 13.20 47.36 61.91
C GLN B 26 14.29 46.99 60.92
N LEU B 27 15.40 47.74 60.89
CA LEU B 27 16.50 47.36 60.03
C LEU B 27 17.17 46.08 60.54
N LEU B 28 17.31 45.96 61.86
CA LEU B 28 17.82 44.71 62.43
C LEU B 28 16.88 43.56 62.13
N GLN B 29 15.56 43.81 62.20
CA GLN B 29 14.59 42.77 61.88
C GLN B 29 14.72 42.34 60.42
N LEU B 30 14.89 43.30 59.52
CA LEU B 30 15.13 43.00 58.11
C LEU B 30 16.38 42.15 57.94
N GLU B 31 17.47 42.54 58.59
CA GLU B 31 18.72 41.81 58.47
C GLU B 31 18.56 40.37 58.97
N ASN B 32 17.83 40.20 60.07
CA ASN B 32 17.66 38.86 60.64
C ASN B 32 16.79 37.98 59.75
N GLU B 33 15.67 38.53 59.26
CA GLU B 33 14.75 37.75 58.47
C GLU B 33 15.18 37.60 57.01
N MET B 34 16.21 38.34 56.57
CA MET B 34 16.69 38.16 55.22
C MET B 34 17.34 36.80 55.04
N LYS B 35 18.26 36.43 55.93
CA LYS B 35 19.15 35.30 55.68
C LYS B 35 18.41 33.97 55.70
N ILE B 36 17.36 33.85 56.52
CA ILE B 36 16.64 32.58 56.63
C ILE B 36 15.99 32.24 55.30
N TYR B 37 15.31 33.21 54.69
CA TYR B 37 14.76 32.98 53.35
C TYR B 37 15.88 32.92 52.31
N MET B 38 16.95 33.68 52.52
CA MET B 38 18.04 33.75 51.55
C MET B 38 18.62 32.37 51.30
N LYS B 39 18.74 31.57 52.36
CA LYS B 39 19.30 30.22 52.27
C LYS B 39 18.25 29.12 52.25
N SER B 40 17.01 29.40 52.66
CA SER B 40 15.96 28.38 52.68
C SER B 40 15.14 28.38 51.38
N GLY B 41 14.54 29.52 51.04
CA GLY B 41 13.68 29.63 49.88
C GLY B 41 14.44 29.99 48.63
N ASP B 42 15.29 29.08 48.17
CA ASP B 42 16.20 29.33 47.06
C ASP B 42 15.59 29.01 45.69
N SER B 43 14.33 28.61 45.63
CA SER B 43 13.70 28.20 44.39
C SER B 43 12.95 29.37 43.75
N ALA B 44 12.83 29.31 42.42
CA ALA B 44 12.09 30.28 41.61
C ALA B 44 12.70 31.67 41.65
N LEU B 45 13.92 31.82 42.17
CA LEU B 45 14.58 33.11 42.33
C LEU B 45 15.77 33.15 41.36
N THR B 46 15.78 34.16 40.49
CA THR B 46 16.78 34.23 39.44
C THR B 46 18.14 34.63 40.02
N GLU B 47 19.19 34.39 39.23
CA GLU B 47 20.54 34.68 39.68
C GLU B 47 20.74 36.17 39.91
N GLY B 48 20.20 37.00 39.02
CA GLY B 48 20.33 38.44 39.20
C GLY B 48 19.67 38.91 40.47
N ASN B 49 18.49 38.37 40.78
CA ASN B 49 17.86 38.67 42.06
C ASN B 49 18.68 38.12 43.22
N TYR B 50 19.34 36.98 43.02
CA TYR B 50 20.21 36.40 44.05
C TYR B 50 21.30 37.40 44.43
N PHE B 51 21.99 37.94 43.44
CA PHE B 51 23.11 38.84 43.71
C PHE B 51 22.63 40.23 44.12
N PHE B 52 21.47 40.66 43.64
CA PHE B 52 20.89 41.90 44.15
C PHE B 52 20.57 41.78 45.63
N LEU B 53 20.02 40.63 46.05
CA LEU B 53 19.78 40.43 47.47
C LEU B 53 21.10 40.38 48.24
N MET B 54 22.13 39.79 47.64
CA MET B 54 23.44 39.77 48.28
C MET B 54 23.96 41.18 48.52
N GLU B 55 23.85 42.08 47.54
CA GLU B 55 24.37 43.43 47.75
C GLU B 55 23.46 44.25 48.67
N MET B 56 22.16 43.98 48.67
CA MET B 56 21.31 44.60 49.70
C MET B 56 21.78 44.18 51.09
N LEU B 57 22.13 42.90 51.26
CA LEU B 57 22.64 42.44 52.54
C LEU B 57 23.97 43.09 52.86
N PHE B 58 24.80 43.32 51.85
CA PHE B 58 26.06 44.04 52.05
C PHE B 58 25.79 45.43 52.63
N TYR B 59 24.89 46.18 52.01
CA TYR B 59 24.57 47.51 52.53
C TYR B 59 23.95 47.45 53.90
N VAL B 60 23.11 46.46 54.17
CA VAL B 60 22.47 46.35 55.48
C VAL B 60 23.53 46.09 56.55
N LEU B 61 24.49 45.21 56.25
CA LEU B 61 25.57 44.96 57.20
C LEU B 61 26.43 46.21 57.40
N VAL B 62 26.71 46.95 56.33
CA VAL B 62 27.52 48.15 56.46
C VAL B 62 26.79 49.19 57.29
N TYR B 63 25.48 49.31 57.12
CA TYR B 63 24.69 50.14 58.03
C TYR B 63 24.79 49.63 59.45
N ARG B 64 24.72 48.31 59.62
CA ARG B 64 24.66 47.72 60.94
C ARG B 64 26.02 47.87 61.63
N ASN B 65 26.08 47.38 62.87
CA ASN B 65 27.24 47.64 63.70
C ASN B 65 28.46 46.84 63.23
N GLN B 66 28.25 45.59 62.87
CA GLN B 66 29.33 44.67 62.51
C GLN B 66 29.44 44.56 61.00
N ASP B 67 30.68 44.53 60.50
CA ASP B 67 30.96 44.59 59.08
C ASP B 67 32.01 43.58 58.62
N VAL B 68 32.40 42.61 59.46
CA VAL B 68 33.27 41.55 58.97
C VAL B 68 32.51 40.69 57.97
N ASP B 69 31.22 40.46 58.21
CA ASP B 69 30.38 39.82 57.22
C ASP B 69 30.23 40.69 55.98
N ALA B 70 30.42 42.00 56.09
CA ALA B 70 30.43 42.84 54.90
C ALA B 70 31.61 42.49 54.00
N GLN B 71 32.80 42.32 54.58
CA GLN B 71 33.93 41.87 53.78
C GLN B 71 33.69 40.49 53.22
N VAL B 72 33.07 39.60 54.00
CA VAL B 72 32.80 38.25 53.50
C VAL B 72 31.84 38.30 52.30
N VAL B 73 30.78 39.10 52.41
CA VAL B 73 29.78 39.18 51.34
C VAL B 73 30.38 39.84 50.11
N TYR B 74 31.21 40.87 50.30
CA TYR B 74 31.87 41.49 49.17
C TYR B 74 32.80 40.51 48.49
N ASN B 75 33.48 39.66 49.26
CA ASN B 75 34.33 38.63 48.67
C ASN B 75 33.49 37.64 47.85
N THR B 76 32.33 37.24 48.38
CA THR B 76 31.49 36.30 47.66
C THR B 76 30.97 36.91 46.36
N LEU B 77 30.60 38.18 46.40
CA LEU B 77 30.01 38.84 45.24
C LEU B 77 31.04 39.40 44.26
N ARG B 78 32.32 39.42 44.62
CA ARG B 78 33.35 39.90 43.70
C ARG B 78 33.49 39.01 42.47
N ASP B 79 33.09 37.74 42.57
CA ASP B 79 33.47 36.74 41.56
C ASP B 79 32.97 37.09 40.18
N ARG B 80 31.81 37.73 40.06
CA ARG B 80 31.18 38.01 38.78
C ARG B 80 31.24 39.50 38.50
N LEU B 81 31.83 39.86 37.35
CA LEU B 81 32.01 41.23 36.90
C LEU B 81 32.95 42.03 37.80
N GLY B 82 33.78 41.36 38.60
CA GLY B 82 34.90 41.97 39.29
C GLY B 82 34.63 43.24 40.06
N GLU B 83 35.37 44.31 39.73
CA GLU B 83 35.32 45.58 40.44
C GLU B 83 35.26 46.76 39.47
N ASN B 84 34.72 46.53 38.26
CA ASN B 84 34.56 47.59 37.27
C ASN B 84 33.10 48.02 37.08
N SER B 85 32.15 47.28 37.63
CA SER B 85 30.75 47.69 37.59
C SER B 85 30.48 48.79 38.61
N TYR B 86 29.55 49.67 38.26
CA TYR B 86 29.35 50.87 39.07
C TYR B 86 28.84 50.53 40.47
N LYS B 87 28.01 49.50 40.57
CA LYS B 87 27.59 49.01 41.88
C LYS B 87 28.79 48.55 42.68
N MET B 88 29.69 47.78 42.05
CA MET B 88 30.86 47.28 42.75
C MET B 88 31.79 48.42 43.15
N VAL B 89 31.93 49.42 42.28
CA VAL B 89 32.79 50.57 42.58
C VAL B 89 32.25 51.32 43.79
N ILE B 90 30.94 51.56 43.82
CA ILE B 90 30.35 52.26 44.96
C ILE B 90 30.48 51.41 46.22
N MET B 91 30.27 50.09 46.09
CA MET B 91 30.34 49.22 47.25
C MET B 91 31.74 49.21 47.86
N LYS B 92 32.77 49.08 47.02
CA LYS B 92 34.12 49.04 47.56
C LYS B 92 34.57 50.41 48.06
N ALA B 93 34.09 51.49 47.45
CA ALA B 93 34.37 52.82 48.00
C ALA B 93 33.80 52.95 49.40
N THR B 94 32.56 52.52 49.59
CA THR B 94 31.97 52.56 50.93
C THR B 94 32.71 51.63 51.88
N LEU B 95 33.15 50.47 51.38
CA LEU B 95 33.87 49.52 52.21
C LEU B 95 35.17 50.13 52.73
N LEU B 96 35.90 50.82 51.86
CA LEU B 96 37.14 51.46 52.29
C LEU B 96 36.87 52.71 53.11
N GLN B 97 35.69 53.32 52.97
CA GLN B 97 35.37 54.46 53.83
C GLN B 97 35.04 54.03 55.25
N ILE B 98 34.36 52.89 55.41
CA ILE B 98 33.89 52.49 56.73
C ILE B 98 34.87 51.55 57.44
N ASN B 99 35.65 50.77 56.68
CA ASN B 99 36.49 49.75 57.32
C ASN B 99 37.53 50.36 58.24
N GLY B 100 38.01 51.57 57.94
CA GLY B 100 39.01 52.24 58.73
C GLY B 100 38.71 53.70 59.01
N ASN B 101 37.56 54.19 58.53
CA ASN B 101 37.19 55.60 58.66
C ASN B 101 38.26 56.50 58.03
N ASP B 102 38.80 56.05 56.89
CA ASP B 102 39.79 56.80 56.13
C ASP B 102 39.15 57.30 54.84
N LYS B 103 39.47 58.55 54.49
CA LYS B 103 38.83 59.22 53.36
C LYS B 103 39.43 58.83 52.00
N GLY B 104 40.58 58.15 51.98
CA GLY B 104 41.37 57.92 50.78
C GLY B 104 40.62 57.48 49.53
N ALA B 105 39.54 56.72 49.72
CA ALA B 105 38.80 56.15 48.59
C ALA B 105 38.42 57.22 47.56
N ILE B 106 38.12 58.44 48.05
CA ILE B 106 37.68 59.52 47.18
C ILE B 106 38.69 59.76 46.06
N GLU B 107 39.99 59.82 46.39
CA GLU B 107 40.93 60.12 45.33
C GLU B 107 41.04 58.94 44.37
N TYR B 108 40.99 57.71 44.90
CA TYR B 108 40.98 56.56 43.99
C TYR B 108 39.67 56.46 43.24
N LEU B 109 38.64 57.17 43.70
CA LEU B 109 37.43 57.38 42.91
C LEU B 109 37.55 58.60 42.01
N GLU B 110 38.24 59.66 42.46
CA GLU B 110 38.18 60.95 41.80
C GLU B 110 38.72 60.85 40.38
N ASN B 111 39.98 60.43 40.24
CA ASN B 111 40.55 60.23 38.91
C ASN B 111 39.78 59.18 38.13
N LEU B 112 39.13 58.24 38.83
CA LEU B 112 38.30 57.26 38.14
C LEU B 112 37.17 57.96 37.38
N LEU B 113 36.53 58.94 38.02
CA LEU B 113 35.55 59.76 37.32
C LEU B 113 36.19 60.46 36.13
N ASN B 114 37.42 60.93 36.29
CA ASN B 114 38.13 61.58 35.19
C ASN B 114 38.63 60.60 34.15
N ASP B 115 38.53 59.29 34.40
CA ASP B 115 38.78 58.27 33.40
C ASP B 115 37.51 57.76 32.73
N ASP B 116 36.34 58.14 33.24
CA ASP B 116 35.06 57.73 32.67
C ASP B 116 34.50 58.73 31.65
N LEU B 117 35.17 59.86 31.46
CA LEU B 117 34.69 60.86 30.50
C LEU B 117 34.63 60.29 29.09
N GLU B 118 35.49 59.32 28.77
CA GLU B 118 35.52 58.72 27.44
C GLU B 118 34.47 57.63 27.25
N TYR B 119 33.47 57.54 28.13
CA TYR B 119 32.35 56.62 28.00
C TYR B 119 32.82 55.17 27.84
N GLU B 120 33.78 54.78 28.68
CA GLU B 120 34.15 53.38 28.75
C GLU B 120 33.03 52.53 29.35
N THR B 121 32.17 53.14 30.17
CA THR B 121 30.95 52.52 30.67
C THR B 121 29.77 53.42 30.32
N ASP B 122 28.58 53.04 30.80
CA ASP B 122 27.38 53.81 30.52
C ASP B 122 27.40 55.14 31.28
N PHE B 123 26.46 56.02 30.93
CA PHE B 123 26.40 57.33 31.58
C PHE B 123 25.85 57.22 32.99
N VAL B 124 24.94 56.27 33.21
CA VAL B 124 24.40 56.06 34.56
C VAL B 124 25.50 55.65 35.53
N THR B 125 26.53 54.96 35.03
CA THR B 125 27.65 54.56 35.87
C THR B 125 28.29 55.76 36.54
N TYR B 126 28.83 56.69 35.76
CA TYR B 126 29.54 57.78 36.39
C TYR B 126 28.60 58.88 36.88
N VAL B 127 27.32 58.87 36.46
CA VAL B 127 26.33 59.65 37.19
C VAL B 127 26.25 59.19 38.65
N SER B 128 26.14 57.87 38.84
CA SER B 128 26.09 57.33 40.20
C SER B 128 27.40 57.60 40.94
N ILE B 129 28.52 57.53 40.24
CA ILE B 129 29.81 57.82 40.89
C ILE B 129 29.86 59.27 41.32
N ALA B 130 29.35 60.19 40.49
CA ALA B 130 29.31 61.60 40.87
C ALA B 130 28.42 61.81 42.09
N LYS B 131 27.28 61.13 42.13
CA LYS B 131 26.41 61.26 43.29
C LYS B 131 27.11 60.75 44.56
N LYS B 132 27.81 59.62 44.45
CA LYS B 132 28.50 59.11 45.62
C LYS B 132 29.63 60.01 46.05
N LEU B 133 30.37 60.59 45.11
CA LEU B 133 31.49 61.43 45.54
C LEU B 133 31.00 62.72 46.16
N ILE B 134 29.85 63.25 45.69
CA ILE B 134 29.25 64.37 46.40
C ILE B 134 28.84 63.95 47.81
N ALA B 135 28.34 62.72 47.95
CA ALA B 135 28.01 62.20 49.28
C ALA B 135 29.26 62.10 50.15
N ILE B 136 30.40 61.76 49.55
CA ILE B 136 31.65 61.70 50.29
C ILE B 136 32.06 63.11 50.73
N LYS B 137 32.03 64.06 49.80
CA LYS B 137 32.61 65.36 50.05
C LYS B 137 31.75 66.21 50.96
N THR B 138 30.43 65.96 51.02
CA THR B 138 29.62 66.67 52.00
C THR B 138 29.98 66.25 53.43
N THR B 139 30.53 65.05 53.61
CA THR B 139 31.04 64.61 54.90
C THR B 139 32.51 64.95 55.10
N SER B 140 33.27 65.12 54.02
CA SER B 140 34.68 65.49 54.16
C SER B 140 34.82 66.89 54.74
N LYS B 141 34.12 67.86 54.16
CA LYS B 141 33.86 69.16 54.80
C LYS B 141 32.46 69.05 55.38
N ASN B 142 32.40 68.89 56.71
CA ASN B 142 31.25 68.33 57.42
C ASN B 142 29.87 68.81 56.95
N LEU B 143 29.69 70.12 56.77
CA LEU B 143 28.37 70.62 56.40
C LEU B 143 28.51 72.02 55.82
N SER B 144 27.75 72.30 54.76
CA SER B 144 27.68 73.62 54.17
C SER B 144 26.57 73.65 53.14
N GLN B 145 26.18 74.87 52.75
CA GLN B 145 25.26 75.04 51.63
C GLN B 145 25.96 74.80 50.29
N GLU B 146 27.30 74.80 50.27
CA GLU B 146 28.02 74.66 49.02
C GLU B 146 27.78 73.31 48.35
N SER B 147 27.31 72.32 49.11
CA SER B 147 26.97 71.03 48.50
C SER B 147 25.92 71.23 47.42
N VAL B 148 24.94 72.11 47.67
CA VAL B 148 23.95 72.41 46.64
C VAL B 148 24.65 72.99 45.42
N LEU B 149 25.60 73.90 45.65
CA LEU B 149 26.35 74.48 44.54
C LEU B 149 27.09 73.39 43.78
N LYS B 150 27.67 72.44 44.51
CA LYS B 150 28.39 71.36 43.84
C LYS B 150 27.44 70.59 42.95
N GLU B 151 26.25 70.28 43.48
CA GLU B 151 25.28 69.53 42.69
C GLU B 151 24.91 70.32 41.46
N VAL B 152 24.73 71.63 41.62
CA VAL B 152 24.31 72.44 40.48
C VAL B 152 25.40 72.44 39.42
N VAL B 153 26.66 72.58 39.83
CA VAL B 153 27.71 72.58 38.81
C VAL B 153 27.88 71.19 38.24
N ALA B 154 27.65 70.16 39.06
CA ALA B 154 27.61 68.80 38.53
C ALA B 154 26.33 68.57 37.73
N LEU B 155 25.26 69.27 38.08
CA LEU B 155 23.96 69.01 37.47
C LEU B 155 23.82 69.66 36.10
N THR B 156 24.03 70.97 36.04
CA THR B 156 23.47 71.75 34.93
C THR B 156 24.13 71.40 33.61
N ASP B 157 25.46 71.34 33.59
CA ASP B 157 26.16 71.02 32.35
C ASP B 157 26.00 69.55 31.98
N LYS B 158 26.10 68.66 32.96
CA LYS B 158 26.30 67.24 32.70
C LYS B 158 25.00 66.47 32.51
N PHE B 159 24.08 66.54 33.47
CA PHE B 159 22.97 65.59 33.56
C PHE B 159 21.72 66.24 34.11
N PRO B 160 20.97 66.96 33.26
CA PRO B 160 19.69 67.53 33.73
C PRO B 160 18.65 66.48 34.06
N LEU B 161 18.60 65.40 33.29
CA LEU B 161 17.47 64.47 33.33
C LEU B 161 17.26 63.87 34.71
N ASP B 162 18.34 63.58 35.43
CA ASP B 162 18.27 62.85 36.69
C ASP B 162 17.34 63.53 37.69
N ALA B 163 16.25 62.85 38.06
CA ALA B 163 15.28 63.42 38.99
C ALA B 163 15.83 63.51 40.41
N GLU B 164 16.66 62.53 40.80
CA GLU B 164 17.12 62.44 42.18
C GLU B 164 17.86 63.70 42.61
N LEU B 165 18.70 64.23 41.73
CA LEU B 165 19.47 65.42 42.07
C LEU B 165 18.55 66.62 42.30
N TRP B 166 17.58 66.82 41.40
CA TRP B 166 16.71 67.98 41.58
C TRP B 166 15.89 67.80 42.84
N TRP B 167 15.52 66.56 43.16
CA TRP B 167 14.74 66.30 44.37
C TRP B 167 15.55 66.62 45.62
N TYR B 168 16.84 66.31 45.60
CA TYR B 168 17.64 66.67 46.77
C TYR B 168 17.88 68.17 46.85
N ALA B 169 17.95 68.84 45.69
CA ALA B 169 18.03 70.29 45.70
C ALA B 169 16.76 70.90 46.28
N SER B 170 15.61 70.37 45.89
CA SER B 170 14.35 70.87 46.42
C SER B 170 14.22 70.61 47.91
N GLU B 171 14.69 69.44 48.37
CA GLU B 171 14.66 69.15 49.79
C GLU B 171 15.54 70.13 50.56
N ILE B 172 16.73 70.43 50.06
CA ILE B 172 17.61 71.36 50.76
C ILE B 172 17.01 72.76 50.75
N TYR B 173 16.40 73.17 49.64
CA TYR B 173 15.75 74.48 49.60
C TYR B 173 14.59 74.54 50.59
N PHE B 174 13.83 73.46 50.72
CA PHE B 174 12.69 73.48 51.61
C PHE B 174 13.11 73.43 53.07
N GLU B 175 14.25 72.81 53.37
CA GLU B 175 14.61 72.57 54.77
C GLU B 175 14.75 73.87 55.55
N MET B 176 15.60 74.77 55.07
CA MET B 176 15.67 76.13 55.62
C MET B 176 15.80 77.21 54.55
N GLY B 177 15.87 76.87 53.28
CA GLY B 177 16.11 77.84 52.23
C GLY B 177 14.83 78.47 51.72
N GLN B 178 14.92 79.02 50.51
CA GLN B 178 13.76 79.63 49.88
C GLN B 178 12.75 78.57 49.47
N PHE B 179 11.47 78.93 49.61
CA PHE B 179 10.37 78.03 49.27
C PHE B 179 9.93 78.17 47.83
N GLU B 180 10.52 79.08 47.06
CA GLU B 180 10.10 79.34 45.68
C GLU B 180 10.86 78.48 44.68
N LYS B 181 12.18 78.35 44.82
CA LYS B 181 12.95 77.53 43.88
C LYS B 181 12.56 76.06 43.98
N ALA B 182 12.08 75.64 45.15
CA ALA B 182 11.63 74.26 45.31
C ALA B 182 10.45 73.96 44.40
N CYS B 183 9.61 74.95 44.12
CA CYS B 183 8.53 74.74 43.17
C CYS B 183 9.07 74.42 41.78
N TYR B 184 10.13 75.13 41.36
CA TYR B 184 10.75 74.86 40.07
C TYR B 184 11.36 73.48 40.04
N CYS B 185 12.06 73.10 41.12
CA CYS B 185 12.71 71.79 41.14
C CYS B 185 11.67 70.67 41.10
N LEU B 186 10.63 70.78 41.91
CA LEU B 186 9.58 69.77 41.91
C LEU B 186 8.84 69.74 40.58
N GLU B 187 8.65 70.91 39.95
CA GLU B 187 8.04 70.93 38.62
C GLU B 187 8.90 70.17 37.62
N GLN B 188 10.22 70.30 37.70
CA GLN B 188 11.06 69.51 36.82
C GLN B 188 10.94 68.01 37.12
N VAL B 189 10.93 67.65 38.40
CA VAL B 189 10.80 66.24 38.75
C VAL B 189 9.48 65.69 38.22
N LEU B 190 8.44 66.52 38.25
CA LEU B 190 7.18 66.19 37.61
C LEU B 190 7.34 66.05 36.10
N CYS B 191 8.20 66.88 35.50
CA CYS B 191 8.39 66.86 34.05
C CYS B 191 9.02 65.55 33.61
N ILE B 192 10.05 65.08 34.32
CA ILE B 192 10.73 63.85 33.91
C ILE B 192 9.83 62.64 34.14
N THR B 193 9.24 62.53 35.34
CA THR B 193 8.39 61.42 35.71
C THR B 193 6.92 61.87 35.63
N PRO B 194 6.20 61.62 34.53
CA PRO B 194 4.88 62.26 34.37
C PRO B 194 3.85 61.87 35.43
N PHE B 195 3.83 60.61 35.84
CA PHE B 195 2.78 60.08 36.72
C PHE B 195 3.26 59.90 38.15
N ASN B 196 4.31 60.61 38.55
CA ASN B 196 4.66 60.64 39.96
C ASN B 196 3.51 61.25 40.74
N TYR B 197 2.97 60.49 41.70
CA TYR B 197 1.84 60.94 42.50
C TYR B 197 2.25 61.47 43.86
N ALA B 198 3.55 61.43 44.19
CA ALA B 198 4.08 61.99 45.43
C ALA B 198 4.84 63.28 45.21
N CYS B 199 5.16 63.62 43.95
CA CYS B 199 5.71 64.94 43.64
C CYS B 199 4.62 66.00 43.56
N PHE B 200 3.35 65.60 43.43
CA PHE B 200 2.26 66.55 43.47
C PHE B 200 1.88 66.89 44.90
N GLY B 201 2.07 65.93 45.82
CA GLY B 201 1.82 66.19 47.22
C GLY B 201 2.88 67.12 47.77
N ARG B 202 4.14 66.90 47.39
CA ARG B 202 5.20 67.82 47.80
C ARG B 202 5.03 69.18 47.14
N LEU B 203 4.64 69.21 45.86
CA LEU B 203 4.48 70.48 45.17
C LEU B 203 3.25 71.25 45.66
N SER B 204 2.32 70.59 46.35
CA SER B 204 1.23 71.27 47.02
C SER B 204 1.60 71.69 48.44
N GLU B 205 2.35 70.84 49.16
CA GLU B 205 2.80 71.20 50.50
C GLU B 205 3.71 72.41 50.47
N THR B 206 4.61 72.48 49.48
CA THR B 206 5.51 73.64 49.41
C THR B 206 4.74 74.92 49.12
N LEU B 207 3.69 74.83 48.30
CA LEU B 207 2.87 76.01 48.06
C LEU B 207 2.08 76.40 49.31
N TYR B 208 1.60 75.41 50.06
CA TYR B 208 0.91 75.70 51.31
C TYR B 208 1.83 76.37 52.31
N TYR B 209 3.08 75.91 52.40
CA TYR B 209 4.04 76.54 53.29
C TYR B 209 4.38 77.95 52.82
N GLU B 210 4.47 78.15 51.51
CA GLU B 210 4.74 79.48 50.99
C GLU B 210 3.57 80.43 51.24
N ALA B 211 2.35 79.90 51.30
CA ALA B 211 1.18 80.73 51.51
C ALA B 211 1.05 81.22 52.93
N LEU B 212 1.48 80.42 53.91
CA LEU B 212 1.24 80.77 55.32
C LEU B 212 1.98 82.03 55.75
N ARG B 213 2.97 82.50 54.98
CA ARG B 213 3.70 83.73 55.28
C ARG B 213 3.51 84.79 54.21
N SER B 214 2.45 84.70 53.42
CA SER B 214 2.20 85.58 52.28
C SER B 214 1.11 86.60 52.63
N LYS B 215 0.82 87.47 51.67
CA LYS B 215 -0.28 88.42 51.77
C LYS B 215 -1.59 87.73 51.42
N LYS B 216 -2.70 88.43 51.64
CA LYS B 216 -4.00 87.78 51.54
C LYS B 216 -4.34 87.40 50.09
N GLN B 217 -4.07 88.29 49.13
CA GLN B 217 -4.32 87.94 47.74
C GLN B 217 -3.35 86.88 47.25
N THR B 218 -2.07 86.99 47.64
CA THR B 218 -1.12 85.95 47.31
C THR B 218 -1.44 84.66 48.06
N LYS B 219 -1.97 84.78 49.27
CA LYS B 219 -2.41 83.58 49.99
C LYS B 219 -3.53 82.88 49.24
N THR B 220 -4.50 83.65 48.72
CA THR B 220 -5.59 83.05 47.97
C THR B 220 -5.08 82.39 46.70
N GLU B 221 -4.17 83.06 45.98
CA GLU B 221 -3.61 82.47 44.77
C GLU B 221 -2.85 81.18 45.08
N LEU B 222 -2.05 81.20 46.15
CA LEU B 222 -1.23 80.03 46.45
C LEU B 222 -2.08 78.86 46.93
N LEU B 223 -3.14 79.13 47.69
CA LEU B 223 -4.01 78.05 48.12
C LEU B 223 -4.85 77.52 46.96
N GLU B 224 -5.24 78.39 46.02
CA GLU B 224 -5.89 77.91 44.80
C GLU B 224 -4.97 76.99 44.03
N LYS B 225 -3.70 77.38 43.88
CA LYS B 225 -2.75 76.53 43.16
C LYS B 225 -2.50 75.23 43.93
N ALA B 226 -2.52 75.28 45.26
CA ALA B 226 -2.36 74.07 46.05
C ALA B 226 -3.52 73.12 45.82
N LEU B 227 -4.75 73.64 45.71
CA LEU B 227 -5.87 72.77 45.37
C LEU B 227 -5.72 72.20 43.97
N LYS B 228 -5.31 73.02 43.01
CA LYS B 228 -5.21 72.52 41.64
C LYS B 228 -4.07 71.52 41.48
N ASN B 229 -3.08 71.52 42.38
CA ASN B 229 -2.00 70.54 42.35
C ASN B 229 -2.31 69.31 43.19
N ALA B 230 -3.10 69.45 44.25
CA ALA B 230 -3.49 68.29 45.06
C ALA B 230 -4.59 67.49 44.38
N LEU B 231 -5.40 68.12 43.52
CA LEU B 231 -6.41 67.36 42.82
C LEU B 231 -5.80 66.35 41.86
N ARG B 232 -4.55 66.55 41.42
CA ARG B 232 -3.91 65.54 40.61
C ARG B 232 -3.38 64.38 41.45
N SER B 233 -3.01 64.63 42.70
CA SER B 233 -2.71 63.52 43.59
C SER B 233 -3.97 62.75 43.94
N VAL B 234 -5.12 63.42 43.91
CA VAL B 234 -6.39 62.71 44.02
C VAL B 234 -6.67 61.91 42.75
N GLU B 235 -6.35 62.48 41.59
CA GLU B 235 -6.67 61.84 40.32
C GLU B 235 -5.73 60.70 39.96
N LEU B 236 -4.55 60.64 40.57
CA LEU B 236 -3.59 59.58 40.29
C LEU B 236 -3.54 58.50 41.36
N SER B 237 -4.25 58.66 42.47
CA SER B 237 -4.29 57.64 43.49
C SER B 237 -5.52 57.87 44.36
N GLU B 238 -6.15 56.77 44.80
CA GLU B 238 -7.35 56.85 45.61
C GLU B 238 -7.03 56.88 47.10
N LEU B 239 -6.26 55.90 47.58
CA LEU B 239 -5.96 55.78 49.00
C LEU B 239 -4.68 56.52 49.40
N TYR B 240 -4.20 57.45 48.56
CA TYR B 240 -3.04 58.24 48.92
C TYR B 240 -3.40 59.14 50.09
N LEU B 241 -2.69 58.96 51.21
CA LEU B 241 -3.08 59.64 52.45
C LEU B 241 -2.81 61.13 52.37
N LYS B 242 -1.62 61.52 51.93
CA LYS B 242 -1.21 62.91 52.09
C LYS B 242 -1.98 63.83 51.17
N GLY B 243 -2.34 63.36 49.97
CA GLY B 243 -3.12 64.20 49.08
C GLY B 243 -4.50 64.50 49.63
N TRP B 244 -5.17 63.47 50.14
CA TRP B 244 -6.49 63.68 50.72
C TRP B 244 -6.42 64.55 51.96
N ALA B 245 -5.41 64.32 52.81
CA ALA B 245 -5.27 65.14 54.01
C ALA B 245 -5.02 66.60 53.65
N LEU B 246 -4.21 66.84 52.63
CA LEU B 246 -3.89 68.21 52.25
C LEU B 246 -5.09 68.90 51.62
N VAL B 247 -5.84 68.20 50.78
CA VAL B 247 -7.05 68.77 50.20
C VAL B 247 -8.03 69.12 51.31
N ASN B 248 -8.22 68.20 52.26
CA ASN B 248 -9.14 68.45 53.36
C ASN B 248 -8.68 69.63 54.19
N ILE B 249 -7.38 69.74 54.45
CA ILE B 249 -6.89 70.79 55.32
C ILE B 249 -7.05 72.16 54.66
N ILE B 250 -6.70 72.27 53.38
CA ILE B 250 -6.79 73.58 52.74
C ILE B 250 -8.26 73.96 52.53
N SER B 251 -9.12 73.00 52.20
CA SER B 251 -10.52 73.34 52.04
C SER B 251 -11.17 73.69 53.37
N ARG B 252 -10.73 73.06 54.47
CA ARG B 252 -11.19 73.47 55.78
C ARG B 252 -10.71 74.88 56.11
N GLU B 253 -9.50 75.22 55.68
CA GLU B 253 -9.01 76.58 55.90
C GLU B 253 -9.84 77.59 55.14
N LEU B 254 -10.25 77.25 53.91
CA LEU B 254 -11.10 78.14 53.14
C LEU B 254 -12.56 78.01 53.57
N GLY B 255 -13.13 76.80 53.46
CA GLY B 255 -14.46 76.54 53.96
C GLY B 255 -15.60 77.06 53.11
N ARG B 256 -15.39 77.27 51.82
CA ARG B 256 -16.43 77.78 50.94
C ARG B 256 -17.42 76.64 50.61
N ASN B 257 -18.50 77.00 49.93
CA ASN B 257 -19.59 76.05 49.67
C ASN B 257 -19.13 74.87 48.83
N LYS B 258 -18.50 75.14 47.68
CA LYS B 258 -17.97 74.03 46.89
C LYS B 258 -16.70 73.45 47.52
N GLN B 259 -15.91 74.28 48.21
CA GLN B 259 -14.94 73.71 49.14
C GLN B 259 -15.59 72.89 50.24
N ASN B 260 -16.82 73.23 50.66
CA ASN B 260 -17.49 72.38 51.64
C ASN B 260 -17.92 71.05 51.04
N ASP B 261 -18.29 71.05 49.76
CA ASP B 261 -18.52 69.80 49.05
C ASP B 261 -17.25 68.96 49.01
N LEU B 262 -16.12 69.60 48.66
CA LEU B 262 -14.85 68.89 48.69
C LEU B 262 -14.49 68.43 50.09
N ILE B 263 -14.90 69.17 51.11
CA ILE B 263 -14.63 68.76 52.49
C ILE B 263 -15.41 67.50 52.82
N LYS B 264 -16.68 67.44 52.42
CA LYS B 264 -17.47 66.24 52.67
C LYS B 264 -16.87 65.04 51.95
N LEU B 265 -16.50 65.23 50.68
CA LEU B 265 -15.94 64.12 49.91
C LEU B 265 -14.60 63.68 50.49
N SER B 266 -13.74 64.63 50.87
CA SER B 266 -12.44 64.31 51.43
C SER B 266 -12.56 63.67 52.80
N ALA B 267 -13.57 64.06 53.59
CA ALA B 267 -13.79 63.42 54.88
C ALA B 267 -14.22 61.97 54.68
N SER B 268 -15.11 61.73 53.72
CA SER B 268 -15.50 60.36 53.42
C SER B 268 -14.29 59.53 52.97
N LYS B 269 -13.45 60.11 52.11
CA LYS B 269 -12.30 59.36 51.61
C LYS B 269 -11.25 59.15 52.69
N LEU B 270 -11.09 60.09 53.61
CA LEU B 270 -10.12 59.91 54.68
C LEU B 270 -10.63 58.91 55.73
N LYS B 271 -11.95 58.82 55.90
CA LYS B 271 -12.47 57.74 56.73
C LYS B 271 -12.34 56.40 56.02
N GLU B 272 -12.37 56.40 54.68
CA GLU B 272 -12.09 55.19 53.93
C GLU B 272 -10.64 54.76 54.12
N ILE B 273 -9.71 55.72 54.05
CA ILE B 273 -8.30 55.40 54.23
C ILE B 273 -8.05 54.92 55.65
N SER B 274 -8.62 55.60 56.64
CA SER B 274 -8.41 55.24 58.03
C SER B 274 -9.18 53.99 58.44
N ALA B 275 -10.00 53.43 57.55
CA ALA B 275 -10.52 52.09 57.75
C ALA B 275 -9.34 51.13 57.90
N LYS B 276 -9.55 50.10 58.70
CA LYS B 276 -8.42 49.31 59.19
C LYS B 276 -7.82 48.40 58.12
N SER B 277 -8.24 48.47 56.86
CA SER B 277 -7.50 47.78 55.80
C SER B 277 -6.07 48.29 55.72
N ASN B 278 -5.89 49.61 55.81
CA ASN B 278 -4.56 50.20 55.84
C ASN B 278 -3.99 50.14 57.26
N ASN B 279 -2.66 50.04 57.35
CA ASN B 279 -1.97 49.78 58.60
C ASN B 279 -0.97 50.89 58.88
N LYS B 280 -1.11 51.53 60.04
CA LYS B 280 -0.27 52.61 60.56
C LYS B 280 -0.37 53.90 59.78
N ASP B 281 -1.22 53.97 58.75
CA ASP B 281 -1.67 55.21 58.15
C ASP B 281 -3.04 55.63 58.67
N LYS B 282 -3.74 54.74 59.38
CA LYS B 282 -4.97 55.14 60.06
C LYS B 282 -4.68 56.10 61.20
N ILE B 283 -3.54 55.91 61.90
CA ILE B 283 -3.26 56.71 63.08
C ILE B 283 -2.92 58.14 62.72
N THR B 284 -2.46 58.41 61.49
CA THR B 284 -2.17 59.77 61.06
C THR B 284 -3.31 60.40 60.27
N ALA B 285 -4.31 59.62 59.84
CA ALA B 285 -5.50 60.16 59.21
C ALA B 285 -6.60 60.44 60.21
N GLU B 286 -6.83 59.53 61.16
CA GLU B 286 -7.91 59.72 62.12
C GLU B 286 -7.61 60.87 63.07
N LEU B 287 -6.34 61.10 63.40
CA LEU B 287 -6.00 62.24 64.23
C LEU B 287 -6.34 63.54 63.54
N ILE B 288 -6.01 63.66 62.25
CA ILE B 288 -6.32 64.89 61.52
C ILE B 288 -7.81 64.99 61.29
N LEU B 289 -8.53 63.87 61.25
CA LEU B 289 -9.97 63.92 61.07
C LEU B 289 -10.67 64.42 62.33
N ASN B 290 -10.39 63.79 63.48
CA ASN B 290 -11.14 64.05 64.69
C ASN B 290 -10.57 65.19 65.52
N LYS B 291 -9.34 65.62 65.27
CA LYS B 291 -8.78 66.75 66.02
C LYS B 291 -9.56 68.02 65.73
N ILE B 292 -9.74 68.33 64.45
CA ILE B 292 -10.44 69.54 64.03
C ILE B 292 -10.62 69.50 62.52
N LEU C 2 -5.07 2.83 2.46
CA LEU C 2 -3.69 2.38 2.56
C LEU C 2 -3.42 1.81 3.95
N LEU C 3 -2.25 1.17 4.10
CA LEU C 3 -1.84 0.58 5.37
C LEU C 3 -0.36 0.92 5.58
N ASP C 4 -0.11 2.02 6.28
CA ASP C 4 1.25 2.40 6.64
C ASP C 4 1.69 1.63 7.88
N ASP C 5 3.01 1.46 8.02
CA ASP C 5 3.59 0.54 9.00
C ASP C 5 4.67 1.17 9.88
N GLN C 6 4.22 1.77 10.99
CA GLN C 6 5.07 2.13 12.12
C GLN C 6 6.29 2.97 11.71
N LEU C 7 6.12 3.81 10.70
CA LEU C 7 7.05 4.89 10.40
C LEU C 7 6.55 6.22 10.91
N LYS C 8 5.46 6.22 11.69
CA LYS C 8 5.00 7.45 12.30
C LYS C 8 6.03 7.97 13.30
N TYR C 9 6.66 7.07 14.05
CA TYR C 9 7.53 7.49 15.14
C TYR C 9 8.78 8.18 14.59
N TRP C 10 9.54 7.46 13.77
CA TRP C 10 10.85 7.91 13.29
C TRP C 10 10.77 9.11 12.35
N VAL C 11 9.58 9.56 11.98
CA VAL C 11 9.40 10.75 11.15
C VAL C 11 8.75 11.88 11.92
N LEU C 12 7.67 11.60 12.65
CA LEU C 12 6.98 12.66 13.37
C LEU C 12 7.79 13.15 14.56
N LEU C 13 8.42 12.24 15.31
CA LEU C 13 9.06 12.66 16.55
C LEU C 13 10.38 13.38 16.28
N PRO C 14 11.27 12.84 15.43
CA PRO C 14 12.51 13.58 15.15
C PRO C 14 12.28 14.95 14.52
N ILE C 15 11.28 15.10 13.66
CA ILE C 15 11.05 16.40 13.04
C ILE C 15 10.62 17.42 14.08
N SER C 16 9.69 17.04 14.96
CA SER C 16 9.23 17.96 15.99
C SER C 16 10.37 18.31 16.94
N ILE C 17 11.17 17.32 17.32
CA ILE C 17 12.30 17.58 18.21
C ILE C 17 13.28 18.55 17.56
N VAL C 18 13.55 18.37 16.27
CA VAL C 18 14.53 19.21 15.60
C VAL C 18 13.99 20.64 15.47
N MET C 19 12.70 20.80 15.19
CA MET C 19 12.15 22.15 15.12
C MET C 19 12.18 22.84 16.48
N VAL C 20 11.87 22.11 17.56
CA VAL C 20 11.93 22.73 18.87
C VAL C 20 13.37 23.12 19.23
N LEU C 21 14.32 22.23 18.95
CA LEU C 21 15.70 22.50 19.34
C LEU C 21 16.31 23.62 18.51
N THR C 22 15.99 23.68 17.20
CA THR C 22 16.53 24.76 16.39
C THR C 22 15.85 26.09 16.72
N GLY C 23 14.59 26.06 17.17
CA GLY C 23 14.00 27.29 17.68
C GLY C 23 14.69 27.79 18.93
N VAL C 24 14.99 26.89 19.86
CA VAL C 24 15.70 27.28 21.06
C VAL C 24 17.09 27.82 20.72
N LEU C 25 17.80 27.15 19.81
CA LEU C 25 19.12 27.62 19.42
C LEU C 25 19.03 28.98 18.74
N LYS C 26 18.01 29.19 17.92
CA LYS C 26 17.83 30.50 17.29
C LYS C 26 17.64 31.57 18.34
N GLN C 27 16.83 31.30 19.37
CA GLN C 27 16.61 32.29 20.41
C GLN C 27 17.91 32.60 21.14
N TYR C 28 18.70 31.57 21.46
CA TYR C 28 19.95 31.81 22.19
C TYR C 28 20.94 32.57 21.34
N ILE C 29 21.04 32.24 20.05
CA ILE C 29 22.01 32.92 19.20
C ILE C 29 21.60 34.37 18.96
N MET C 30 20.30 34.63 18.82
CA MET C 30 19.86 36.02 18.71
C MET C 30 20.07 36.77 20.03
N THR C 31 20.07 36.07 21.16
CA THR C 31 20.40 36.72 22.42
C THR C 31 21.88 37.11 22.45
N LEU C 32 22.76 36.17 22.09
CA LEU C 32 24.19 36.44 22.19
C LEU C 32 24.64 37.47 21.15
N ILE C 33 24.13 37.36 19.92
CA ILE C 33 24.50 38.30 18.87
C ILE C 33 23.80 39.65 19.05
N THR C 34 22.58 39.64 19.59
CA THR C 34 21.73 40.81 19.76
C THR C 34 21.20 41.36 18.44
N GLY C 35 21.30 40.61 17.35
CA GLY C 35 20.77 41.04 16.07
C GLY C 35 21.46 42.27 15.52
N ALA C 41 29.78 59.82 20.63
CA ALA C 41 29.19 59.30 21.85
C ALA C 41 30.24 59.12 22.95
N GLN C 42 31.47 58.81 22.55
CA GLN C 42 32.51 58.56 23.55
C GLN C 42 32.82 59.80 24.40
N PRO C 43 32.92 61.01 23.85
CA PRO C 43 33.04 62.18 24.74
C PRO C 43 31.78 62.40 25.55
N ARG C 44 31.96 63.03 26.72
CA ARG C 44 30.82 63.40 27.54
C ARG C 44 29.93 64.42 26.82
N VAL C 45 30.50 65.24 25.94
CA VAL C 45 29.71 66.27 25.27
C VAL C 45 28.68 65.63 24.33
N LYS C 46 29.04 64.52 23.68
CA LYS C 46 28.12 63.89 22.75
C LYS C 46 26.89 63.37 23.47
N LEU C 47 27.08 62.60 24.54
CA LEU C 47 25.93 62.10 25.29
C LEU C 47 25.20 63.25 25.97
N THR C 48 25.90 64.31 26.36
CA THR C 48 25.25 65.47 26.93
C THR C 48 24.29 66.11 25.94
N GLU C 49 24.72 66.30 24.69
CA GLU C 49 23.84 66.92 23.71
C GLU C 49 22.69 65.99 23.34
N TRP C 50 22.95 64.69 23.24
CA TRP C 50 21.85 63.74 23.01
C TRP C 50 20.84 63.82 24.14
N GLN C 51 21.34 63.94 25.37
CA GLN C 51 20.47 64.05 26.55
C GLN C 51 19.63 65.33 26.50
N TYR C 52 20.24 66.45 26.10
CA TYR C 52 19.47 67.68 26.01
C TYR C 52 18.44 67.60 24.89
N LEU C 53 18.79 66.92 23.79
CA LEU C 53 17.82 66.70 22.73
C LEU C 53 16.63 65.90 23.24
N GLN C 54 16.90 64.84 24.00
CA GLN C 54 15.82 64.03 24.55
C GLN C 54 15.00 64.82 25.56
N TRP C 55 15.64 65.71 26.32
CA TRP C 55 14.90 66.56 27.25
C TRP C 55 13.95 67.47 26.51
N ALA C 56 14.40 68.03 25.37
CA ALA C 56 13.51 68.82 24.54
C ALA C 56 12.34 67.98 24.04
N GLN C 57 12.62 66.74 23.60
CA GLN C 57 11.56 65.86 23.13
C GLN C 57 10.52 65.59 24.21
N LEU C 58 10.98 65.30 25.43
CA LEU C 58 10.02 64.95 26.47
C LEU C 58 9.27 66.18 26.97
N LEU C 59 9.91 67.35 26.96
CA LEU C 59 9.18 68.56 27.33
C LEU C 59 8.20 68.97 26.23
N ILE C 60 8.43 68.55 24.99
CA ILE C 60 7.40 68.65 23.97
C ILE C 60 6.23 67.72 24.31
N GLY C 61 6.52 66.44 24.46
CA GLY C 61 5.48 65.44 24.63
C GLY C 61 5.11 65.14 26.07
N ASN C 62 6.12 64.88 26.91
CA ASN C 62 5.87 64.36 28.25
C ASN C 62 5.56 65.48 29.23
N GLY C 63 6.47 66.44 29.37
CA GLY C 63 6.36 67.50 30.34
C GLY C 63 5.60 68.72 29.90
N GLY C 64 5.04 68.72 28.69
CA GLY C 64 4.30 69.87 28.19
C GLY C 64 2.81 69.74 28.43
N ASN C 65 2.44 69.06 29.52
CA ASN C 65 1.04 68.78 29.83
C ASN C 65 0.59 69.40 31.14
N LEU C 66 1.36 69.26 32.21
CA LEU C 66 0.96 69.68 33.55
C LEU C 66 1.88 70.77 34.10
N SER C 67 2.48 71.56 33.21
CA SER C 67 3.42 72.63 33.56
C SER C 67 2.77 74.01 33.44
N SER C 68 1.49 74.09 33.81
CA SER C 68 0.61 75.20 33.42
C SER C 68 1.22 76.57 33.70
N ASP C 69 1.74 76.78 34.91
CA ASP C 69 2.38 78.04 35.23
C ASP C 69 3.76 78.11 34.57
N ALA C 70 4.48 77.00 34.52
CA ALA C 70 5.88 76.97 34.13
C ALA C 70 6.08 76.86 32.61
N PHE C 71 5.00 76.91 31.81
CA PHE C 71 5.17 76.82 30.36
C PHE C 71 6.00 77.98 29.83
N ALA C 72 5.73 79.20 30.30
CA ALA C 72 6.41 80.36 29.76
C ALA C 72 7.87 80.42 30.16
N ALA C 73 8.20 79.98 31.38
CA ALA C 73 9.56 80.16 31.90
C ALA C 73 10.57 79.24 31.21
N LYS C 74 10.13 78.06 30.77
CA LYS C 74 11.07 77.07 30.27
C LYS C 74 11.67 77.50 28.93
N LYS C 75 10.86 78.07 28.05
CA LYS C 75 11.24 78.19 26.64
C LYS C 75 12.45 79.10 26.45
N GLU C 76 12.62 80.11 27.29
CA GLU C 76 13.81 80.95 27.20
C GLU C 76 15.06 80.14 27.49
N PHE C 77 15.02 79.30 28.54
CA PHE C 77 16.17 78.48 28.86
C PHE C 77 16.44 77.46 27.76
N LEU C 78 15.37 76.87 27.21
CA LEU C 78 15.56 75.91 26.11
C LEU C 78 16.21 76.56 24.91
N VAL C 79 15.69 77.69 24.45
CA VAL C 79 16.22 78.29 23.23
C VAL C 79 17.61 78.85 23.47
N LYS C 80 17.91 79.32 24.69
CA LYS C 80 19.23 79.89 24.94
C LYS C 80 20.28 78.79 25.04
N ASP C 81 19.96 77.66 25.68
CA ASP C 81 20.94 76.59 25.78
C ASP C 81 21.11 75.89 24.43
N LEU C 82 20.01 75.65 23.71
CA LEU C 82 20.12 74.99 22.41
C LEU C 82 20.74 75.93 21.38
N THR C 83 20.32 77.19 21.37
CA THR C 83 20.84 78.18 20.42
C THR C 83 20.92 79.55 21.07
N ASN C 122 15.20 38.87 5.11
CA ASN C 122 15.18 38.45 6.50
C ASN C 122 16.07 37.23 6.71
N MET C 123 17.28 37.46 7.24
CA MET C 123 18.21 36.35 7.46
C MET C 123 17.67 35.37 8.49
N ALA C 124 16.99 35.89 9.52
CA ALA C 124 16.41 35.03 10.55
C ALA C 124 15.35 34.11 9.95
N SER C 125 14.57 34.62 9.00
CA SER C 125 13.61 33.78 8.31
C SER C 125 14.29 32.87 7.30
N PHE C 126 15.28 33.39 6.57
CA PHE C 126 15.78 32.67 5.39
C PHE C 126 16.70 31.52 5.77
N ILE C 127 17.52 31.65 6.81
CA ILE C 127 18.51 30.61 7.08
C ILE C 127 17.85 29.31 7.54
N PRO C 128 17.12 29.31 8.66
CA PRO C 128 16.75 28.01 9.25
C PRO C 128 15.65 27.29 8.49
N GLN C 129 14.72 28.02 7.86
CA GLN C 129 13.65 27.32 7.14
C GLN C 129 14.21 26.63 5.91
N THR C 130 15.12 27.29 5.17
CA THR C 130 15.77 26.62 4.06
C THR C 130 16.59 25.42 4.52
N ILE C 131 17.30 25.57 5.65
CA ILE C 131 18.10 24.45 6.14
C ILE C 131 17.19 23.27 6.48
N ILE C 132 16.04 23.53 7.09
CA ILE C 132 15.15 22.45 7.48
C ILE C 132 14.49 21.81 6.26
N MET C 133 14.11 22.62 5.26
CA MET C 133 13.59 22.04 4.03
C MET C 133 14.62 21.14 3.37
N TRP C 134 15.88 21.58 3.37
CA TRP C 134 16.96 20.78 2.79
C TRP C 134 17.09 19.45 3.54
N TRP C 135 17.11 19.50 4.86
CA TRP C 135 17.27 18.28 5.65
C TRP C 135 16.08 17.34 5.45
N VAL C 136 14.87 17.88 5.43
CA VAL C 136 13.67 17.06 5.29
C VAL C 136 13.64 16.40 3.92
N ASN C 137 13.96 17.15 2.86
CA ASN C 137 13.92 16.57 1.52
C ASN C 137 15.06 15.57 1.33
N HIS C 138 16.16 15.73 2.06
CA HIS C 138 17.21 14.72 1.99
C HIS C 138 16.80 13.43 2.68
N PHE C 139 16.49 13.51 3.98
CA PHE C 139 16.33 12.27 4.74
C PHE C 139 14.99 11.59 4.47
N PHE C 140 13.94 12.36 4.27
CA PHE C 140 12.56 11.85 4.18
C PHE C 140 12.02 12.14 2.79
N ALA C 141 12.20 11.19 1.87
CA ALA C 141 11.71 11.31 0.50
C ALA C 141 11.04 10.02 0.07
N GLY C 142 10.06 10.17 -0.81
CA GLY C 142 9.36 9.01 -1.37
C GLY C 142 8.61 8.18 -0.35
N PHE C 143 7.91 8.84 0.59
CA PHE C 143 7.16 8.17 1.64
C PHE C 143 5.75 8.72 1.66
N ILE C 144 4.84 7.94 2.25
CA ILE C 144 3.53 8.40 2.67
C ILE C 144 3.52 8.32 4.19
N LEU C 145 3.34 9.47 4.84
CA LEU C 145 3.48 9.58 6.28
C LEU C 145 2.17 9.45 7.04
N MET C 146 1.10 10.06 6.54
CA MET C 146 -0.18 10.07 7.24
C MET C 146 -1.23 10.60 6.28
N GLN C 147 -2.48 10.63 6.76
CA GLN C 147 -3.56 11.32 6.07
C GLN C 147 -4.07 12.45 6.97
N LEU C 148 -4.24 13.63 6.39
CA LEU C 148 -4.77 14.75 7.13
C LEU C 148 -6.26 14.52 7.42
N PRO C 149 -6.79 15.10 8.50
CA PRO C 149 -8.22 14.90 8.77
C PRO C 149 -9.16 15.76 7.93
N PHE C 150 -8.65 16.74 7.18
CA PHE C 150 -9.49 17.67 6.41
C PHE C 150 -9.14 17.61 4.92
N PRO C 151 -10.13 17.65 4.03
CA PRO C 151 -9.84 17.47 2.59
C PRO C 151 -9.35 18.76 1.94
N LEU C 152 -8.11 18.72 1.45
CA LEU C 152 -7.54 19.81 0.66
C LEU C 152 -7.98 19.71 -0.80
N THR C 153 -7.53 20.65 -1.62
CA THR C 153 -7.77 20.66 -3.06
C THR C 153 -6.55 20.15 -3.82
N ALA C 154 -6.74 19.90 -5.12
CA ALA C 154 -5.80 19.06 -5.86
C ALA C 154 -4.44 19.72 -6.04
N LYS C 155 -4.37 21.05 -6.06
CA LYS C 155 -3.06 21.68 -6.13
C LYS C 155 -2.25 21.39 -4.87
N PHE C 156 -2.91 21.13 -3.75
CA PHE C 156 -2.18 20.67 -2.58
C PHE C 156 -1.68 19.24 -2.78
N LYS C 157 -2.39 18.42 -3.55
CA LYS C 157 -1.83 17.13 -3.92
C LYS C 157 -0.57 17.32 -4.74
N GLU C 158 -0.56 18.33 -5.62
CA GLU C 158 0.66 18.62 -6.36
C GLU C 158 1.79 19.04 -5.43
N MET C 159 1.49 19.91 -4.45
CA MET C 159 2.54 20.46 -3.61
C MET C 159 3.08 19.44 -2.60
N LEU C 160 2.20 18.64 -2.00
CA LEU C 160 2.53 17.88 -0.80
C LEU C 160 3.08 16.48 -1.08
N GLN C 161 2.70 15.87 -2.20
CA GLN C 161 3.01 14.46 -2.50
C GLN C 161 4.19 14.33 -3.44
N THR C 162 5.19 15.22 -3.32
CA THR C 162 6.33 15.20 -4.22
C THR C 162 7.03 13.85 -4.25
N GLY C 163 7.00 13.10 -3.15
CA GLY C 163 7.72 11.84 -3.10
C GLY C 163 7.19 10.80 -4.07
N ILE C 164 5.87 10.76 -4.26
CA ILE C 164 5.20 9.65 -4.93
C ILE C 164 4.84 10.07 -6.36
N ILE C 165 4.87 9.10 -7.27
CA ILE C 165 4.66 9.34 -8.70
C ILE C 165 3.34 8.73 -9.17
N CYS C 166 2.38 8.53 -8.26
CA CYS C 166 1.06 8.07 -8.63
C CYS C 166 0.26 9.24 -9.21
N GLN C 167 -0.98 8.97 -9.61
CA GLN C 167 -1.81 9.95 -10.29
C GLN C 167 -3.22 10.07 -9.75
N ASP C 168 -3.70 9.14 -8.93
CA ASP C 168 -5.05 9.23 -8.37
C ASP C 168 -5.08 8.82 -6.90
N LEU C 169 -3.97 8.96 -6.17
CA LEU C 169 -3.90 8.41 -4.82
C LEU C 169 -4.92 9.04 -3.89
N ASP C 170 -4.77 10.33 -3.59
CA ASP C 170 -5.77 11.16 -2.94
C ASP C 170 -5.15 12.55 -2.83
N VAL C 171 -5.97 13.50 -2.38
CA VAL C 171 -5.43 14.75 -1.87
C VAL C 171 -5.14 14.67 -0.36
N ARG C 172 -5.83 13.79 0.35
CA ARG C 172 -5.70 13.75 1.81
C ARG C 172 -4.47 13.02 2.29
N TRP C 173 -3.79 12.25 1.44
CA TRP C 173 -2.60 11.50 1.82
C TRP C 173 -1.37 12.31 1.43
N VAL C 174 -0.46 12.49 2.38
CA VAL C 174 0.60 13.48 2.29
C VAL C 174 1.94 12.83 2.56
N SER C 175 2.99 13.42 1.99
CA SER C 175 4.36 12.99 2.23
C SER C 175 4.84 13.64 3.53
N SER C 176 6.13 13.53 3.82
CA SER C 176 6.63 14.02 5.10
C SER C 176 6.70 15.54 5.15
N ILE C 177 6.86 16.20 4.00
CA ILE C 177 7.07 17.64 4.00
C ILE C 177 5.86 18.37 4.54
N SER C 178 4.67 17.79 4.39
CA SER C 178 3.47 18.42 4.91
C SER C 178 3.55 18.58 6.41
N TRP C 179 4.18 17.63 7.11
CA TRP C 179 4.31 17.75 8.55
C TRP C 179 5.16 18.96 8.93
N TYR C 180 6.09 19.35 8.07
CA TYR C 180 6.81 20.59 8.31
C TYR C 180 5.92 21.79 8.00
N PHE C 181 5.12 21.71 6.94
CA PHE C 181 4.32 22.86 6.51
C PHE C 181 3.28 23.24 7.56
N ILE C 182 2.86 22.28 8.37
CA ILE C 182 1.99 22.60 9.50
C ILE C 182 2.81 22.99 10.71
N SER C 183 3.93 22.31 10.95
CA SER C 183 4.66 22.53 12.19
C SER C 183 5.29 23.91 12.24
N VAL C 184 5.50 24.55 11.09
CA VAL C 184 5.96 25.93 11.10
C VAL C 184 4.89 26.85 11.68
N LEU C 185 3.63 26.65 11.27
CA LEU C 185 2.59 27.58 11.69
C LEU C 185 2.20 27.36 13.14
N GLY C 186 2.10 26.11 13.57
CA GLY C 186 1.49 25.75 14.83
C GLY C 186 2.42 25.63 16.02
N LEU C 187 3.70 25.94 15.88
CA LEU C 187 4.65 25.75 16.96
C LEU C 187 4.73 26.94 17.92
N ASN C 188 3.98 28.01 17.66
CA ASN C 188 4.03 29.17 18.57
C ASN C 188 3.55 28.84 19.97
N PRO C 189 2.41 28.15 20.17
CA PRO C 189 2.02 27.81 21.54
C PRO C 189 3.02 26.92 22.26
N VAL C 190 3.68 26.00 21.56
CA VAL C 190 4.65 25.15 22.23
C VAL C 190 5.86 25.96 22.67
N TYR C 191 6.33 26.88 21.82
CA TYR C 191 7.43 27.74 22.20
C TYR C 191 7.06 28.61 23.40
N ASN C 192 5.81 29.11 23.42
CA ASN C 192 5.37 29.88 24.58
C ASN C 192 5.35 29.02 25.85
N LEU C 193 4.85 27.80 25.75
CA LEU C 193 4.65 27.00 26.94
C LEU C 193 5.96 26.50 27.53
N ILE C 194 6.90 26.06 26.67
CA ILE C 194 8.18 25.59 27.19
C ILE C 194 8.96 26.70 27.85
N GLY C 195 8.67 27.96 27.51
CA GLY C 195 9.27 29.12 28.14
C GLY C 195 10.25 29.80 27.22
N LEU C 196 9.82 30.90 26.61
CA LEU C 196 10.64 31.70 25.74
C LEU C 196 10.05 33.11 25.71
N ASN C 197 10.89 34.08 25.38
CA ASN C 197 10.49 35.47 25.44
C ASN C 197 11.19 36.24 24.34
N ASP C 198 10.68 37.45 24.08
CA ASP C 198 11.25 38.33 23.07
C ASP C 198 12.23 39.30 23.71
N GLN C 220 23.59 70.64 12.21
CA GLN C 220 22.76 69.65 11.53
C GLN C 220 21.64 69.19 12.46
N VAL C 221 22.01 68.73 13.65
CA VAL C 221 21.02 68.28 14.63
C VAL C 221 20.45 69.45 15.42
N ASP C 222 21.23 70.51 15.63
CA ASP C 222 20.78 71.60 16.49
C ASP C 222 19.70 72.43 15.82
N LYS C 223 19.83 72.67 14.51
CA LYS C 223 18.92 73.57 13.81
C LYS C 223 17.49 73.03 13.82
N ALA C 224 17.34 71.72 13.64
CA ALA C 224 16.00 71.15 13.54
C ALA C 224 15.27 71.27 14.87
N MET C 225 15.90 70.84 15.96
CA MET C 225 15.22 70.93 17.24
C MET C 225 15.10 72.37 17.73
N HIS C 226 15.96 73.27 17.25
CA HIS C 226 15.73 74.70 17.53
C HIS C 226 14.51 75.20 16.79
N ALA C 227 14.31 74.74 15.56
CA ALA C 227 13.10 75.11 14.82
C ALA C 227 11.85 74.60 15.52
N MET C 228 11.88 73.37 16.03
CA MET C 228 10.73 72.88 16.80
C MET C 228 10.59 73.60 18.13
N ALA C 229 11.71 74.06 18.71
CA ALA C 229 11.64 74.87 19.93
C ALA C 229 10.93 76.18 19.67
N ASN C 230 11.21 76.81 18.53
CA ASN C 230 10.48 78.02 18.14
C ASN C 230 9.04 77.69 17.76
N ASP C 231 8.78 76.48 17.29
CA ASP C 231 7.41 76.10 16.92
C ASP C 231 6.54 75.89 18.16
N LEU C 232 7.10 75.31 19.22
CA LEU C 232 6.32 74.87 20.36
C LEU C 232 6.02 75.99 21.36
N THR C 233 6.23 77.26 21.00
CA THR C 233 6.09 78.33 21.98
C THR C 233 4.64 78.50 22.42
N ILE C 234 3.72 78.58 21.47
CA ILE C 234 2.30 78.82 21.75
C ILE C 234 1.46 77.75 21.05
N ILE C 235 2.07 76.61 20.70
CA ILE C 235 1.34 75.61 19.93
C ILE C 235 0.18 75.05 20.75
N GLN C 236 0.43 74.69 22.01
CA GLN C 236 -0.60 74.14 22.87
C GLN C 236 -0.18 74.38 24.31
N HIS C 237 -0.94 75.19 25.03
CA HIS C 237 -0.85 75.27 26.49
C HIS C 237 -1.98 74.42 27.04
N GLU C 238 -1.63 73.28 27.63
CA GLU C 238 -2.64 72.28 27.93
C GLU C 238 -3.51 72.73 29.11
N THR C 239 -4.81 72.53 28.96
CA THR C 239 -5.79 72.90 30.00
C THR C 239 -5.76 71.87 31.12
N CYS C 240 -4.67 71.91 31.89
CA CYS C 240 -4.48 71.04 33.05
C CYS C 240 -4.09 71.90 34.24
N LEU C 241 -4.42 71.41 35.43
CA LEU C 241 -4.34 72.15 36.68
C LEU C 241 -5.32 73.34 36.71
N ASP C 242 -6.30 73.35 35.81
CA ASP C 242 -7.44 74.27 35.86
C ASP C 242 -8.78 73.56 35.90
N ASN C 243 -8.95 72.48 35.13
CA ASN C 243 -10.19 71.72 35.05
C ASN C 243 -10.20 70.52 35.98
N VAL C 244 -9.17 70.35 36.82
CA VAL C 244 -9.00 69.08 37.52
C VAL C 244 -10.07 68.90 38.58
N GLU C 245 -10.60 69.99 39.13
CA GLU C 245 -11.66 69.88 40.12
C GLU C 245 -12.92 69.29 39.50
N GLN C 246 -13.23 69.67 38.26
CA GLN C 246 -14.38 69.11 37.57
C GLN C 246 -14.22 67.60 37.39
N ARG C 247 -13.02 67.16 36.99
CA ARG C 247 -12.83 65.74 36.71
C ARG C 247 -12.77 64.91 37.99
N VAL C 248 -12.26 65.49 39.08
CA VAL C 248 -12.33 64.80 40.37
C VAL C 248 -13.79 64.70 40.81
N LEU C 249 -14.56 65.76 40.65
CA LEU C 249 -15.98 65.73 40.95
C LEU C 249 -16.79 65.02 39.86
N LYS C 250 -16.18 64.70 38.72
CA LYS C 250 -16.83 63.86 37.72
C LYS C 250 -16.82 62.39 38.10
N GLN C 251 -15.97 61.99 39.05
CA GLN C 251 -15.86 60.61 39.49
C GLN C 251 -15.74 60.61 41.01
N TYR C 252 -15.44 59.46 41.59
CA TYR C 252 -15.36 59.28 43.05
C TYR C 252 -16.67 59.63 43.74
N MET C 253 -17.79 59.52 43.03
CA MET C 253 -19.10 59.80 43.61
C MET C 253 -19.57 58.63 44.45
N GLU D 8 3.94 58.30 57.91
CA GLU D 8 4.21 59.68 57.51
C GLU D 8 3.69 60.66 58.56
N TRP D 9 3.78 60.25 59.83
CA TRP D 9 3.27 61.08 60.91
C TRP D 9 4.00 62.41 61.02
N ALA D 10 5.30 62.44 60.70
CA ALA D 10 6.10 63.64 60.93
C ALA D 10 5.61 64.81 60.08
N LYS D 11 5.39 64.58 58.79
CA LYS D 11 4.95 65.67 57.92
C LYS D 11 3.53 66.10 58.25
N HIS D 12 2.68 65.13 58.64
CA HIS D 12 1.33 65.49 59.09
C HIS D 12 1.38 66.40 60.30
N LEU D 13 2.23 66.07 61.28
CA LEU D 13 2.35 66.91 62.47
C LEU D 13 2.88 68.30 62.11
N LEU D 14 3.90 68.36 61.25
CA LEU D 14 4.50 69.65 60.91
C LEU D 14 3.60 70.48 60.00
N ASP D 15 2.63 69.85 59.33
CA ASP D 15 1.73 70.59 58.44
C ASP D 15 0.45 71.02 59.13
N THR D 16 -0.07 70.21 60.06
CA THR D 16 -1.33 70.55 60.72
C THR D 16 -1.19 71.80 61.57
N LYS D 17 -0.08 71.93 62.29
CA LYS D 17 0.14 73.07 63.16
C LYS D 17 0.67 74.24 62.34
N TYR D 18 1.09 75.31 63.01
CA TYR D 18 1.55 76.54 62.38
C TYR D 18 3.04 76.73 62.64
N ILE D 19 3.77 77.06 61.58
CA ILE D 19 5.19 77.40 61.68
C ILE D 19 5.45 78.58 60.75
N GLU D 20 6.29 79.52 61.22
CA GLU D 20 6.57 80.76 60.50
C GLU D 20 8.07 81.06 60.51
N LYS D 21 8.89 80.03 60.35
CA LYS D 21 10.34 80.14 60.40
C LYS D 21 10.92 79.97 59.00
N TYR D 22 11.91 80.80 58.67
CA TYR D 22 12.56 80.75 57.38
C TYR D 22 13.94 81.39 57.49
N ASN D 23 14.79 81.07 56.52
CA ASN D 23 16.13 81.66 56.47
C ASN D 23 16.51 81.79 54.99
N ILE D 24 16.31 82.99 54.43
CA ILE D 24 16.64 83.22 53.03
C ILE D 24 18.14 83.05 52.81
N GLN D 25 18.95 83.48 53.77
CA GLN D 25 20.39 83.35 53.68
C GLN D 25 20.81 81.89 53.63
N MET D 141 -14.14 57.50 8.94
CA MET D 141 -13.36 56.37 9.43
C MET D 141 -13.54 55.14 8.54
N PHE D 142 -14.57 55.14 7.68
CA PHE D 142 -14.79 54.00 6.80
C PHE D 142 -13.71 53.88 5.73
N MET D 143 -12.91 54.92 5.52
CA MET D 143 -11.81 54.83 4.56
C MET D 143 -10.81 53.78 5.02
N TYR D 144 -10.58 53.69 6.34
CA TYR D 144 -9.67 52.67 6.85
C TYR D 144 -10.23 51.28 6.60
N ILE D 145 -11.53 51.09 6.79
CA ILE D 145 -12.14 49.79 6.56
C ILE D 145 -12.04 49.41 5.09
N VAL D 146 -12.32 50.35 4.19
CA VAL D 146 -12.28 50.02 2.76
C VAL D 146 -10.84 49.74 2.33
N PHE D 147 -9.88 50.53 2.81
CA PHE D 147 -8.50 50.30 2.45
C PHE D 147 -8.00 48.95 2.97
N GLN D 148 -8.36 48.59 4.20
CA GLN D 148 -7.96 47.29 4.72
C GLN D 148 -8.67 46.16 3.97
N GLY D 149 -9.88 46.42 3.48
CA GLY D 149 -10.51 45.44 2.62
C GLY D 149 -9.77 45.25 1.32
N VAL D 150 -9.26 46.34 0.75
CA VAL D 150 -8.46 46.22 -0.47
C VAL D 150 -7.17 45.45 -0.19
N LEU D 151 -6.57 45.66 0.99
CA LEU D 151 -5.36 44.93 1.35
C LEU D 151 -5.65 43.48 1.69
N MET D 152 -6.89 43.16 2.09
CA MET D 152 -7.30 41.78 2.30
C MET D 152 -7.64 41.10 0.97
N TYR D 153 -8.08 41.88 -0.02
CA TYR D 153 -8.53 41.31 -1.29
C TYR D 153 -7.40 41.19 -2.31
N ILE D 154 -6.33 41.98 -2.18
CA ILE D 154 -5.19 41.83 -3.07
C ILE D 154 -4.55 40.45 -2.88
N GLY D 155 -4.44 39.99 -1.64
CA GLY D 155 -3.88 38.67 -1.40
C GLY D 155 -4.73 37.57 -2.00
N TYR D 156 -6.05 37.69 -1.88
CA TYR D 156 -6.93 36.70 -2.49
C TYR D 156 -6.79 36.70 -4.01
N ARG D 157 -6.82 37.87 -4.63
CA ARG D 157 -6.81 37.94 -6.09
C ARG D 157 -5.48 37.46 -6.65
N LYS D 158 -4.37 37.89 -6.06
CA LYS D 158 -3.08 37.77 -6.72
C LYS D 158 -2.41 36.41 -6.49
N LEU D 159 -2.51 35.86 -5.28
CA LEU D 159 -1.68 34.72 -4.87
C LEU D 159 -2.47 33.47 -4.49
N ASN D 160 -3.62 33.60 -3.83
CA ASN D 160 -4.42 32.42 -3.53
C ASN D 160 -5.31 32.00 -4.70
N SER D 161 -5.53 32.87 -5.67
CA SER D 161 -6.36 32.55 -6.82
C SER D 161 -5.57 31.93 -7.97
N MET D 162 -4.28 31.66 -7.81
CA MET D 162 -3.54 31.02 -8.89
C MET D 162 -4.07 29.61 -9.15
N GLY D 163 -4.03 28.74 -8.15
CA GLY D 163 -4.67 27.44 -8.26
C GLY D 163 -5.29 26.88 -6.99
N LEU D 164 -5.35 27.67 -5.91
CA LEU D 164 -5.64 27.13 -4.59
C LEU D 164 -7.03 27.47 -4.08
N ILE D 165 -7.97 27.78 -4.97
CA ILE D 165 -9.34 28.13 -4.56
C ILE D 165 -10.35 27.30 -5.36
N PRO D 166 -11.44 26.79 -4.73
CA PRO D 166 -12.49 26.10 -5.50
C PRO D 166 -13.34 27.07 -6.31
N ASN D 167 -14.42 26.56 -6.94
CA ASN D 167 -15.20 27.03 -8.11
C ASN D 167 -14.57 26.65 -9.44
N ALA D 168 -13.55 25.81 -9.45
CA ALA D 168 -13.17 25.06 -10.64
C ALA D 168 -13.94 23.74 -10.69
N LYS D 169 -14.15 23.23 -11.89
CA LYS D 169 -14.84 21.95 -12.02
C LYS D 169 -13.95 20.78 -11.60
N GLY D 170 -12.64 20.96 -11.62
CA GLY D 170 -11.73 19.93 -11.17
C GLY D 170 -11.59 19.81 -9.67
N ASP D 171 -12.35 20.58 -8.88
CA ASP D 171 -12.32 20.52 -7.44
C ASP D 171 -13.54 19.85 -6.83
N TRP D 172 -14.66 19.79 -7.54
CA TRP D 172 -15.83 19.05 -7.10
C TRP D 172 -15.91 17.66 -7.72
N LEU D 173 -14.84 17.21 -8.38
CA LEU D 173 -14.83 15.85 -8.92
C LEU D 173 -14.96 14.78 -7.84
N PRO D 174 -14.33 14.87 -6.65
CA PRO D 174 -14.46 13.77 -5.68
C PRO D 174 -15.79 13.68 -4.97
N TRP D 175 -16.78 14.48 -5.38
CA TRP D 175 -18.12 14.48 -4.82
C TRP D 175 -19.16 14.31 -5.93
N GLU D 176 -18.91 13.36 -6.83
CA GLU D 176 -19.78 13.06 -7.95
C GLU D 176 -20.06 11.57 -8.00
N ARG D 177 -21.18 11.22 -8.64
CA ARG D 177 -21.75 9.88 -8.58
C ARG D 177 -21.36 9.07 -9.83
N ILE D 178 -21.85 7.83 -9.88
CA ILE D 178 -21.37 6.82 -10.83
C ILE D 178 -22.41 6.44 -11.88
N ALA D 179 -23.69 6.66 -11.62
CA ALA D 179 -24.84 6.41 -12.49
C ALA D 179 -25.28 4.95 -12.61
N HIS D 180 -24.57 3.98 -12.03
CA HIS D 180 -25.13 2.66 -11.72
C HIS D 180 -25.69 1.98 -12.98
N TYR D 181 -24.79 1.70 -13.93
CA TYR D 181 -25.19 1.43 -15.30
C TYR D 181 -26.20 0.29 -15.41
N ASN D 182 -25.82 -0.91 -15.00
CA ASN D 182 -26.66 -2.06 -15.37
C ASN D 182 -27.87 -2.20 -14.45
N ASN D 183 -27.64 -2.43 -13.16
CA ASN D 183 -28.69 -2.41 -12.13
C ASN D 183 -29.64 -3.60 -12.17
N GLY D 184 -29.53 -4.47 -13.18
CA GLY D 184 -30.32 -5.69 -13.23
C GLY D 184 -29.61 -6.89 -13.83
N LEU D 185 -28.31 -6.77 -14.10
CA LEU D 185 -27.60 -7.70 -14.98
C LEU D 185 -26.30 -8.12 -14.32
N GLN D 186 -25.77 -9.26 -14.75
CA GLN D 186 -24.53 -9.81 -14.20
C GLN D 186 -23.39 -9.84 -15.20
N TRP D 187 -23.58 -10.47 -16.36
CA TRP D 187 -22.54 -10.57 -17.39
C TRP D 187 -21.28 -11.25 -16.86
N PHE D 188 -21.42 -12.53 -16.52
CA PHE D 188 -20.22 -13.35 -16.37
C PHE D 188 -19.65 -13.66 -17.75
N SER D 189 -18.40 -14.13 -17.77
CA SER D 189 -17.74 -14.45 -19.03
C SER D 189 -16.53 -15.33 -18.74
N ASP D 190 -15.76 -15.62 -19.78
CA ASP D 190 -14.54 -16.40 -19.63
C ASP D 190 -13.52 -15.64 -18.80
N SER E 2 1.82 18.63 47.79
CA SER E 2 1.34 19.01 46.47
C SER E 2 -0.10 19.50 46.54
N PHE E 3 -0.32 20.74 46.13
CA PHE E 3 -1.66 21.32 46.15
C PHE E 3 -2.36 20.96 44.84
N VAL E 4 -3.55 21.51 44.63
CA VAL E 4 -4.49 20.91 43.68
C VAL E 4 -4.00 21.01 42.24
N SER E 5 -3.22 22.04 41.90
CA SER E 5 -2.91 22.26 40.50
C SER E 5 -1.96 21.20 39.96
N LYS E 6 -0.87 20.92 40.68
CA LYS E 6 0.08 19.92 40.21
C LYS E 6 -0.51 18.51 40.30
N LEU E 7 -1.33 18.27 41.33
CA LEU E 7 -2.05 17.01 41.43
C LEU E 7 -2.91 16.80 40.19
N LEU E 8 -3.68 17.82 39.80
CA LEU E 8 -4.55 17.66 38.65
C LEU E 8 -3.75 17.57 37.35
N TYR E 9 -2.58 18.23 37.25
CA TYR E 9 -1.72 18.01 36.09
C TYR E 9 -1.29 16.56 35.99
N THR E 10 -0.79 15.98 37.09
CA THR E 10 -0.28 14.62 37.01
C THR E 10 -1.41 13.62 36.74
N VAL E 11 -2.56 13.83 37.37
CA VAL E 11 -3.67 12.93 37.15
C VAL E 11 -4.20 13.06 35.72
N SER E 12 -4.25 14.29 35.20
CA SER E 12 -4.70 14.50 33.84
C SER E 12 -3.75 13.85 32.84
N ALA E 13 -2.45 13.96 33.08
CA ALA E 13 -1.48 13.34 32.20
C ALA E 13 -1.64 11.83 32.19
N LEU E 14 -1.80 11.23 33.38
CA LEU E 14 -1.93 9.78 33.44
C LEU E 14 -3.22 9.31 32.77
N VAL E 15 -4.33 10.04 33.01
CA VAL E 15 -5.61 9.62 32.45
C VAL E 15 -5.59 9.79 30.93
N LEU E 16 -5.01 10.88 30.44
CA LEU E 16 -4.99 11.11 29.00
C LEU E 16 -4.08 10.09 28.31
N PHE E 17 -2.94 9.75 28.91
CA PHE E 17 -2.09 8.74 28.30
C PHE E 17 -2.79 7.39 28.28
N HIS E 18 -3.48 7.04 29.37
CA HIS E 18 -4.19 5.76 29.41
C HIS E 18 -5.28 5.72 28.34
N SER E 19 -6.06 6.80 28.22
CA SER E 19 -7.12 6.83 27.22
C SER E 19 -6.54 6.80 25.81
N GLY E 20 -5.40 7.45 25.60
CA GLY E 20 -4.79 7.43 24.29
C GLY E 20 -4.29 6.05 23.92
N PHE E 21 -3.69 5.34 24.87
CA PHE E 21 -3.24 3.98 24.58
C PHE E 21 -4.43 3.06 24.34
N SER E 22 -5.50 3.22 25.10
CA SER E 22 -6.67 2.36 24.89
C SER E 22 -7.31 2.64 23.53
N SER E 23 -7.34 3.90 23.10
CA SER E 23 -7.88 4.20 21.78
C SER E 23 -6.95 3.72 20.68
N TYR E 24 -5.63 3.75 20.93
CA TYR E 24 -4.67 3.18 20.00
C TYR E 24 -4.96 1.69 19.80
N GLU E 25 -5.15 0.98 20.91
CA GLU E 25 -5.41 -0.46 20.82
C GLU E 25 -6.74 -0.72 20.12
N PHE E 26 -7.79 0.04 20.44
CA PHE E 26 -9.10 -0.25 19.88
C PHE E 26 -9.15 0.08 18.39
N HIS E 27 -8.49 1.16 17.96
CA HIS E 27 -8.52 1.54 16.56
C HIS E 27 -7.50 0.78 15.73
N HIS E 28 -6.53 0.11 16.36
CA HIS E 28 -5.62 -0.73 15.59
C HIS E 28 -6.27 -2.05 15.21
N LEU E 29 -7.06 -2.63 16.12
CA LEU E 29 -7.75 -3.89 15.87
C LEU E 29 -9.15 -3.68 15.30
N LEU E 30 -9.41 -2.53 14.68
CA LEU E 30 -10.57 -2.34 13.82
C LEU E 30 -10.18 -2.38 12.34
N LYS E 31 -8.90 -2.21 12.02
CA LYS E 31 -8.37 -2.43 10.67
C LYS E 31 -7.71 -3.79 10.54
N LEU E 32 -6.93 -4.20 11.54
CA LEU E 32 -6.36 -5.55 11.53
C LEU E 32 -7.45 -6.60 11.57
N ASN E 33 -8.45 -6.41 12.44
CA ASN E 33 -9.55 -7.36 12.51
C ASN E 33 -10.40 -7.32 11.25
N SER E 34 -10.50 -6.15 10.61
CA SER E 34 -11.21 -6.07 9.34
C SER E 34 -10.45 -6.79 8.24
N LEU E 35 -9.11 -6.74 8.28
CA LEU E 35 -8.32 -7.46 7.29
C LEU E 35 -8.38 -8.96 7.52
N ASN E 36 -8.40 -9.40 8.79
CA ASN E 36 -8.45 -10.82 9.08
C ASN E 36 -9.75 -11.45 8.61
N ASN E 37 -10.83 -10.66 8.53
CA ASN E 37 -12.09 -11.11 7.97
C ASN E 37 -12.17 -10.87 6.47
N ALA E 38 -11.04 -10.60 5.81
CA ALA E 38 -10.99 -10.31 4.38
C ALA E 38 -11.86 -9.10 4.05
N GLN E 39 -11.55 -7.99 4.72
CA GLN E 39 -12.27 -6.72 4.55
C GLN E 39 -13.76 -6.90 4.83
N GLY E 40 -14.05 -7.30 6.06
CA GLY E 40 -15.43 -7.51 6.49
C GLY E 40 -15.60 -7.34 7.99
N LEU E 45 -14.63 -0.39 22.27
CA LEU E 45 -15.18 0.16 23.51
C LEU E 45 -15.40 1.66 23.38
N PRO E 46 -16.33 2.08 22.50
CA PRO E 46 -16.45 3.53 22.25
C PRO E 46 -16.88 4.35 23.46
N LYS E 47 -17.98 3.99 24.13
CA LYS E 47 -18.62 4.91 25.07
C LYS E 47 -17.73 5.18 26.28
N ASP E 48 -17.25 4.13 26.92
CA ASP E 48 -16.39 4.30 28.10
C ASP E 48 -15.12 5.05 27.74
N ILE E 49 -14.56 4.77 26.56
CA ILE E 49 -13.34 5.44 26.14
C ILE E 49 -13.60 6.93 25.95
N MET E 50 -14.72 7.28 25.33
CA MET E 50 -15.06 8.68 25.16
C MET E 50 -15.21 9.38 26.50
N TYR E 51 -15.98 8.77 27.42
CA TYR E 51 -16.22 9.43 28.69
C TYR E 51 -14.92 9.58 29.48
N GLU E 52 -14.04 8.58 29.42
CA GLU E 52 -12.73 8.71 30.07
C GLU E 52 -11.93 9.85 29.45
N THR E 53 -11.93 9.96 28.12
CA THR E 53 -11.17 11.03 27.47
C THR E 53 -11.68 12.41 27.86
N TYR E 54 -13.00 12.60 27.84
CA TYR E 54 -13.52 13.91 28.26
C TYR E 54 -13.28 14.16 29.74
N ALA E 55 -13.27 13.11 30.57
CA ALA E 55 -12.92 13.30 31.97
C ALA E 55 -11.50 13.81 32.10
N GLY E 56 -10.58 13.24 31.32
CA GLY E 56 -9.20 13.73 31.33
C GLY E 56 -9.11 15.17 30.86
N LEU E 57 -9.86 15.52 29.82
CA LEU E 57 -9.84 16.89 29.31
C LEU E 57 -10.35 17.87 30.37
N ILE E 58 -11.47 17.55 31.01
CA ILE E 58 -12.03 18.45 32.02
C ILE E 58 -11.08 18.54 33.21
N LEU E 59 -10.41 17.44 33.56
CA LEU E 59 -9.40 17.50 34.62
C LEU E 59 -8.28 18.45 34.23
N PHE E 60 -7.83 18.40 32.98
CA PHE E 60 -6.77 19.31 32.55
C PHE E 60 -7.22 20.76 32.62
N VAL E 61 -8.46 21.04 32.19
CA VAL E 61 -8.94 22.42 32.20
C VAL E 61 -9.04 22.93 33.63
N LEU E 62 -9.57 22.11 34.54
CA LEU E 62 -9.63 22.52 35.94
C LEU E 62 -8.25 22.59 36.57
N ALA E 63 -7.26 21.88 36.01
CA ALA E 63 -5.90 22.00 36.49
C ALA E 63 -5.24 23.28 36.00
N VAL E 64 -5.69 23.78 34.85
CA VAL E 64 -5.16 25.05 34.35
C VAL E 64 -5.83 26.22 35.06
N PHE E 65 -7.07 26.04 35.53
CA PHE E 65 -7.80 27.13 36.16
C PHE E 65 -7.52 27.24 37.66
N THR E 66 -7.26 26.13 38.33
CA THR E 66 -6.91 26.17 39.75
C THR E 66 -5.44 26.46 40.00
N SER E 67 -4.70 26.94 39.00
CA SER E 67 -3.35 27.45 39.18
C SER E 67 -3.32 28.95 39.47
N PHE E 68 -4.48 29.58 39.62
CA PHE E 68 -4.59 31.00 39.96
C PHE E 68 -4.95 31.11 41.43
N GLU E 69 -4.09 31.79 42.20
CA GLU E 69 -4.31 32.03 43.62
C GLU E 69 -4.55 33.51 43.85
N LYS E 70 -5.46 33.83 44.76
CA LYS E 70 -5.75 35.22 45.06
C LYS E 70 -4.54 35.90 45.65
N LEU E 71 -4.31 37.15 45.28
CA LEU E 71 -3.10 37.85 45.69
C LEU E 71 -3.19 38.21 47.16
N GLN E 72 -2.12 37.90 47.91
CA GLN E 72 -2.03 38.20 49.32
C GLN E 72 -0.60 38.64 49.62
N TYR E 73 -0.46 39.65 50.48
CA TYR E 73 0.78 40.40 50.62
C TYR E 73 1.25 40.38 52.07
N LEU E 74 2.42 40.99 52.29
CA LEU E 74 2.94 41.32 53.61
C LEU E 74 3.24 42.81 53.64
N PRO E 75 2.98 43.51 54.75
CA PRO E 75 3.29 44.95 54.76
C PRO E 75 4.80 45.18 54.81
N ILE E 76 5.24 46.23 54.13
CA ILE E 76 6.66 46.54 54.11
C ILE E 76 7.11 47.08 55.46
N GLU E 77 6.28 47.90 56.10
CA GLU E 77 6.67 48.54 57.36
C GLU E 77 6.55 47.59 58.54
N SER E 78 5.34 47.06 58.77
CA SER E 78 5.08 46.27 59.95
C SER E 78 5.80 44.92 59.86
N ASN E 79 5.66 44.14 60.93
CA ASN E 79 6.31 42.85 61.06
C ASN E 79 5.38 41.72 61.48
N ASP E 80 4.13 42.01 61.84
CA ASP E 80 3.12 40.98 61.99
C ASP E 80 2.65 40.53 60.61
N GLY E 81 1.87 39.45 60.57
CA GLY E 81 1.46 38.92 59.29
C GLY E 81 0.57 39.88 58.53
N LYS E 82 -0.65 40.11 59.04
CA LYS E 82 -1.59 41.11 58.52
C LYS E 82 -1.69 41.05 56.99
N ILE E 83 -2.12 39.89 56.48
CA ILE E 83 -2.15 39.69 55.04
C ILE E 83 -3.13 40.67 54.42
N ILE E 84 -2.65 41.48 53.49
CA ILE E 84 -3.42 42.55 52.88
C ILE E 84 -3.92 42.00 51.55
N SER E 85 -5.13 41.45 51.56
CA SER E 85 -5.70 40.76 50.41
C SER E 85 -6.73 41.64 49.72
N GLN E 86 -6.56 41.84 48.42
CA GLN E 86 -7.56 42.51 47.61
C GLN E 86 -8.71 41.60 47.20
N GLY E 87 -8.55 40.28 47.35
CA GLY E 87 -9.55 39.35 46.87
C GLY E 87 -9.70 39.34 45.36
N ASN E 88 -8.60 39.56 44.64
CA ASN E 88 -8.58 39.57 43.19
C ASN E 88 -7.67 38.46 42.68
N TYR E 89 -7.81 38.16 41.39
CA TYR E 89 -6.97 37.19 40.69
C TYR E 89 -5.97 37.83 39.76
N LEU E 90 -6.29 38.98 39.18
CA LEU E 90 -5.45 39.71 38.25
C LEU E 90 -5.13 41.09 38.84
N LYS E 91 -4.47 41.92 38.04
CA LYS E 91 -4.03 43.25 38.45
C LYS E 91 -4.76 44.30 37.64
N GLU E 92 -5.20 45.35 38.31
CA GLU E 92 -6.06 46.35 37.67
C GLU E 92 -5.26 47.20 36.70
N ILE E 93 -5.94 47.70 35.69
CA ILE E 93 -5.32 48.46 34.60
C ILE E 93 -5.50 49.95 34.84
N ALA E 94 -6.57 50.34 35.54
CA ALA E 94 -6.75 51.74 35.90
C ALA E 94 -5.68 52.12 36.91
N LEU E 95 -5.01 53.25 36.66
CA LEU E 95 -3.88 53.62 37.50
C LEU E 95 -4.32 53.91 38.94
N ASN E 96 -5.57 54.31 39.12
CA ASN E 96 -6.09 54.57 40.47
C ASN E 96 -5.97 53.33 41.34
N LYS E 97 -6.47 52.19 40.86
CA LYS E 97 -6.47 50.99 41.68
C LYS E 97 -5.08 50.38 41.78
N ALA E 98 -4.24 50.56 40.77
CA ALA E 98 -2.86 50.08 40.86
C ALA E 98 -2.12 50.81 41.96
N THR E 99 -2.16 52.14 41.93
CA THR E 99 -1.50 52.87 43.01
C THR E 99 -2.22 52.68 44.34
N ASN E 100 -3.51 52.32 44.32
CA ASN E 100 -4.21 51.96 45.55
C ASN E 100 -3.60 50.72 46.19
N VAL E 101 -3.45 49.65 45.41
CA VAL E 101 -2.86 48.43 45.96
C VAL E 101 -1.41 48.66 46.34
N ASP E 102 -0.74 49.64 45.71
CA ASP E 102 0.57 50.04 46.21
C ASP E 102 0.47 50.71 47.57
N ASN E 103 -0.49 51.62 47.74
CA ASN E 103 -0.54 52.44 48.94
C ASN E 103 -1.00 51.65 50.16
N LEU E 104 -1.78 50.58 49.96
CA LEU E 104 -2.16 49.77 51.11
C LEU E 104 -0.95 49.16 51.77
N ILE E 105 0.03 48.70 50.98
CA ILE E 105 1.36 48.48 51.51
C ILE E 105 2.00 49.83 51.76
N GLY E 106 2.90 49.88 52.74
CA GLY E 106 3.49 51.16 53.13
C GLY E 106 4.68 51.60 52.31
N SER E 107 4.68 51.30 51.01
CA SER E 107 5.77 51.61 50.10
C SER E 107 5.33 52.67 49.11
N ASN E 108 6.30 53.18 48.35
CA ASN E 108 6.06 54.21 47.34
C ASN E 108 6.80 53.80 46.07
N PRO E 109 6.13 53.64 44.93
CA PRO E 109 6.82 53.07 43.77
C PRO E 109 7.87 53.99 43.18
N ASN E 110 7.75 55.30 43.41
CA ASN E 110 8.75 56.23 42.89
C ASN E 110 10.10 55.98 43.53
N GLY E 111 10.12 55.59 44.80
CA GLY E 111 11.33 55.00 45.35
C GLY E 111 12.49 55.96 45.45
N GLU E 112 13.48 55.74 44.57
CA GLU E 112 14.76 56.42 44.67
C GLU E 112 14.59 57.93 44.56
N ILE E 113 13.71 58.38 43.67
CA ILE E 113 13.50 59.82 43.49
C ILE E 113 13.02 60.45 44.80
N ILE E 114 12.23 59.71 45.56
CA ILE E 114 11.69 60.25 46.81
C ILE E 114 12.74 60.20 47.91
N PHE E 115 13.35 59.04 48.11
CA PHE E 115 14.29 58.87 49.21
C PHE E 115 15.67 59.47 48.89
N THR E 116 16.05 59.53 47.62
CA THR E 116 17.40 59.94 47.22
C THR E 116 18.42 59.11 47.97
N PRO E 117 18.54 57.81 47.65
CA PRO E 117 19.18 56.89 48.61
C PRO E 117 20.63 57.20 48.96
N SER E 118 21.46 57.67 48.03
CA SER E 118 22.88 57.79 48.31
C SER E 118 23.18 58.82 49.40
N PHE E 119 22.54 59.98 49.35
CA PHE E 119 22.89 61.05 50.28
C PHE E 119 22.42 60.72 51.69
N VAL E 120 21.17 60.32 51.84
CA VAL E 120 20.69 59.90 53.16
C VAL E 120 21.41 58.64 53.61
N ASP E 121 21.88 57.81 52.68
CA ASP E 121 22.68 56.64 53.03
C ASP E 121 23.97 57.06 53.73
N VAL E 122 24.71 58.00 53.14
CA VAL E 122 25.97 58.40 53.78
C VAL E 122 25.67 59.08 55.11
N HIS E 123 24.63 59.92 55.16
CA HIS E 123 24.35 60.62 56.41
C HIS E 123 23.94 59.64 57.52
N MET E 124 23.12 58.64 57.19
CA MET E 124 22.61 57.74 58.22
C MET E 124 23.65 56.71 58.63
N LYS E 125 24.50 56.25 57.69
CA LYS E 125 25.54 55.31 58.09
C LYS E 125 26.65 56.00 58.87
N ARG E 126 26.85 57.31 58.70
CA ARG E 126 27.64 58.03 59.68
C ARG E 126 26.88 58.19 60.99
N LYS E 127 25.56 58.33 60.93
CA LYS E 127 24.76 58.46 62.15
C LYS E 127 24.71 57.17 62.95
N ILE E 128 24.65 56.02 62.27
CA ILE E 128 24.33 54.76 62.93
C ILE E 128 25.39 54.36 63.95
N CYS E 129 26.62 54.85 63.80
CA CYS E 129 27.65 54.54 64.79
C CYS E 129 27.32 55.11 66.16
N ARG E 130 26.65 56.27 66.21
CA ARG E 130 26.44 56.96 67.47
C ARG E 130 25.34 56.32 68.31
N GLU E 131 24.28 55.81 67.67
CA GLU E 131 23.08 55.44 68.40
C GLU E 131 23.32 54.23 69.31
N TRP E 132 22.30 53.92 70.12
CA TRP E 132 22.50 53.00 71.24
C TRP E 132 22.72 51.56 70.76
N ALA E 133 22.02 51.15 69.70
CA ALA E 133 22.17 49.78 69.22
C ALA E 133 23.58 49.49 68.72
N SER E 134 24.38 50.52 68.44
CA SER E 134 25.79 50.35 68.18
C SER E 134 26.56 50.32 69.50
N ASN F 12 -4.04 57.57 32.36
CA ASN F 12 -5.29 56.83 32.53
C ASN F 12 -5.00 55.39 32.95
N ALA F 13 -4.36 54.63 32.08
CA ALA F 13 -4.03 53.23 32.30
C ALA F 13 -2.54 53.08 32.51
N THR F 14 -2.17 51.99 33.19
CA THR F 14 -0.78 51.68 33.54
C THR F 14 -0.24 50.54 32.69
N ALA F 15 0.99 50.14 32.98
CA ALA F 15 1.68 49.06 32.28
C ALA F 15 1.54 47.73 33.00
N ASN F 16 0.43 47.55 33.72
CA ASN F 16 0.09 46.31 34.38
C ASN F 16 -0.84 45.44 33.54
N VAL F 17 -1.30 45.94 32.40
CA VAL F 17 -2.12 45.13 31.50
C VAL F 17 -1.30 44.00 30.89
N VAL F 18 0.02 44.19 30.77
CA VAL F 18 0.84 43.18 30.12
C VAL F 18 0.85 41.89 30.92
N ASP F 19 0.81 42.00 32.25
CA ASP F 19 0.90 40.80 33.08
C ASP F 19 -0.34 39.93 32.95
N ASN F 20 -1.52 40.51 33.18
CA ASN F 20 -2.74 39.72 33.07
C ASN F 20 -3.00 39.30 31.62
N LYS F 21 -2.58 40.11 30.65
CA LYS F 21 -2.65 39.68 29.25
C LYS F 21 -1.79 38.44 29.02
N LYS F 22 -0.60 38.41 29.61
CA LYS F 22 0.26 37.22 29.48
C LYS F 22 -0.39 36.02 30.15
N ARG F 23 -1.05 36.22 31.28
CA ARG F 23 -1.72 35.10 31.94
C ARG F 23 -2.84 34.55 31.07
N LEU F 24 -3.62 35.44 30.45
CA LEU F 24 -4.66 35.01 29.51
C LEU F 24 -4.05 34.25 28.35
N LEU F 25 -2.93 34.74 27.82
CA LEU F 25 -2.31 34.08 26.68
C LEU F 25 -1.82 32.69 27.05
N PHE F 26 -1.26 32.53 28.25
CA PHE F 26 -0.85 31.20 28.69
C PHE F 26 -2.04 30.27 28.82
N VAL F 27 -3.16 30.77 29.36
CA VAL F 27 -4.34 29.93 29.51
C VAL F 27 -4.86 29.50 28.14
N GLN F 28 -4.92 30.44 27.19
CA GLN F 28 -5.44 30.10 25.87
C GLN F 28 -4.50 29.15 25.13
N ASP F 29 -3.19 29.34 25.25
CA ASP F 29 -2.25 28.42 24.61
C ASP F 29 -2.36 27.03 25.19
N SER F 30 -2.48 26.92 26.51
CA SER F 30 -2.57 25.59 27.12
C SER F 30 -3.93 24.95 26.91
N SER F 31 -4.91 25.67 26.37
CA SER F 31 -6.23 25.14 26.06
C SER F 31 -6.47 24.98 24.57
N ALA F 32 -5.41 24.97 23.76
CA ALA F 32 -5.50 24.69 22.34
C ALA F 32 -4.56 23.58 21.89
N LEU F 33 -3.87 22.91 22.82
CA LEU F 33 -3.05 21.75 22.54
C LEU F 33 -3.51 20.52 23.31
N VAL F 34 -4.57 20.63 24.11
CA VAL F 34 -5.27 19.48 24.65
C VAL F 34 -6.59 19.26 23.94
N LEU F 35 -7.29 20.34 23.61
CA LEU F 35 -8.19 20.29 22.47
C LEU F 35 -7.37 19.98 21.22
N GLY F 36 -7.99 19.28 20.28
CA GLY F 36 -7.26 18.85 19.10
C GLY F 36 -6.57 17.53 19.34
N LEU F 37 -5.74 17.45 20.38
CA LEU F 37 -5.19 16.16 20.77
C LEU F 37 -6.31 15.22 21.19
N VAL F 38 -7.25 15.71 21.99
CA VAL F 38 -8.44 14.94 22.31
C VAL F 38 -9.21 14.63 21.03
N ALA F 39 -9.32 15.59 20.12
CA ALA F 39 -10.02 15.36 18.88
C ALA F 39 -9.34 14.27 18.06
N GLY F 40 -8.00 14.27 18.04
CA GLY F 40 -7.29 13.23 17.31
C GLY F 40 -7.38 11.88 17.99
N PHE F 41 -7.59 11.86 19.31
CA PHE F 41 -7.79 10.59 20.00
C PHE F 41 -9.14 9.99 19.65
N LEU F 42 -10.16 10.82 19.46
CA LEU F 42 -11.49 10.38 19.10
C LEU F 42 -11.67 10.23 17.59
N GLN F 43 -10.65 10.53 16.79
CA GLN F 43 -10.72 10.40 15.33
C GLN F 43 -11.86 11.25 14.76
N ILE F 44 -11.91 12.52 15.18
CA ILE F 44 -12.91 13.42 14.64
C ILE F 44 -12.59 13.74 13.19
N GLU F 45 -13.63 13.94 12.39
CA GLU F 45 -13.50 14.17 10.96
C GLU F 45 -13.41 15.67 10.69
N SER F 46 -13.49 16.05 9.41
CA SER F 46 -13.00 17.36 8.97
C SER F 46 -13.79 18.52 9.57
N VAL F 47 -15.10 18.58 9.31
CA VAL F 47 -15.87 19.75 9.70
C VAL F 47 -16.37 19.66 11.13
N HIS F 48 -16.69 18.44 11.58
CA HIS F 48 -17.05 18.24 12.97
C HIS F 48 -15.94 18.67 13.89
N GLY F 49 -14.69 18.48 13.48
CA GLY F 49 -13.56 18.92 14.28
C GLY F 49 -13.52 20.43 14.46
N PHE F 50 -13.76 21.18 13.39
CA PHE F 50 -13.73 22.63 13.49
C PHE F 50 -14.88 23.15 14.33
N ILE F 51 -16.08 22.56 14.17
CA ILE F 51 -17.21 23.02 14.97
C ILE F 51 -16.98 22.69 16.44
N TRP F 52 -16.45 21.49 16.71
CA TRP F 52 -16.08 21.08 18.07
C TRP F 52 -15.08 22.06 18.68
N PHE F 53 -14.07 22.45 17.91
CA PHE F 53 -13.06 23.36 18.44
C PHE F 53 -13.66 24.71 18.75
N LEU F 54 -14.48 25.25 17.84
CA LEU F 54 -15.05 26.57 18.08
C LEU F 54 -15.92 26.56 19.34
N ILE F 55 -16.74 25.51 19.50
CA ILE F 55 -17.64 25.46 20.64
C ILE F 55 -16.85 25.37 21.94
N LEU F 56 -15.90 24.44 22.01
CA LEU F 56 -15.19 24.25 23.28
C LEU F 56 -14.26 25.42 23.58
N TYR F 57 -13.67 26.04 22.54
CA TYR F 57 -12.77 27.16 22.78
C TYR F 57 -13.53 28.36 23.30
N ASN F 58 -14.68 28.69 22.70
CA ASN F 58 -15.45 29.80 23.23
C ASN F 58 -16.03 29.47 24.60
N LEU F 59 -16.33 28.20 24.88
CA LEU F 59 -16.78 27.84 26.22
C LEU F 59 -15.68 28.06 27.24
N ILE F 60 -14.44 27.72 26.90
CA ILE F 60 -13.33 27.95 27.82
C ILE F 60 -13.09 29.45 28.00
N ASN F 61 -13.28 30.25 26.94
CA ASN F 61 -13.15 31.69 27.11
C ASN F 61 -14.23 32.23 28.04
N VAL F 62 -15.44 31.71 27.94
CA VAL F 62 -16.53 32.20 28.80
C VAL F 62 -16.28 31.80 30.25
N ILE F 63 -15.85 30.56 30.49
CA ILE F 63 -15.59 30.17 31.88
C ILE F 63 -14.37 30.92 32.42
N TYR F 64 -13.44 31.32 31.55
CA TYR F 64 -12.37 32.18 32.02
C TYR F 64 -12.89 33.55 32.41
N ILE F 65 -13.84 34.09 31.66
CA ILE F 65 -14.43 35.38 32.03
C ILE F 65 -15.17 35.25 33.35
N VAL F 66 -15.78 34.10 33.60
CA VAL F 66 -16.56 33.93 34.82
C VAL F 66 -15.65 33.74 36.03
N TRP F 67 -14.65 32.86 35.93
CA TRP F 67 -13.98 32.34 37.11
C TRP F 67 -12.77 33.18 37.51
N ILE F 68 -11.80 33.33 36.62
CA ILE F 68 -10.56 34.02 36.99
C ILE F 68 -10.80 35.53 37.01
N CYS F 69 -11.18 36.07 35.87
CA CYS F 69 -11.83 37.38 35.87
C CYS F 69 -13.14 37.25 36.64
N GLN F 70 -13.40 38.20 37.54
CA GLN F 70 -14.54 38.08 38.45
C GLN F 70 -15.78 38.78 37.88
N LEU F 71 -16.19 38.30 36.70
CA LEU F 71 -17.38 38.80 35.98
C LEU F 71 -17.26 40.28 35.62
N GLN F 72 -16.06 40.84 35.62
CA GLN F 72 -15.80 42.23 35.24
C GLN F 72 -14.65 42.22 34.25
N PRO F 73 -14.92 41.94 32.97
CA PRO F 73 -13.83 41.97 31.99
C PRO F 73 -13.14 43.32 31.90
N GLY F 74 -13.90 44.41 31.96
CA GLY F 74 -13.29 45.69 32.23
C GLY F 74 -12.69 45.73 33.62
N LYS F 75 -11.76 46.65 33.82
CA LYS F 75 -10.94 46.80 35.02
C LYS F 75 -9.81 45.77 35.07
N PHE F 76 -9.69 44.87 34.09
CA PHE F 76 -8.48 44.08 33.89
C PHE F 76 -8.00 44.08 32.45
N TYR F 77 -8.86 44.37 31.47
CA TYR F 77 -8.49 44.59 30.09
C TYR F 77 -9.30 45.76 29.56
N GLN F 78 -8.79 46.43 28.54
CA GLN F 78 -9.52 47.47 27.84
C GLN F 78 -10.01 46.89 26.52
N SER F 79 -11.29 47.12 26.22
CA SER F 79 -11.98 46.49 25.09
C SER F 79 -11.88 44.98 25.28
N PRO F 80 -12.51 44.43 26.33
CA PRO F 80 -12.34 43.00 26.61
C PRO F 80 -12.93 42.09 25.56
N LEU F 81 -14.04 42.48 24.93
CA LEU F 81 -14.63 41.64 23.89
C LEU F 81 -13.69 41.49 22.70
N HIS F 82 -12.86 42.50 22.45
CA HIS F 82 -11.85 42.40 21.42
C HIS F 82 -10.65 41.56 21.85
N ASP F 83 -10.29 41.61 23.13
CA ASP F 83 -9.01 41.05 23.57
C ASP F 83 -9.11 39.59 24.00
N ILE F 84 -10.22 39.16 24.58
CA ILE F 84 -10.34 37.76 24.99
C ILE F 84 -10.70 36.89 23.80
N PHE F 85 -11.61 37.34 22.94
CA PHE F 85 -12.21 36.50 21.91
C PHE F 85 -11.53 36.62 20.55
N PHE F 86 -11.42 37.84 20.02
CA PHE F 86 -10.96 38.00 18.65
C PHE F 86 -9.45 38.08 18.53
N GLU F 87 -8.76 38.57 19.55
CA GLU F 87 -7.31 38.62 19.53
C GLU F 87 -6.72 37.24 19.81
N SER F 88 -5.65 36.92 19.09
CA SER F 88 -5.02 35.60 19.19
C SER F 88 -6.03 34.49 18.94
N PHE F 89 -6.72 34.60 17.80
CA PHE F 89 -7.66 33.57 17.33
C PHE F 89 -7.12 32.79 16.15
N PHE F 90 -6.44 33.45 15.22
CA PHE F 90 -5.74 32.77 14.13
C PHE F 90 -4.34 32.34 14.54
N ARG F 91 -3.91 32.66 15.76
CA ARG F 91 -2.73 32.05 16.37
C ARG F 91 -3.08 30.86 17.24
N GLU F 92 -4.36 30.49 17.32
CA GLU F 92 -4.82 29.38 18.15
C GLU F 92 -5.65 28.37 17.38
N ILE F 93 -6.22 28.73 16.24
CA ILE F 93 -6.78 27.73 15.34
C ILE F 93 -5.65 26.89 14.76
N THR F 94 -4.48 27.48 14.55
CA THR F 94 -3.39 26.76 13.91
C THR F 94 -2.70 25.80 14.88
N GLY F 95 -2.54 26.19 16.13
CA GLY F 95 -2.04 25.24 17.12
C GLY F 95 -3.00 24.09 17.30
N PHE F 96 -4.30 24.36 17.22
CA PHE F 96 -5.28 23.29 17.28
C PHE F 96 -5.15 22.36 16.09
N VAL F 97 -4.91 22.92 14.90
CA VAL F 97 -4.75 22.09 13.71
C VAL F 97 -3.50 21.22 13.85
N MET F 98 -2.42 21.78 14.38
CA MET F 98 -1.20 21.00 14.60
C MET F 98 -1.46 19.84 15.55
N ALA F 99 -2.08 20.12 16.70
CA ALA F 99 -2.32 19.07 17.66
C ALA F 99 -3.30 18.04 17.13
N TRP F 100 -4.26 18.47 16.32
CA TRP F 100 -5.24 17.55 15.76
C TRP F 100 -4.60 16.63 14.72
N THR F 101 -3.69 17.17 13.91
CA THR F 101 -2.97 16.34 12.97
C THR F 101 -2.06 15.36 13.70
N PHE F 102 -1.43 15.81 14.78
CA PHE F 102 -0.57 14.91 15.54
C PHE F 102 -1.37 13.80 16.20
N GLY F 103 -2.58 14.10 16.67
CA GLY F 103 -3.40 13.10 17.32
C GLY F 103 -4.06 12.13 16.35
N TYR F 104 -4.46 12.62 15.18
CA TYR F 104 -5.12 11.77 14.20
C TYR F 104 -4.16 10.69 13.67
N ALA F 105 -2.86 10.96 13.68
CA ALA F 105 -1.86 10.03 13.17
C ALA F 105 -1.38 9.04 14.23
N LEU F 106 -2.14 8.82 15.28
CA LEU F 106 -1.81 7.84 16.31
C LEU F 106 -3.07 7.23 16.92
N ALA G 20 18.23 -23.36 -58.21
CA ALA G 20 18.65 -21.98 -57.97
C ALA G 20 19.83 -21.94 -57.01
N ARG G 21 20.33 -20.75 -56.72
CA ARG G 21 21.45 -20.53 -55.84
C ARG G 21 20.98 -19.91 -54.53
N ARG G 22 21.66 -20.27 -53.44
CA ARG G 22 21.34 -19.82 -52.09
C ARG G 22 22.60 -19.25 -51.45
N GLY G 23 22.40 -18.38 -50.47
CA GLY G 23 23.50 -17.66 -49.84
C GLY G 23 23.70 -18.04 -48.39
N THR G 24 24.92 -17.81 -47.88
CA THR G 24 25.32 -18.25 -46.53
C THR G 24 25.99 -17.09 -45.83
N ILE G 25 25.36 -16.58 -44.78
CA ILE G 25 25.95 -15.56 -43.92
C ILE G 25 26.80 -16.26 -42.87
N LYS G 26 28.05 -15.85 -42.76
CA LYS G 26 28.94 -16.27 -41.69
C LYS G 26 29.10 -15.14 -40.69
N GLY G 27 29.45 -15.49 -39.46
CA GLY G 27 29.72 -14.46 -38.47
C GLY G 27 30.40 -15.07 -37.27
N ARG G 28 30.90 -14.21 -36.40
CA ARG G 28 31.66 -14.67 -35.25
C ARG G 28 31.59 -13.62 -34.15
N LEU G 29 30.87 -13.92 -33.08
CA LEU G 29 31.03 -13.18 -31.84
C LEU G 29 32.33 -13.64 -31.21
N ASP G 30 33.15 -12.69 -30.75
CA ASP G 30 34.55 -13.04 -30.50
C ASP G 30 34.72 -13.82 -29.22
N LEU G 31 34.34 -13.24 -28.07
CA LEU G 31 34.59 -13.82 -26.75
C LEU G 31 36.05 -14.29 -26.60
N ALA G 32 36.98 -13.56 -27.22
CA ALA G 32 38.38 -13.95 -27.28
C ALA G 32 39.28 -12.94 -26.59
N ALA G 33 39.10 -11.64 -26.85
CA ALA G 33 39.87 -10.64 -26.14
C ALA G 33 39.56 -10.67 -24.65
N SER G 34 38.29 -10.82 -24.30
CA SER G 34 37.90 -10.95 -22.92
C SER G 34 38.20 -12.36 -22.40
N ASN G 35 38.29 -12.47 -21.08
CA ASN G 35 38.47 -13.75 -20.41
C ASN G 35 37.16 -14.47 -20.16
N ILE G 36 36.08 -14.08 -20.85
CA ILE G 36 34.75 -14.63 -20.63
C ILE G 36 34.70 -15.99 -21.33
N THR G 37 34.88 -17.07 -20.55
CA THR G 37 34.92 -18.41 -21.10
C THR G 37 34.10 -19.43 -20.32
N GLY G 38 33.39 -19.03 -19.27
CA GLY G 38 32.58 -19.95 -18.49
C GLY G 38 31.10 -19.89 -18.86
N PHE G 39 30.81 -19.39 -20.07
CA PHE G 39 29.43 -19.17 -20.47
C PHE G 39 28.76 -20.50 -20.81
N VAL G 40 27.46 -20.43 -21.14
CA VAL G 40 26.59 -21.60 -21.21
C VAL G 40 26.31 -21.99 -22.66
N SER G 41 26.38 -21.03 -23.58
CA SER G 41 26.22 -21.20 -25.02
C SER G 41 24.80 -21.48 -25.47
N THR G 42 23.83 -21.52 -24.56
CA THR G 42 22.41 -21.59 -24.92
C THR G 42 21.69 -20.28 -24.65
N ARG G 43 22.39 -19.26 -24.14
CA ARG G 43 21.79 -17.99 -23.79
C ARG G 43 22.07 -16.90 -24.81
N THR G 44 22.60 -17.26 -25.98
CA THR G 44 22.84 -16.31 -27.07
C THR G 44 22.26 -16.92 -28.34
N SER G 45 21.36 -16.20 -28.99
CA SER G 45 20.67 -16.69 -30.18
C SER G 45 20.55 -15.57 -31.20
N PHE G 46 21.03 -15.81 -32.41
CA PHE G 46 20.94 -14.86 -33.50
C PHE G 46 19.77 -15.21 -34.39
N LYS G 47 19.09 -14.18 -34.90
CA LYS G 47 17.86 -14.32 -35.68
C LYS G 47 17.98 -13.54 -36.97
N LEU G 48 17.42 -14.09 -38.05
CA LEU G 48 17.35 -13.42 -39.34
C LEU G 48 15.89 -13.25 -39.75
N TYR G 49 15.61 -12.13 -40.39
CA TYR G 49 14.31 -11.81 -40.97
C TYR G 49 14.53 -11.21 -42.34
N GLN G 50 13.50 -11.26 -43.19
CA GLN G 50 13.56 -10.76 -44.56
C GLN G 50 12.61 -9.59 -44.73
N ILE G 51 13.08 -8.51 -45.34
CA ILE G 51 12.34 -7.26 -45.41
C ILE G 51 12.00 -6.85 -46.85
N GLY G 52 12.94 -6.99 -47.78
CA GLY G 52 12.81 -6.36 -49.08
C GLY G 52 12.48 -7.26 -50.26
N ASN G 53 11.34 -6.99 -50.90
CA ASN G 53 11.00 -7.54 -52.22
C ASN G 53 11.07 -9.07 -52.26
N PHE G 54 10.52 -9.71 -51.24
CA PHE G 54 10.36 -11.16 -51.25
C PHE G 54 9.07 -11.53 -51.96
N SER G 55 9.09 -12.65 -52.68
CA SER G 55 7.87 -13.27 -53.19
C SER G 55 7.90 -14.76 -52.83
N THR G 56 7.43 -15.09 -51.63
CA THR G 56 7.23 -16.47 -51.22
C THR G 56 5.93 -16.68 -50.44
N GLU G 57 5.10 -15.67 -50.29
CA GLU G 57 3.90 -15.62 -49.45
C GLU G 57 4.23 -15.50 -47.96
N TYR G 58 5.51 -15.51 -47.57
CA TYR G 58 5.91 -15.30 -46.19
C TYR G 58 7.38 -14.92 -46.21
N PRO G 59 7.83 -13.92 -45.43
CA PRO G 59 9.26 -13.65 -45.40
C PRO G 59 10.02 -14.80 -44.75
N TYR G 60 11.26 -14.98 -45.20
CA TYR G 60 12.11 -15.99 -44.58
C TYR G 60 12.49 -15.54 -43.18
N THR G 61 12.59 -16.49 -42.26
CA THR G 61 12.95 -16.20 -40.88
C THR G 61 13.66 -17.39 -40.28
N SER G 62 14.73 -17.13 -39.55
CA SER G 62 15.56 -18.21 -39.04
C SER G 62 16.19 -17.83 -37.71
N THR G 63 16.70 -18.83 -37.01
CA THR G 63 17.29 -18.65 -35.68
C THR G 63 18.38 -19.69 -35.48
N THR G 64 19.62 -19.24 -35.29
CA THR G 64 20.77 -20.13 -35.18
C THR G 64 21.41 -20.01 -33.81
N MET G 65 22.52 -20.74 -33.62
CA MET G 65 23.27 -20.76 -32.37
C MET G 65 24.76 -20.90 -32.72
N PHE G 66 25.58 -21.02 -31.69
CA PHE G 66 27.02 -21.09 -31.90
C PHE G 66 27.40 -22.40 -32.56
N GLN G 67 28.66 -22.50 -32.99
CA GLN G 67 29.19 -23.72 -33.59
C GLN G 67 30.48 -24.19 -32.92
N ASP G 68 31.22 -23.27 -32.30
CA ASP G 68 32.50 -23.61 -31.71
C ASP G 68 32.71 -22.77 -30.45
N ASP G 69 33.77 -23.11 -29.71
CA ASP G 69 34.16 -22.28 -28.58
C ASP G 69 34.57 -20.89 -29.03
N GLU G 70 35.12 -20.77 -30.23
CA GLU G 70 35.54 -19.46 -30.73
C GLU G 70 34.35 -18.54 -30.96
N GLY G 71 33.18 -19.11 -31.20
CA GLY G 71 31.95 -18.36 -31.33
C GLY G 71 31.40 -18.23 -32.74
N ASN G 72 31.87 -19.03 -33.69
CA ASN G 72 31.36 -18.96 -35.05
C ASN G 72 29.88 -19.30 -35.09
N PHE G 73 29.09 -18.47 -35.76
CA PHE G 73 27.72 -18.79 -36.10
C PHE G 73 27.56 -18.63 -37.61
N GLU G 74 26.59 -19.33 -38.16
CA GLU G 74 26.47 -19.42 -39.62
C GLU G 74 25.04 -19.73 -40.00
N PHE G 75 24.51 -18.98 -40.97
CA PHE G 75 23.27 -19.30 -41.64
C PHE G 75 23.56 -19.93 -42.99
N ALA G 76 22.58 -20.65 -43.53
CA ALA G 76 22.79 -21.36 -44.79
C ALA G 76 21.47 -21.60 -45.47
N ASN G 77 21.55 -21.80 -46.79
CA ASN G 77 20.39 -22.06 -47.64
C ASN G 77 19.33 -20.96 -47.50
N LEU G 78 19.79 -19.72 -47.55
CA LEU G 78 18.90 -18.57 -47.55
C LEU G 78 18.32 -18.37 -48.95
N PRO G 79 17.02 -18.09 -49.09
CA PRO G 79 16.48 -17.87 -50.44
C PRO G 79 17.10 -16.64 -51.08
N LEU G 80 16.92 -16.53 -52.40
CA LEU G 80 17.45 -15.41 -53.15
C LEU G 80 16.55 -15.13 -54.35
N ASN G 81 16.29 -13.85 -54.58
CA ASN G 81 15.68 -13.41 -55.82
C ASN G 81 16.73 -13.49 -56.94
N ASP G 82 16.25 -13.79 -58.15
CA ASP G 82 17.11 -13.96 -59.31
C ASP G 82 16.62 -13.10 -60.45
N GLY G 83 17.54 -12.38 -61.08
CA GLY G 83 17.23 -11.52 -62.20
C GLY G 83 18.48 -10.88 -62.75
N VAL G 84 18.36 -9.67 -63.30
CA VAL G 84 19.53 -8.96 -63.82
C VAL G 84 20.34 -8.36 -62.67
N ASN G 85 19.69 -7.59 -61.79
CA ASN G 85 20.34 -6.92 -60.67
C ASN G 85 19.52 -7.01 -59.39
N GLU G 86 18.53 -7.90 -59.33
CA GLU G 86 17.58 -7.89 -58.23
C GLU G 86 18.27 -8.25 -56.93
N THR G 87 17.97 -7.48 -55.89
CA THR G 87 18.60 -7.62 -54.58
C THR G 87 17.62 -8.22 -53.58
N THR G 88 18.19 -8.78 -52.51
CA THR G 88 17.43 -9.19 -51.34
C THR G 88 18.08 -8.66 -50.08
N TYR G 89 17.25 -8.23 -49.14
CA TYR G 89 17.70 -7.63 -47.89
C TYR G 89 17.25 -8.51 -46.73
N TYR G 90 18.18 -8.85 -45.86
CA TYR G 90 17.91 -9.52 -44.59
C TYR G 90 18.33 -8.61 -43.45
N VAL G 91 17.74 -8.84 -42.28
CA VAL G 91 18.08 -8.10 -41.08
C VAL G 91 18.39 -9.11 -40.00
N MET G 92 19.56 -8.96 -39.36
CA MET G 92 20.04 -9.84 -38.31
C MET G 92 19.86 -9.15 -36.97
N TYR G 93 19.35 -9.92 -35.99
CA TYR G 93 19.06 -9.45 -34.64
C TYR G 93 19.98 -10.15 -33.65
N PRO G 94 21.25 -9.79 -33.57
CA PRO G 94 22.14 -10.44 -32.60
C PRO G 94 21.71 -10.08 -31.18
N ALA G 95 21.41 -11.10 -30.38
CA ALA G 95 20.87 -10.92 -29.05
C ALA G 95 21.52 -11.89 -28.09
N SER G 96 21.52 -11.52 -26.80
CA SER G 96 22.07 -12.37 -25.77
C SER G 96 21.42 -12.03 -24.45
N MET G 97 21.46 -12.98 -23.53
CA MET G 97 20.95 -12.81 -22.17
C MET G 97 22.06 -12.61 -21.15
N ASP G 98 23.32 -12.48 -21.59
CA ASP G 98 24.46 -12.26 -20.72
C ASP G 98 25.22 -10.99 -21.03
N PHE G 99 25.39 -10.65 -22.30
CA PHE G 99 26.27 -9.57 -22.73
C PHE G 99 25.48 -8.47 -23.43
N ASN G 100 26.20 -7.45 -23.88
CA ASN G 100 25.67 -6.34 -24.65
C ASN G 100 26.44 -6.28 -25.95
N LEU G 101 25.78 -6.58 -27.07
CA LEU G 101 26.44 -6.67 -28.36
C LEU G 101 26.34 -5.35 -29.09
N LYS G 102 27.39 -5.01 -29.85
CA LYS G 102 27.57 -3.61 -30.23
C LYS G 102 26.60 -3.16 -31.31
N PRO G 103 26.55 -3.77 -32.50
CA PRO G 103 25.71 -3.17 -33.55
C PRO G 103 24.22 -3.33 -33.27
N ASN G 104 23.81 -4.52 -32.83
CA ASN G 104 22.49 -4.82 -32.30
C ASN G 104 21.37 -4.91 -33.34
N ARG G 105 21.65 -4.53 -34.59
CA ARG G 105 20.85 -4.90 -35.75
C ARG G 105 21.73 -4.67 -36.96
N ILE G 106 21.77 -5.64 -37.88
CA ILE G 106 22.65 -5.57 -39.04
C ILE G 106 21.83 -5.78 -40.29
N LEU G 107 22.01 -4.92 -41.29
CA LEU G 107 21.35 -5.04 -42.58
C LEU G 107 22.31 -5.72 -43.56
N ILE G 108 21.83 -6.77 -44.23
CA ILE G 108 22.63 -7.61 -45.11
C ILE G 108 21.98 -7.63 -46.48
N GLU G 109 22.77 -7.35 -47.51
CA GLU G 109 22.30 -7.23 -48.88
C GLU G 109 22.98 -8.27 -49.76
N PHE G 110 22.16 -9.04 -50.49
CA PHE G 110 22.64 -9.95 -51.53
C PHE G 110 22.23 -9.37 -52.87
N LYS G 111 23.19 -9.27 -53.78
CA LYS G 111 22.97 -8.71 -55.12
C LYS G 111 23.48 -9.68 -56.16
N ASN G 112 22.66 -9.93 -57.19
CA ASN G 112 23.04 -10.75 -58.33
C ASN G 112 23.73 -9.85 -59.35
N LEU G 113 25.06 -9.85 -59.33
CA LEU G 113 25.81 -9.07 -60.29
C LEU G 113 25.62 -9.65 -61.68
N GLU G 114 25.74 -8.78 -62.70
CA GLU G 114 25.57 -9.24 -64.06
C GLU G 114 26.74 -10.09 -64.54
N ASN G 115 27.89 -10.02 -63.86
CA ASN G 115 28.98 -10.93 -64.20
C ASN G 115 28.57 -12.36 -63.93
N GLY G 116 27.89 -12.61 -62.80
CA GLY G 116 27.47 -13.94 -62.40
C GLY G 116 27.74 -14.22 -60.94
N THR G 117 28.72 -13.53 -60.37
CA THR G 117 29.05 -13.72 -58.96
C THR G 117 27.99 -13.06 -58.07
N LEU G 118 27.99 -13.47 -56.81
CA LEU G 118 27.02 -13.02 -55.82
C LEU G 118 27.70 -12.03 -54.88
N GLN G 119 27.17 -10.82 -54.80
CA GLN G 119 27.77 -9.75 -54.00
C GLN G 119 27.06 -9.66 -52.65
N LEU G 120 27.84 -9.72 -51.59
CA LEU G 120 27.34 -9.61 -50.22
C LEU G 120 27.84 -8.32 -49.61
N ASN G 121 26.93 -7.56 -49.01
CA ASN G 121 27.28 -6.37 -48.26
C ASN G 121 26.62 -6.41 -46.89
N ALA G 122 27.30 -5.87 -45.90
CA ALA G 122 26.75 -5.69 -44.56
C ALA G 122 26.68 -4.20 -44.25
N PHE G 123 25.99 -3.87 -43.16
CA PHE G 123 25.89 -2.49 -42.71
C PHE G 123 25.80 -2.51 -41.18
N LYS G 124 25.67 -1.32 -40.59
CA LYS G 124 25.63 -1.16 -39.14
C LYS G 124 24.51 -0.19 -38.81
N ASN G 125 23.32 -0.73 -38.56
CA ASN G 125 22.19 0.06 -38.10
C ASN G 125 22.17 0.03 -36.58
N PHE G 126 21.09 0.55 -35.99
CA PHE G 126 20.80 0.31 -34.58
C PHE G 126 19.31 0.41 -34.38
N PHE G 127 18.86 0.02 -33.20
CA PHE G 127 17.43 -0.11 -32.94
C PHE G 127 16.74 1.24 -33.01
N GLY G 128 15.74 1.35 -33.88
CA GLY G 128 14.90 2.52 -33.96
C GLY G 128 15.27 3.53 -35.01
N ARG G 129 15.77 3.09 -36.17
CA ARG G 129 15.96 3.96 -37.33
C ARG G 129 15.47 3.23 -38.56
N GLU G 130 14.96 3.99 -39.53
CA GLU G 130 14.60 3.37 -40.78
C GLU G 130 15.85 2.89 -41.50
N TYR G 131 15.66 1.92 -42.39
CA TYR G 131 16.79 1.31 -43.10
C TYR G 131 17.07 2.00 -44.42
N PHE G 132 16.03 2.30 -45.21
CA PHE G 132 16.17 2.95 -46.51
C PHE G 132 15.75 4.41 -46.44
N PRO G 133 16.33 5.30 -47.25
CA PRO G 133 15.96 6.70 -47.19
C PRO G 133 14.64 6.97 -47.90
N SER G 134 14.13 8.18 -47.69
CA SER G 134 12.75 8.51 -48.02
C SER G 134 12.53 8.85 -49.49
N LYS G 135 13.50 8.59 -50.37
CA LYS G 135 13.36 8.62 -51.83
C LYS G 135 13.24 10.03 -52.40
N ASP G 136 13.20 11.06 -51.55
CA ASP G 136 13.27 12.45 -51.98
C ASP G 136 14.51 13.17 -51.47
N ILE G 137 15.14 12.68 -50.41
CA ILE G 137 16.35 13.30 -49.89
C ILE G 137 17.50 12.98 -50.82
N THR G 138 18.24 14.01 -51.23
CA THR G 138 19.34 13.84 -52.17
C THR G 138 20.63 13.64 -51.40
N TYR G 139 21.31 12.53 -51.66
CA TYR G 139 22.53 12.13 -50.95
C TYR G 139 22.31 12.17 -49.44
N PRO G 140 21.51 11.26 -48.90
CA PRO G 140 21.27 11.24 -47.46
C PRO G 140 22.41 10.56 -46.71
N GLU G 141 22.31 10.62 -45.38
CA GLU G 141 23.23 9.88 -44.53
C GLU G 141 23.07 8.39 -44.79
N LYS G 142 24.20 7.69 -44.91
CA LYS G 142 24.22 6.27 -45.24
C LYS G 142 24.83 5.48 -44.10
N LEU G 143 24.38 4.24 -43.97
CA LEU G 143 24.83 3.35 -42.90
C LEU G 143 26.29 2.97 -43.12
N GLN G 144 27.00 2.78 -42.02
CA GLN G 144 28.41 2.42 -42.09
C GLN G 144 28.55 1.04 -42.70
N SER G 145 29.43 0.90 -43.69
CA SER G 145 29.73 -0.42 -44.21
C SER G 145 30.58 -1.19 -43.21
N MET G 146 30.42 -2.52 -43.22
CA MET G 146 31.06 -3.39 -42.25
C MET G 146 31.70 -4.57 -42.98
N LYS G 147 32.89 -4.95 -42.52
CA LYS G 147 33.72 -5.89 -43.27
C LYS G 147 33.18 -7.31 -43.10
N VAL G 148 32.98 -8.00 -44.22
CA VAL G 148 32.26 -9.25 -44.28
C VAL G 148 33.03 -10.35 -44.99
N HIS G 149 34.28 -10.11 -45.40
CA HIS G 149 34.95 -11.10 -46.24
C HIS G 149 35.31 -12.36 -45.45
N PRO G 150 36.13 -12.29 -44.37
CA PRO G 150 36.30 -13.50 -43.56
C PRO G 150 35.02 -13.89 -42.82
N TYR G 151 34.44 -12.92 -42.09
CA TYR G 151 33.18 -13.12 -41.38
C TYR G 151 32.71 -11.82 -40.75
N ILE G 152 31.41 -11.67 -40.53
CA ILE G 152 30.88 -10.54 -39.78
C ILE G 152 31.33 -10.65 -38.33
N THR G 153 31.85 -9.56 -37.78
CA THR G 153 32.42 -9.54 -36.43
C THR G 153 31.51 -8.75 -35.49
N VAL G 154 30.57 -9.45 -34.87
CA VAL G 154 29.81 -8.86 -33.77
C VAL G 154 30.71 -8.79 -32.55
N GLU G 155 30.61 -7.71 -31.79
CA GLU G 155 31.49 -7.44 -30.66
C GLU G 155 30.68 -6.99 -29.45
N LEU G 156 31.25 -7.22 -28.27
CA LEU G 156 30.65 -6.75 -27.03
C LEU G 156 30.88 -5.24 -26.87
N LEU G 157 30.07 -4.64 -26.02
CA LEU G 157 30.32 -3.25 -25.63
C LEU G 157 31.62 -3.18 -24.85
N HIS G 158 32.44 -2.17 -25.15
CA HIS G 158 33.73 -2.05 -24.49
C HIS G 158 33.56 -1.65 -23.02
N LYS G 159 32.62 -0.75 -22.74
CA LYS G 159 32.48 -0.23 -21.38
C LYS G 159 31.82 -1.25 -20.43
N ALA G 160 30.78 -1.95 -20.90
CA ALA G 160 29.96 -2.81 -20.05
C ALA G 160 29.72 -4.15 -20.75
N PRO G 161 30.71 -5.06 -20.72
CA PRO G 161 30.48 -6.37 -21.34
C PRO G 161 29.38 -7.18 -20.70
N ILE G 162 29.09 -6.98 -19.42
CA ILE G 162 28.08 -7.75 -18.70
C ILE G 162 26.79 -6.94 -18.64
N ARG G 163 25.67 -7.64 -18.49
CA ARG G 163 24.36 -7.02 -18.65
C ARG G 163 23.90 -6.28 -17.41
N SER G 164 24.39 -6.67 -16.22
CA SER G 164 24.16 -5.93 -14.98
C SER G 164 22.67 -5.76 -14.67
N TYR G 165 21.99 -6.90 -14.47
CA TYR G 165 20.59 -6.84 -14.05
C TYR G 165 20.44 -6.27 -12.65
N LEU G 166 21.44 -6.45 -11.79
CA LEU G 166 21.30 -6.22 -10.35
C LEU G 166 21.72 -4.80 -10.02
N GLN G 167 20.73 -3.97 -9.66
CA GLN G 167 21.04 -2.65 -9.11
C GLN G 167 21.68 -2.78 -7.74
N ALA G 168 22.68 -1.96 -7.48
CA ALA G 168 23.48 -2.04 -6.26
C ALA G 168 22.94 -1.05 -5.24
N ARG G 169 22.58 -1.55 -4.07
CA ARG G 169 22.04 -0.72 -3.01
C ARG G 169 23.17 0.07 -2.34
N ASN G 170 22.78 1.13 -1.62
CA ASN G 170 23.71 1.99 -0.91
C ASN G 170 24.75 2.59 -1.87
N ALA H 18 -27.74 -2.01 -56.05
CA ALA H 18 -27.45 -3.35 -56.54
C ALA H 18 -27.93 -4.41 -55.53
N ASP H 19 -27.11 -4.67 -54.52
CA ASP H 19 -27.47 -5.66 -53.52
C ASP H 19 -28.60 -5.15 -52.63
N ILE H 20 -29.43 -6.08 -52.15
CA ILE H 20 -30.55 -5.77 -51.28
C ILE H 20 -30.33 -6.47 -49.95
N LEU H 21 -30.40 -5.71 -48.87
CA LEU H 21 -30.25 -6.21 -47.51
C LEU H 21 -31.63 -6.28 -46.86
N GLN H 22 -31.94 -7.44 -46.28
CA GLN H 22 -33.22 -7.70 -45.64
C GLN H 22 -32.99 -7.78 -44.14
N LEU H 23 -33.75 -6.98 -43.38
CA LEU H 23 -33.66 -6.90 -41.94
C LEU H 23 -34.97 -7.42 -41.36
N SER H 24 -34.88 -8.34 -40.41
CA SER H 24 -36.08 -8.96 -39.87
C SER H 24 -35.87 -9.42 -38.44
N TYR H 25 -36.73 -8.99 -37.54
CA TYR H 25 -36.62 -9.41 -36.15
C TYR H 25 -37.34 -10.74 -35.96
N SER H 26 -36.78 -11.58 -35.08
CA SER H 26 -37.25 -12.94 -34.86
C SER H 26 -37.54 -13.13 -33.38
N ASP H 27 -38.58 -13.92 -33.11
CA ASP H 27 -39.08 -14.20 -31.77
C ASP H 27 -38.24 -15.20 -31.01
N ASP H 28 -37.12 -15.66 -31.58
CA ASP H 28 -36.14 -16.58 -31.02
C ASP H 28 -36.61 -18.03 -31.04
N ALA H 29 -37.86 -18.33 -31.41
CA ALA H 29 -38.22 -19.69 -31.81
C ALA H 29 -38.97 -19.77 -33.12
N LYS H 30 -39.88 -18.83 -33.40
CA LYS H 30 -40.94 -19.13 -34.35
C LYS H 30 -40.52 -18.94 -35.80
N ASP H 31 -40.16 -17.72 -36.18
CA ASP H 31 -39.94 -17.39 -37.58
C ASP H 31 -39.48 -15.95 -37.66
N ALA H 32 -38.88 -15.59 -38.79
CA ALA H 32 -38.43 -14.22 -39.03
C ALA H 32 -39.60 -13.39 -39.53
N ILE H 33 -40.03 -12.42 -38.73
CA ILE H 33 -41.05 -11.45 -39.13
C ILE H 33 -40.33 -10.28 -39.80
N PRO H 34 -40.64 -9.96 -41.06
CA PRO H 34 -39.83 -8.93 -41.74
C PRO H 34 -40.01 -7.57 -41.11
N LEU H 35 -38.93 -6.77 -41.17
CA LEU H 35 -38.91 -5.44 -40.58
C LEU H 35 -38.38 -4.36 -41.52
N GLY H 36 -37.75 -4.72 -42.63
CA GLY H 36 -37.39 -3.72 -43.60
C GLY H 36 -36.43 -4.25 -44.64
N THR H 37 -36.16 -3.39 -45.62
CA THR H 37 -35.27 -3.70 -46.73
C THR H 37 -34.52 -2.43 -47.12
N PHE H 38 -33.25 -2.60 -47.47
CA PHE H 38 -32.38 -1.51 -47.88
C PHE H 38 -31.61 -1.96 -49.10
N GLU H 39 -31.05 -1.01 -49.85
CA GLU H 39 -30.25 -1.33 -51.04
C GLU H 39 -28.90 -0.64 -50.94
N ILE H 40 -27.87 -1.37 -51.37
CA ILE H 40 -26.48 -0.94 -51.22
C ILE H 40 -25.90 -0.65 -52.60
N ASP H 41 -25.94 0.61 -53.02
CA ASP H 41 -25.46 1.00 -54.33
C ASP H 41 -24.00 1.46 -54.24
N SER H 42 -23.20 1.06 -55.22
CA SER H 42 -21.82 1.52 -55.33
C SER H 42 -21.84 2.83 -56.10
N THR H 43 -22.09 3.92 -55.37
CA THR H 43 -22.32 5.21 -56.01
C THR H 43 -21.05 5.76 -56.63
N SER H 44 -20.02 5.97 -55.81
CA SER H 44 -18.71 6.35 -56.31
C SER H 44 -17.94 5.09 -56.70
N ASP H 45 -16.71 5.29 -57.18
CA ASP H 45 -15.87 4.13 -57.49
C ASP H 45 -15.57 3.32 -56.24
N GLY H 46 -15.24 3.99 -55.13
CA GLY H 46 -14.84 3.34 -53.90
C GLY H 46 -15.64 3.74 -52.67
N ASN H 47 -16.94 3.98 -52.82
CA ASN H 47 -17.78 4.39 -51.68
C ASN H 47 -19.18 3.84 -51.91
N VAL H 48 -19.58 2.87 -51.09
CA VAL H 48 -20.93 2.33 -51.14
C VAL H 48 -21.85 3.19 -50.30
N THR H 49 -23.13 3.21 -50.67
CA THR H 49 -24.14 4.00 -49.98
C THR H 49 -25.41 3.17 -49.86
N VAL H 50 -26.05 3.22 -48.69
CA VAL H 50 -27.24 2.45 -48.39
C VAL H 50 -28.44 3.37 -48.38
N THR H 51 -29.47 3.02 -49.14
CA THR H 51 -30.71 3.79 -49.22
C THR H 51 -31.89 2.90 -48.89
N THR H 52 -32.92 3.50 -48.28
CA THR H 52 -34.03 2.75 -47.70
C THR H 52 -35.08 2.55 -48.78
N VAL H 53 -35.13 1.34 -49.36
CA VAL H 53 -36.13 1.06 -50.38
C VAL H 53 -37.51 0.91 -49.75
N ASN H 54 -37.58 0.29 -48.56
CA ASN H 54 -38.86 0.04 -47.93
C ASN H 54 -38.63 -0.33 -46.46
N ILE H 55 -39.45 0.26 -45.58
CA ILE H 55 -39.53 -0.13 -44.18
C ILE H 55 -40.99 -0.35 -43.84
N GLN H 56 -41.27 -1.36 -43.04
CA GLN H 56 -42.63 -1.83 -42.76
C GLN H 56 -42.95 -1.53 -41.30
N ASP H 57 -43.92 -0.64 -41.08
CA ASP H 57 -44.29 -0.21 -39.74
C ASP H 57 -45.21 -1.25 -39.10
N VAL H 58 -44.71 -1.93 -38.07
CA VAL H 58 -45.49 -2.91 -37.32
C VAL H 58 -45.28 -2.63 -35.84
N GLU H 59 -46.27 -3.02 -35.03
CA GLU H 59 -46.19 -2.83 -33.59
C GLU H 59 -45.26 -3.88 -33.00
N VAL H 60 -44.20 -3.44 -32.33
CA VAL H 60 -43.17 -4.31 -31.79
C VAL H 60 -42.95 -3.95 -30.34
N SER H 61 -42.77 -4.97 -29.50
CA SER H 61 -42.36 -4.77 -28.13
C SER H 61 -41.75 -6.06 -27.60
N GLY H 62 -40.70 -5.93 -26.79
CA GLY H 62 -40.13 -7.07 -26.10
C GLY H 62 -38.75 -7.43 -26.63
N GLU H 63 -38.21 -8.51 -26.06
CA GLU H 63 -36.84 -8.95 -26.32
C GLU H 63 -36.82 -9.89 -27.52
N TYR H 64 -36.27 -9.40 -28.63
CA TYR H 64 -36.20 -10.16 -29.88
C TYR H 64 -34.76 -10.19 -30.39
N CYS H 65 -34.46 -11.18 -31.23
CA CYS H 65 -33.15 -11.33 -31.83
C CYS H 65 -33.28 -11.09 -33.33
N LEU H 66 -32.40 -10.25 -33.88
CA LEU H 66 -32.59 -9.79 -35.25
C LEU H 66 -31.95 -10.76 -36.24
N ASN H 67 -32.18 -10.49 -37.53
CA ASN H 67 -31.68 -11.32 -38.62
C ASN H 67 -31.37 -10.41 -39.80
N ALA H 68 -30.29 -10.73 -40.52
CA ALA H 68 -29.88 -10.00 -41.71
C ALA H 68 -29.56 -10.96 -42.83
N GLN H 69 -30.08 -10.69 -44.02
CA GLN H 69 -29.73 -11.49 -45.20
C GLN H 69 -29.58 -10.60 -46.41
N ILE H 70 -28.45 -10.73 -47.11
CA ILE H 70 -28.33 -10.29 -48.49
C ILE H 70 -28.31 -11.55 -49.33
N GLU H 71 -29.33 -11.70 -50.18
CA GLU H 71 -29.53 -12.92 -50.94
C GLU H 71 -28.32 -13.18 -51.83
N GLY H 72 -27.91 -14.44 -51.88
CA GLY H 72 -26.60 -14.77 -52.40
C GLY H 72 -25.59 -14.84 -51.28
N LYS H 73 -24.70 -13.86 -51.19
CA LYS H 73 -23.54 -14.00 -50.28
C LYS H 73 -23.60 -13.21 -48.97
N LEU H 74 -24.61 -13.43 -48.12
CA LEU H 74 -24.59 -12.80 -46.78
C LEU H 74 -25.75 -13.28 -45.92
N ASP H 75 -25.45 -13.97 -44.82
CA ASP H 75 -26.50 -14.34 -43.87
C ASP H 75 -25.97 -14.25 -42.45
N MET H 76 -26.41 -13.23 -41.69
CA MET H 76 -26.21 -13.20 -40.25
C MET H 76 -27.50 -13.68 -39.59
N PRO H 77 -27.53 -14.85 -38.94
CA PRO H 77 -28.77 -15.24 -38.26
C PRO H 77 -29.11 -14.37 -37.06
N CYS H 78 -28.13 -14.00 -36.24
CA CYS H 78 -28.39 -13.17 -35.06
C CYS H 78 -27.21 -12.24 -34.87
N PHE H 79 -27.32 -11.02 -35.37
CA PHE H 79 -26.26 -10.04 -35.20
C PHE H 79 -26.41 -9.21 -33.94
N SER H 80 -27.60 -9.17 -33.34
CA SER H 80 -27.76 -8.54 -32.04
C SER H 80 -29.08 -8.99 -31.43
N TYR H 81 -29.19 -8.79 -30.11
CA TYR H 81 -30.36 -9.17 -29.33
C TYR H 81 -30.77 -7.95 -28.52
N MET H 82 -32.01 -7.50 -28.67
CA MET H 82 -32.41 -6.22 -28.11
C MET H 82 -33.85 -6.26 -27.62
N LYS H 83 -34.17 -5.31 -26.75
CA LYS H 83 -35.52 -5.10 -26.24
C LYS H 83 -36.12 -3.95 -27.03
N LEU H 84 -36.84 -4.28 -28.08
CA LEU H 84 -37.41 -3.26 -28.94
C LEU H 84 -38.71 -2.70 -28.37
N ARG H 85 -38.99 -1.45 -28.75
CA ARG H 85 -40.23 -0.75 -28.45
C ARG H 85 -40.66 0.00 -29.70
N THR H 86 -41.97 0.12 -29.90
CA THR H 86 -42.47 0.32 -31.26
C THR H 86 -42.06 1.63 -31.92
N PRO H 87 -41.77 2.75 -31.21
CA PRO H 87 -41.22 3.89 -31.98
C PRO H 87 -39.72 3.71 -32.19
N LEU H 88 -39.36 2.86 -33.16
CA LEU H 88 -37.95 2.49 -33.34
C LEU H 88 -37.14 3.72 -33.72
N LYS H 89 -36.01 3.88 -33.04
CA LYS H 89 -35.14 5.05 -33.16
C LYS H 89 -33.69 4.61 -33.30
N TYR H 90 -33.46 3.61 -34.16
CA TYR H 90 -32.16 2.96 -34.29
C TYR H 90 -31.50 3.32 -35.62
N ASP H 91 -30.18 3.19 -35.62
CA ASP H 91 -29.35 3.32 -36.81
C ASP H 91 -28.77 1.95 -37.14
N LEU H 92 -29.05 1.45 -38.34
CA LEU H 92 -28.46 0.22 -38.84
C LEU H 92 -27.09 0.56 -39.42
N ILE H 93 -26.02 0.18 -38.71
CA ILE H 93 -24.66 0.45 -39.13
C ILE H 93 -24.13 -0.79 -39.83
N VAL H 94 -24.01 -0.70 -41.15
CA VAL H 94 -23.29 -1.69 -41.92
C VAL H 94 -21.81 -1.35 -41.85
N ASP H 95 -20.95 -2.37 -41.85
CA ASP H 95 -19.52 -2.21 -41.62
C ASP H 95 -18.78 -2.95 -42.72
N VAL H 96 -18.06 -2.20 -43.55
CA VAL H 96 -17.42 -2.74 -44.75
C VAL H 96 -15.90 -2.65 -44.62
N ASP H 97 -15.18 -3.18 -45.61
CA ASP H 97 -13.73 -3.19 -45.67
C ASP H 97 -13.28 -2.48 -46.95
N GLU H 98 -11.96 -2.52 -47.20
CA GLU H 98 -11.38 -1.73 -48.29
C GLU H 98 -11.94 -2.18 -49.65
N ASP H 99 -11.98 -3.48 -49.90
CA ASP H 99 -12.62 -4.02 -51.09
C ASP H 99 -14.09 -4.21 -50.75
N ASN H 100 -14.95 -3.33 -51.27
CA ASN H 100 -16.26 -3.10 -50.71
C ASN H 100 -17.13 -4.35 -50.68
N GLU H 101 -17.45 -4.81 -49.46
CA GLU H 101 -18.34 -5.94 -49.25
C GLU H 101 -18.80 -5.86 -47.79
N VAL H 102 -20.09 -6.10 -47.58
CA VAL H 102 -20.66 -5.97 -46.25
C VAL H 102 -20.01 -7.03 -45.36
N LYS H 103 -19.26 -6.58 -44.35
CA LYS H 103 -18.51 -7.47 -43.48
C LYS H 103 -19.26 -7.78 -42.19
N GLN H 104 -19.75 -6.77 -41.49
CA GLN H 104 -20.54 -7.00 -40.27
C GLN H 104 -21.62 -5.94 -40.14
N VAL H 105 -22.82 -6.38 -39.77
CA VAL H 105 -23.96 -5.49 -39.54
C VAL H 105 -24.20 -5.39 -38.05
N SER H 106 -24.42 -4.18 -37.56
CA SER H 106 -24.79 -3.93 -36.18
C SER H 106 -25.90 -2.90 -36.17
N LEU H 107 -26.59 -2.80 -35.04
CA LEU H 107 -27.71 -1.88 -34.90
C LEU H 107 -27.55 -1.14 -33.58
N SER H 108 -27.64 0.18 -33.62
CA SER H 108 -27.33 1.04 -32.48
C SER H 108 -28.48 2.00 -32.24
N TYR H 109 -28.46 2.62 -31.06
CA TYR H 109 -29.51 3.55 -30.65
C TYR H 109 -29.04 4.98 -30.88
N ASP H 110 -29.73 5.69 -31.77
CA ASP H 110 -29.45 7.09 -32.07
C ASP H 110 -30.73 7.88 -31.85
N GLU H 111 -30.64 8.94 -31.05
CA GLU H 111 -31.81 9.44 -30.33
C GLU H 111 -32.84 10.08 -31.25
N THR H 112 -32.43 10.66 -32.38
CA THR H 112 -33.26 11.62 -33.10
C THR H 112 -33.74 11.14 -34.46
N ASN H 113 -33.67 9.83 -34.73
CA ASN H 113 -34.04 9.34 -36.06
C ASN H 113 -35.55 9.23 -36.24
N ASP H 114 -36.26 8.79 -35.19
CA ASP H 114 -37.69 8.40 -35.24
C ASP H 114 -37.99 7.47 -36.42
N ALA H 115 -37.01 6.67 -36.83
CA ALA H 115 -37.16 5.65 -37.85
C ALA H 115 -35.87 4.84 -37.84
N ILE H 116 -35.77 3.87 -38.75
CA ILE H 116 -34.52 3.15 -39.00
C ILE H 116 -33.90 3.72 -40.27
N THR H 117 -32.68 4.22 -40.16
CA THR H 117 -31.86 4.64 -41.30
C THR H 117 -30.58 3.84 -41.30
N ALA H 118 -29.95 3.76 -42.48
CA ALA H 118 -28.79 2.92 -42.69
C ALA H 118 -27.55 3.78 -42.93
N THR H 119 -26.44 3.38 -42.31
CA THR H 119 -25.16 4.07 -42.43
C THR H 119 -24.08 3.06 -42.78
N VAL H 120 -23.07 3.51 -43.51
CA VAL H 120 -21.88 2.72 -43.82
C VAL H 120 -20.75 3.16 -42.91
N ARG H 121 -19.97 2.19 -42.44
CA ARG H 121 -18.83 2.46 -41.58
C ARG H 121 -17.60 1.75 -42.12
N TYR H 122 -16.52 2.52 -42.26
CA TYR H 122 -15.21 2.09 -42.68
C TYR H 122 -14.30 1.92 -41.48
N PRO H 123 -13.23 1.13 -41.59
CA PRO H 123 -12.55 0.63 -40.39
C PRO H 123 -11.57 1.59 -39.71
N GLU H 124 -11.43 2.84 -40.15
CA GLU H 124 -10.74 3.88 -39.37
C GLU H 124 -9.28 3.49 -39.07
N ALA H 125 -8.49 3.41 -40.14
CA ALA H 125 -7.10 2.93 -40.10
C ALA H 125 -6.29 3.54 -38.96
N GLY H 126 -5.39 2.72 -38.39
CA GLY H 126 -4.78 2.97 -37.11
C GLY H 126 -3.53 3.86 -37.12
N PRO H 127 -2.78 3.89 -35.98
CA PRO H 127 -1.79 4.96 -35.77
C PRO H 127 -0.60 5.02 -36.72
N THR H 128 0.14 3.93 -36.91
CA THR H 128 1.37 3.94 -37.70
C THR H 128 2.39 4.95 -37.16
N ALA H 129 2.82 4.71 -35.92
CA ALA H 129 3.65 5.68 -35.20
C ALA H 129 5.01 5.90 -35.87
N PRO H 130 5.61 7.07 -35.68
CA PRO H 130 6.80 7.43 -36.44
C PRO H 130 8.10 6.95 -35.80
N VAL H 131 9.14 6.90 -36.64
CA VAL H 131 10.46 6.39 -36.25
C VAL H 131 11.52 7.36 -36.77
N THR H 132 12.69 7.30 -36.15
CA THR H 132 13.78 8.21 -36.49
C THR H 132 14.24 7.97 -37.92
N LYS H 133 14.48 9.06 -38.65
CA LYS H 133 14.72 9.03 -40.08
C LYS H 133 16.18 9.34 -40.41
N LEU H 134 16.59 8.91 -41.60
CA LEU H 134 17.91 9.26 -42.12
C LEU H 134 17.92 10.73 -42.53
N LYS H 135 18.84 11.50 -41.96
CA LYS H 135 18.81 12.95 -42.13
C LYS H 135 19.36 13.33 -43.50
N LYS H 136 19.36 14.63 -43.79
CA LYS H 136 19.59 15.15 -45.13
C LYS H 136 21.02 15.66 -45.26
N LYS H 137 21.73 15.11 -46.25
CA LYS H 137 23.00 15.67 -46.72
C LYS H 137 24.03 15.80 -45.60
N THR H 138 24.14 14.75 -44.79
CA THR H 138 25.28 14.62 -43.86
C THR H 138 26.37 13.79 -44.54
N LYS H 139 26.81 14.29 -45.69
CA LYS H 139 27.90 13.72 -46.47
C LYS H 139 29.09 14.65 -46.57
N THR H 140 28.87 15.91 -46.96
CA THR H 140 29.92 16.90 -47.13
C THR H 140 29.83 18.04 -46.12
N TYR H 141 28.92 17.98 -45.15
CA TYR H 141 28.82 18.95 -44.08
C TYR H 141 28.76 18.22 -42.75
N ALA H 142 29.43 18.77 -41.75
CA ALA H 142 29.45 18.19 -40.42
C ALA H 142 29.75 19.25 -39.37
N ALA I 2 -2.34 -44.51 -8.21
CA ALA I 2 -3.05 -45.05 -9.36
C ALA I 2 -3.43 -43.93 -10.33
N GLN I 3 -2.44 -43.12 -10.71
CA GLN I 3 -2.66 -42.05 -11.66
C GLN I 3 -2.43 -42.50 -13.10
N VAL I 4 -1.46 -43.38 -13.32
CA VAL I 4 -1.20 -43.90 -14.65
C VAL I 4 -2.17 -45.03 -14.95
N GLN I 5 -3.30 -44.70 -15.57
CA GLN I 5 -4.37 -45.65 -15.85
C GLN I 5 -4.80 -45.49 -17.30
N LEU I 6 -5.29 -46.59 -17.88
CA LEU I 6 -5.44 -46.75 -19.31
C LEU I 6 -6.91 -46.77 -19.69
N GLN I 7 -7.25 -46.08 -20.79
CA GLN I 7 -8.62 -45.95 -21.25
C GLN I 7 -8.76 -46.55 -22.64
N GLN I 8 -9.89 -47.22 -22.89
CA GLN I 8 -10.07 -48.10 -24.04
C GLN I 8 -11.17 -47.61 -24.98
N TRP I 9 -10.99 -47.90 -26.26
CA TRP I 9 -12.03 -47.74 -27.27
C TRP I 9 -12.04 -48.98 -28.16
N GLY I 10 -13.17 -49.19 -28.83
CA GLY I 10 -13.28 -50.33 -29.73
C GLY I 10 -14.70 -50.52 -30.25
N ALA I 11 -15.02 -51.78 -30.55
CA ALA I 11 -16.28 -52.15 -31.18
C ALA I 11 -16.94 -53.28 -30.40
N GLY I 12 -18.27 -53.27 -30.39
CA GLY I 12 -19.04 -54.24 -29.62
C GLY I 12 -19.57 -55.41 -30.43
N LEU I 13 -20.07 -55.15 -31.63
CA LEU I 13 -20.67 -56.18 -32.49
C LEU I 13 -19.76 -56.46 -33.67
N LEU I 14 -19.46 -57.74 -33.88
CA LEU I 14 -18.72 -58.21 -35.05
C LEU I 14 -19.37 -59.47 -35.57
N LYS I 15 -19.58 -59.54 -36.88
CA LYS I 15 -19.98 -60.77 -37.52
C LYS I 15 -18.76 -61.67 -37.67
N PRO I 16 -18.92 -62.94 -38.04
CA PRO I 16 -17.75 -63.80 -38.21
C PRO I 16 -16.84 -63.29 -39.32
N SER I 17 -15.53 -63.52 -39.12
CA SER I 17 -14.49 -63.26 -40.11
C SER I 17 -14.44 -61.79 -40.53
N GLU I 18 -14.20 -60.92 -39.55
CA GLU I 18 -13.65 -59.59 -39.82
C GLU I 18 -12.84 -59.16 -38.60
N THR I 19 -12.00 -58.14 -38.82
CA THR I 19 -10.97 -57.78 -37.85
C THR I 19 -11.53 -56.90 -36.74
N LEU I 20 -10.93 -57.03 -35.55
CA LEU I 20 -11.41 -56.42 -34.32
C LEU I 20 -10.45 -55.32 -33.90
N SER I 21 -10.92 -54.07 -33.91
CA SER I 21 -10.08 -52.91 -33.68
C SER I 21 -10.29 -52.38 -32.26
N LEU I 22 -9.22 -52.40 -31.46
CA LEU I 22 -9.23 -51.88 -30.10
C LEU I 22 -8.07 -50.92 -29.92
N THR I 23 -8.23 -49.97 -28.99
CA THR I 23 -7.25 -48.90 -28.82
C THR I 23 -7.17 -48.50 -27.36
N CYS I 24 -6.02 -48.70 -26.73
CA CYS I 24 -5.75 -48.18 -25.40
C CYS I 24 -5.19 -46.77 -25.52
N ALA I 25 -5.18 -46.07 -24.39
CA ALA I 25 -4.59 -44.74 -24.31
C ALA I 25 -4.10 -44.50 -22.89
N VAL I 26 -2.86 -44.04 -22.77
CA VAL I 26 -2.17 -43.91 -21.49
C VAL I 26 -2.35 -42.48 -20.98
N TYR I 27 -2.43 -42.34 -19.67
CA TYR I 27 -2.59 -41.05 -19.00
C TYR I 27 -1.62 -40.93 -17.83
N GLY I 28 -0.37 -41.30 -18.06
CA GLY I 28 0.67 -41.19 -17.06
C GLY I 28 2.04 -41.02 -17.69
N GLY I 29 3.09 -41.03 -16.88
CA GLY I 29 4.42 -40.77 -17.36
C GLY I 29 5.10 -41.98 -17.97
N SER I 30 6.22 -41.71 -18.64
CA SER I 30 7.18 -42.74 -19.07
C SER I 30 6.53 -43.77 -20.00
N PHE I 31 6.06 -43.31 -21.14
CA PHE I 31 5.62 -44.25 -22.18
C PHE I 31 6.75 -45.15 -22.64
N SER I 32 8.01 -44.71 -22.49
CA SER I 32 9.18 -45.46 -22.93
C SER I 32 9.87 -46.05 -21.72
N GLY I 33 9.89 -47.38 -21.63
CA GLY I 33 10.46 -48.07 -20.49
C GLY I 33 9.65 -49.26 -20.03
N TYR I 34 8.51 -49.51 -20.66
CA TYR I 34 7.63 -50.62 -20.33
C TYR I 34 7.18 -51.30 -21.60
N TYR I 35 6.74 -52.54 -21.46
CA TYR I 35 6.11 -53.30 -22.53
C TYR I 35 4.61 -53.30 -22.29
N TRP I 36 3.85 -52.86 -23.28
CA TRP I 36 2.40 -52.70 -23.16
C TRP I 36 1.73 -53.87 -23.88
N SER I 37 1.03 -54.71 -23.12
CA SER I 37 0.52 -55.97 -23.61
C SER I 37 -1.01 -56.03 -23.54
N TRP I 38 -1.59 -56.83 -24.44
CA TRP I 38 -3.01 -57.12 -24.46
C TRP I 38 -3.26 -58.51 -23.88
N ILE I 39 -4.38 -58.66 -23.19
CA ILE I 39 -4.76 -59.94 -22.59
C ILE I 39 -6.25 -60.18 -22.84
N ARG I 40 -6.61 -61.42 -23.13
CA ARG I 40 -7.99 -61.84 -23.25
C ARG I 40 -8.45 -62.59 -22.02
N GLN I 41 -9.74 -62.46 -21.72
CA GLN I 41 -10.46 -63.35 -20.83
C GLN I 41 -11.70 -63.80 -21.59
N PRO I 42 -11.68 -64.99 -22.20
CA PRO I 42 -12.92 -65.53 -22.75
C PRO I 42 -13.78 -66.06 -21.62
N PRO I 43 -15.11 -65.88 -21.68
CA PRO I 43 -15.94 -66.52 -20.65
C PRO I 43 -15.79 -68.03 -20.73
N GLY I 44 -15.63 -68.65 -19.57
CA GLY I 44 -15.14 -70.01 -19.49
C GLY I 44 -13.87 -70.13 -18.66
N LYS I 45 -13.66 -69.19 -17.74
CA LYS I 45 -12.66 -69.30 -16.68
C LYS I 45 -11.24 -69.49 -17.25
N GLY I 46 -10.79 -68.49 -18.00
CA GLY I 46 -9.42 -68.52 -18.49
C GLY I 46 -8.94 -67.17 -18.97
N LEU I 47 -7.62 -67.06 -19.05
CA LEU I 47 -6.94 -65.94 -19.69
C LEU I 47 -5.73 -66.48 -20.42
N GLU I 48 -5.48 -66.01 -21.63
CA GLU I 48 -4.20 -66.29 -22.28
C GLU I 48 -3.99 -65.32 -23.43
N TRP I 49 -2.90 -64.55 -23.37
CA TRP I 49 -2.31 -63.85 -24.51
C TRP I 49 -1.03 -63.21 -24.04
N ILE I 50 -0.10 -62.99 -24.98
CA ILE I 50 0.89 -61.93 -24.86
C ILE I 50 1.00 -61.25 -26.21
N GLY I 51 0.65 -59.96 -26.26
CA GLY I 51 0.69 -59.15 -27.46
C GLY I 51 1.67 -58.01 -27.34
N GLU I 52 2.83 -58.28 -26.74
CA GLU I 52 3.76 -57.27 -26.27
C GLU I 52 4.15 -56.26 -27.33
N ILE I 53 4.60 -55.08 -26.89
CA ILE I 53 5.01 -53.99 -27.77
C ILE I 53 6.10 -53.23 -27.03
N ASN I 54 6.81 -52.36 -27.75
CA ASN I 54 7.81 -51.49 -27.16
C ASN I 54 7.65 -50.10 -27.77
N HIS I 55 8.32 -49.11 -27.19
CA HIS I 55 8.24 -47.76 -27.76
C HIS I 55 8.85 -47.72 -29.16
N SER I 56 9.99 -48.38 -29.35
CA SER I 56 10.52 -48.69 -30.68
C SER I 56 9.99 -50.08 -31.04
N GLY I 57 9.10 -50.13 -32.03
CA GLY I 57 8.22 -51.27 -32.24
C GLY I 57 8.92 -52.61 -32.33
N SER I 58 8.69 -53.44 -31.33
CA SER I 58 9.38 -54.71 -31.10
C SER I 58 8.37 -55.81 -30.79
N THR I 59 7.32 -55.87 -31.61
CA THR I 59 6.19 -56.79 -31.40
C THR I 59 6.64 -58.20 -31.07
N ASN I 60 6.01 -58.79 -30.06
CA ASN I 60 6.34 -60.14 -29.59
C ASN I 60 5.03 -60.88 -29.34
N TYR I 61 4.55 -61.60 -30.35
CA TYR I 61 3.25 -62.26 -30.28
C TYR I 61 3.35 -63.58 -29.51
N ASN I 62 2.22 -64.27 -29.41
CA ASN I 62 2.14 -65.55 -28.72
C ASN I 62 2.73 -66.67 -29.59
N VAL I 73 -1.14 -54.82 -32.79
CA VAL I 73 -0.29 -54.23 -31.77
C VAL I 73 0.49 -53.07 -32.37
N ASP I 74 -0.20 -52.24 -33.14
CA ASP I 74 0.40 -51.03 -33.68
C ASP I 74 0.68 -50.02 -32.57
N THR I 75 1.67 -49.17 -32.80
CA THR I 75 2.11 -48.16 -31.83
C THR I 75 2.01 -46.77 -32.44
N SER I 76 1.62 -45.81 -31.60
CA SER I 76 1.62 -44.39 -31.97
C SER I 76 2.30 -43.64 -30.83
N LYS I 77 3.61 -43.40 -30.98
CA LYS I 77 4.35 -42.65 -29.97
C LYS I 77 3.95 -41.18 -29.93
N ASN I 78 3.22 -40.69 -30.92
CA ASN I 78 2.82 -39.29 -30.92
C ASN I 78 1.79 -39.01 -29.83
N GLN I 79 0.79 -39.89 -29.69
CA GLN I 79 -0.35 -39.66 -28.81
C GLN I 79 -0.46 -40.67 -27.67
N PHE I 80 0.53 -41.56 -27.51
CA PHE I 80 0.53 -42.56 -26.45
C PHE I 80 -0.71 -43.46 -26.53
N SER I 81 -0.84 -44.17 -27.65
CA SER I 81 -1.98 -45.06 -27.82
C SER I 81 -1.55 -46.25 -28.67
N LEU I 82 -1.19 -47.35 -28.02
CA LEU I 82 -1.08 -48.63 -28.72
C LEU I 82 -2.45 -49.07 -29.23
N LYS I 83 -2.44 -49.91 -30.26
CA LYS I 83 -3.65 -50.25 -31.00
C LYS I 83 -3.54 -51.70 -31.47
N LEU I 84 -4.66 -52.41 -31.44
CA LEU I 84 -4.73 -53.81 -31.82
C LEU I 84 -5.77 -54.00 -32.91
N SER I 85 -5.44 -54.84 -33.90
CA SER I 85 -6.37 -55.21 -34.97
C SER I 85 -6.12 -56.68 -35.31
N SER I 86 -7.04 -57.55 -34.88
CA SER I 86 -6.96 -58.98 -35.17
C SER I 86 -7.97 -59.36 -36.25
N ASP I 91 -12.45 -64.60 -31.22
CA ASP I 91 -13.67 -65.08 -30.58
C ASP I 91 -14.18 -64.07 -29.57
N THR I 92 -15.39 -64.29 -29.07
CA THR I 92 -15.96 -63.40 -28.06
C THR I 92 -15.17 -63.49 -26.76
N ALA I 93 -14.91 -62.33 -26.16
CA ALA I 93 -14.12 -62.30 -24.93
C ALA I 93 -14.19 -60.90 -24.33
N VAL I 94 -13.46 -60.71 -23.24
CA VAL I 94 -13.15 -59.40 -22.69
C VAL I 94 -11.67 -59.15 -22.94
N TYR I 95 -11.35 -57.92 -23.35
CA TYR I 95 -9.99 -57.54 -23.75
C TYR I 95 -9.47 -56.48 -22.80
N TYR I 96 -8.25 -56.67 -22.31
CA TYR I 96 -7.60 -55.78 -21.36
C TYR I 96 -6.29 -55.27 -21.92
N CYS I 97 -5.97 -54.02 -21.61
CA CYS I 97 -4.64 -53.48 -21.83
C CYS I 97 -3.73 -54.02 -20.73
N ALA I 98 -2.48 -53.55 -20.69
CA ALA I 98 -1.60 -53.87 -19.57
C ALA I 98 -0.42 -52.91 -19.60
N ARG I 99 0.52 -53.15 -18.69
CA ARG I 99 1.79 -52.43 -18.69
C ARG I 99 2.76 -53.24 -17.85
N GLY I 100 3.89 -53.64 -18.45
CA GLY I 100 4.77 -54.61 -17.83
C GLY I 100 6.20 -54.14 -17.69
N LEU I 101 6.93 -54.78 -16.79
CA LEU I 101 8.33 -54.44 -16.58
C LEU I 101 9.12 -54.77 -17.84
N ALA I 102 10.22 -54.05 -18.03
CA ALA I 102 11.02 -54.12 -19.25
C ALA I 102 12.48 -54.35 -18.90
N GLY I 103 12.72 -55.27 -17.97
CA GLY I 103 14.07 -55.57 -17.53
C GLY I 103 14.95 -56.05 -18.65
N ARG I 104 14.54 -57.11 -19.32
CA ARG I 104 15.28 -57.65 -20.46
C ARG I 104 15.13 -56.73 -21.67
N GLY I 105 16.00 -56.95 -22.65
CA GLY I 105 16.07 -56.06 -23.79
C GLY I 105 14.86 -56.13 -24.69
N TYR I 106 14.64 -57.28 -25.34
CA TYR I 106 13.63 -57.42 -26.38
C TYR I 106 12.51 -58.39 -26.00
N TYR I 107 12.46 -58.85 -24.75
CA TYR I 107 11.53 -59.89 -24.33
C TYR I 107 10.43 -59.41 -23.39
N GLY I 108 10.71 -58.44 -22.53
CA GLY I 108 9.78 -58.09 -21.48
C GLY I 108 9.85 -59.10 -20.36
N SER I 109 9.27 -58.72 -19.21
CA SER I 109 9.34 -59.56 -18.02
C SER I 109 8.02 -59.65 -17.27
N GLY I 110 6.88 -59.44 -17.95
CA GLY I 110 5.60 -59.60 -17.30
C GLY I 110 5.42 -58.58 -16.20
N SER I 111 4.94 -59.04 -15.04
CA SER I 111 4.69 -58.17 -13.89
C SER I 111 3.73 -57.04 -14.26
N TYR I 112 2.59 -57.40 -14.81
CA TYR I 112 1.65 -56.42 -15.38
C TYR I 112 0.87 -55.75 -14.26
N LEU I 113 1.17 -54.48 -14.02
CA LEU I 113 0.41 -53.61 -13.14
C LEU I 113 -0.31 -52.57 -14.00
N ARG I 114 -1.28 -51.89 -13.40
CA ARG I 114 -2.05 -50.86 -14.09
C ARG I 114 -2.76 -51.42 -15.33
N TRP I 115 -3.65 -52.37 -15.09
CA TRP I 115 -4.48 -52.91 -16.14
C TRP I 115 -5.52 -51.89 -16.59
N GLY I 116 -6.09 -52.13 -17.76
CA GLY I 116 -7.15 -51.29 -18.26
C GLY I 116 -8.50 -51.70 -17.72
N GLN I 117 -9.50 -50.85 -17.99
CA GLN I 117 -10.84 -51.11 -17.49
C GLN I 117 -11.49 -52.30 -18.19
N GLY I 118 -11.05 -52.63 -19.39
CA GLY I 118 -11.52 -53.82 -20.08
C GLY I 118 -12.74 -53.58 -20.94
N THR I 119 -12.66 -53.95 -22.21
CA THR I 119 -13.78 -53.86 -23.15
C THR I 119 -14.34 -55.25 -23.40
N LEU I 120 -15.62 -55.31 -23.75
CA LEU I 120 -16.31 -56.56 -24.06
C LEU I 120 -16.54 -56.63 -25.56
N VAL I 121 -16.18 -57.76 -26.17
CA VAL I 121 -16.35 -57.97 -27.60
C VAL I 121 -17.15 -59.25 -27.80
N THR I 122 -18.33 -59.12 -28.39
CA THR I 122 -19.23 -60.24 -28.68
C THR I 122 -19.28 -60.44 -30.18
N VAL I 123 -18.90 -61.63 -30.63
CA VAL I 123 -18.92 -62.01 -32.05
C VAL I 123 -20.18 -62.85 -32.26
N SER I 124 -21.24 -62.20 -32.75
CA SER I 124 -22.55 -62.82 -32.91
C SER I 124 -23.13 -62.46 -34.27
N SER I 125 -24.18 -63.19 -34.64
CA SER I 125 -24.78 -63.09 -35.96
C SER I 125 -25.90 -62.06 -36.03
N ALA I 126 -26.69 -61.93 -34.97
CA ALA I 126 -27.89 -61.09 -35.01
C ALA I 126 -27.50 -59.63 -34.82
N SER I 127 -28.50 -58.77 -34.63
CA SER I 127 -28.32 -57.33 -34.53
C SER I 127 -28.70 -56.84 -33.15
N THR I 128 -28.40 -55.56 -32.89
CA THR I 128 -28.61 -54.98 -31.58
C THR I 128 -30.11 -54.79 -31.31
N LYS I 129 -30.46 -54.85 -30.02
CA LYS I 129 -31.83 -54.60 -29.56
C LYS I 129 -31.76 -53.83 -28.26
N GLY I 130 -32.53 -52.74 -28.17
CA GLY I 130 -32.50 -51.89 -27.00
C GLY I 130 -33.16 -52.57 -25.81
N PRO I 131 -32.78 -52.20 -24.58
CA PRO I 131 -33.47 -52.78 -23.42
C PRO I 131 -34.74 -52.03 -23.06
N SER I 132 -35.85 -52.76 -22.97
CA SER I 132 -37.09 -52.26 -22.41
C SER I 132 -37.13 -52.52 -20.91
N VAL I 133 -37.95 -51.73 -20.22
CA VAL I 133 -37.98 -51.70 -18.75
C VAL I 133 -39.38 -52.08 -18.28
N PHE I 134 -39.45 -53.01 -17.33
CA PHE I 134 -40.71 -53.49 -16.76
C PHE I 134 -40.54 -53.53 -15.24
N PRO I 135 -40.88 -52.46 -14.53
CA PRO I 135 -40.64 -52.45 -13.08
C PRO I 135 -41.59 -53.39 -12.35
N LEU I 136 -41.15 -53.79 -11.16
CA LEU I 136 -41.90 -54.73 -10.32
C LEU I 136 -42.13 -54.13 -8.94
N GLY I 151 -37.12 -56.30 -8.23
CA GLY I 151 -37.21 -54.87 -8.50
C GLY I 151 -37.33 -54.59 -9.98
N CYS I 152 -36.49 -53.69 -10.49
CA CYS I 152 -36.54 -53.34 -11.89
C CYS I 152 -36.07 -54.51 -12.75
N LEU I 153 -36.81 -54.78 -13.82
CA LEU I 153 -36.57 -55.92 -14.70
C LEU I 153 -36.39 -55.44 -16.12
N VAL I 154 -35.54 -56.16 -16.86
CA VAL I 154 -35.18 -55.83 -18.24
C VAL I 154 -35.49 -57.03 -19.11
N LYS I 155 -36.18 -56.79 -20.22
CA LYS I 155 -36.55 -57.83 -21.17
C LYS I 155 -35.37 -58.03 -22.13
N ASP I 156 -35.54 -58.92 -23.11
CA ASP I 156 -34.51 -59.27 -24.09
C ASP I 156 -33.84 -58.06 -24.71
N TYR I 157 -32.52 -57.94 -24.50
CA TYR I 157 -31.71 -56.88 -25.07
C TYR I 157 -30.44 -57.49 -25.65
N PHE I 158 -29.86 -56.80 -26.62
CA PHE I 158 -28.61 -57.20 -27.24
C PHE I 158 -27.75 -55.96 -27.47
N PRO I 159 -26.42 -56.06 -27.30
CA PRO I 159 -25.57 -57.11 -26.73
C PRO I 159 -25.46 -56.93 -25.22
N GLU I 160 -24.59 -57.69 -24.56
CA GLU I 160 -24.21 -57.37 -23.20
C GLU I 160 -23.29 -56.15 -23.20
N PRO I 161 -23.23 -55.41 -22.07
CA PRO I 161 -24.00 -55.38 -20.83
C PRO I 161 -24.90 -54.16 -20.69
N VAL I 162 -25.87 -54.23 -19.79
CA VAL I 162 -26.65 -53.07 -19.36
C VAL I 162 -26.32 -52.82 -17.89
N THR I 163 -26.13 -51.55 -17.54
CA THR I 163 -25.74 -51.15 -16.20
C THR I 163 -26.87 -50.39 -15.52
N VAL I 164 -27.39 -50.97 -14.44
CA VAL I 164 -28.38 -50.31 -13.60
C VAL I 164 -27.66 -49.41 -12.59
N SER I 165 -28.32 -48.34 -12.17
CA SER I 165 -27.74 -47.38 -11.24
C SER I 165 -28.83 -46.93 -10.26
N TRP I 166 -28.52 -45.89 -9.49
CA TRP I 166 -29.47 -45.33 -8.54
C TRP I 166 -30.61 -44.64 -9.28
N HIS I 176 -26.82 -56.71 -5.77
CA HIS I 176 -27.99 -55.99 -6.26
C HIS I 176 -28.25 -56.26 -7.74
N THR I 177 -27.19 -56.59 -8.48
CA THR I 177 -27.26 -56.88 -9.90
C THR I 177 -26.85 -58.32 -10.13
N PHE I 178 -27.71 -59.10 -10.78
CA PHE I 178 -27.50 -60.51 -11.00
C PHE I 178 -26.84 -60.73 -12.35
N PRO I 179 -26.19 -61.88 -12.56
CA PRO I 179 -25.65 -62.16 -13.91
C PRO I 179 -26.75 -62.27 -14.94
N ALA I 180 -26.44 -61.81 -16.15
CA ALA I 180 -27.38 -61.92 -17.25
C ALA I 180 -27.55 -63.38 -17.65
N VAL I 181 -28.72 -63.69 -18.21
CA VAL I 181 -29.10 -65.05 -18.59
C VAL I 181 -29.52 -65.04 -20.06
N LEU I 182 -29.02 -66.01 -20.82
CA LEU I 182 -29.31 -66.09 -22.24
C LEU I 182 -30.74 -66.58 -22.48
N LEU I 187 -31.00 -64.19 -26.75
CA LEU I 187 -31.09 -62.86 -26.17
C LEU I 187 -30.83 -62.91 -24.67
N TYR I 188 -30.56 -61.75 -24.08
CA TYR I 188 -30.17 -61.63 -22.68
C TYR I 188 -31.20 -60.82 -21.91
N SER I 189 -31.50 -61.26 -20.69
CA SER I 189 -32.41 -60.57 -19.79
C SER I 189 -31.76 -60.43 -18.42
N LEU I 190 -31.97 -59.27 -17.79
CA LEU I 190 -31.35 -58.92 -16.52
C LEU I 190 -32.39 -58.36 -15.57
N SER I 191 -32.32 -58.77 -14.31
CA SER I 191 -33.19 -58.27 -13.25
C SER I 191 -32.35 -57.68 -12.13
N SER I 192 -32.96 -56.77 -11.39
CA SER I 192 -32.27 -56.01 -10.35
C SER I 192 -33.20 -55.81 -9.17
N VAL I 193 -32.67 -55.99 -7.96
CA VAL I 193 -33.44 -55.95 -6.73
C VAL I 193 -33.35 -54.58 -6.11
N VAL I 194 -34.41 -54.18 -5.42
CA VAL I 194 -34.44 -52.95 -4.63
C VAL I 194 -34.24 -53.34 -3.17
N THR I 195 -33.20 -52.79 -2.55
CA THR I 195 -32.86 -53.13 -1.18
C THR I 195 -32.01 -52.05 -0.54
N ILE I 207 -34.83 -45.19 -9.50
CA ILE I 207 -34.22 -46.40 -8.96
C ILE I 207 -33.55 -47.20 -10.08
N CYS I 208 -34.05 -47.08 -11.30
CA CYS I 208 -33.62 -47.92 -12.42
C CYS I 208 -33.27 -47.00 -13.59
N ASN I 209 -32.01 -46.56 -13.62
CA ASN I 209 -31.46 -45.76 -14.70
C ASN I 209 -30.71 -46.65 -15.70
N VAL I 210 -31.46 -47.43 -16.47
CA VAL I 210 -30.81 -48.38 -17.36
C VAL I 210 -30.17 -47.63 -18.53
N ASN I 211 -28.91 -47.95 -18.78
CA ASN I 211 -28.07 -47.34 -19.81
C ASN I 211 -27.53 -48.42 -20.71
N HIS I 212 -27.62 -48.22 -22.03
CA HIS I 212 -27.10 -49.17 -23.00
C HIS I 212 -26.38 -48.40 -24.10
N LYS I 213 -25.06 -48.39 -24.03
CA LYS I 213 -24.26 -47.65 -25.02
C LYS I 213 -24.38 -48.18 -26.43
N PRO I 214 -24.28 -49.49 -26.70
CA PRO I 214 -24.25 -49.93 -28.11
C PRO I 214 -25.52 -49.61 -28.88
N SER I 215 -26.68 -49.65 -28.23
CA SER I 215 -27.93 -49.22 -28.82
C SER I 215 -28.28 -47.77 -28.48
N ASN I 216 -27.55 -47.15 -27.56
CA ASN I 216 -27.82 -45.79 -27.11
C ASN I 216 -29.24 -45.67 -26.56
N THR I 217 -29.51 -46.43 -25.51
CA THR I 217 -30.80 -46.42 -24.83
C THR I 217 -30.59 -45.86 -23.43
N LYS I 218 -31.36 -44.82 -23.10
CA LYS I 218 -31.24 -44.07 -21.84
C LYS I 218 -32.64 -44.07 -21.24
N VAL I 219 -32.95 -44.99 -20.32
CA VAL I 219 -34.31 -45.10 -19.79
C VAL I 219 -34.28 -45.00 -18.27
N ASP I 220 -35.26 -44.27 -17.73
CA ASP I 220 -35.39 -44.00 -16.31
C ASP I 220 -36.71 -44.58 -15.82
N LYS I 221 -36.68 -45.30 -14.70
CA LYS I 221 -37.90 -45.92 -14.20
C LYS I 221 -37.82 -46.13 -12.69
N LYS I 222 -38.97 -45.97 -12.04
CA LYS I 222 -39.13 -46.19 -10.61
C LYS I 222 -39.68 -47.60 -10.36
N VAL I 223 -39.31 -48.18 -9.23
CA VAL I 223 -39.80 -49.50 -8.85
C VAL I 223 -41.30 -49.43 -8.60
N ASP J 17 3.95 -73.93 -24.60
CA ASP J 17 5.27 -74.48 -24.32
C ASP J 17 5.41 -74.78 -22.83
N VAL J 18 5.58 -73.75 -22.01
CA VAL J 18 5.61 -73.91 -20.56
C VAL J 18 4.20 -74.10 -20.07
N VAL J 19 3.97 -75.11 -19.23
CA VAL J 19 2.66 -75.45 -18.69
C VAL J 19 2.69 -75.22 -17.18
N MET J 20 1.68 -74.54 -16.67
CA MET J 20 1.58 -74.18 -15.26
C MET J 20 0.40 -74.93 -14.64
N THR J 21 0.66 -75.59 -13.52
CA THR J 21 -0.36 -76.37 -12.80
C THR J 21 -0.53 -75.79 -11.40
N GLN J 22 -1.79 -75.50 -11.06
CA GLN J 22 -2.17 -75.05 -9.73
C GLN J 22 -2.81 -76.21 -8.98
N SER J 23 -2.31 -76.50 -7.76
CA SER J 23 -2.71 -77.74 -7.10
C SER J 23 -4.17 -77.71 -6.65
N PRO J 24 -4.60 -76.80 -5.77
CA PRO J 24 -6.03 -76.82 -5.38
C PRO J 24 -6.88 -76.04 -6.37
N LEU J 25 -7.89 -76.70 -6.93
CA LEU J 25 -8.82 -76.03 -7.83
C LEU J 25 -9.89 -75.24 -7.08
N SER J 26 -10.17 -75.60 -5.83
CA SER J 26 -11.03 -74.81 -4.97
C SER J 26 -10.57 -75.00 -3.54
N LEU J 27 -10.46 -73.90 -2.80
CA LEU J 27 -9.90 -73.90 -1.46
C LEU J 27 -10.74 -72.99 -0.56
N PRO J 28 -11.85 -73.49 -0.02
CA PRO J 28 -12.58 -72.71 0.97
C PRO J 28 -11.85 -72.72 2.30
N VAL J 29 -11.69 -71.54 2.90
CA VAL J 29 -10.99 -71.40 4.17
C VAL J 29 -11.74 -70.39 5.02
N THR J 30 -11.86 -70.69 6.31
CA THR J 30 -12.47 -69.75 7.24
C THR J 30 -11.58 -68.53 7.41
N PRO J 31 -12.14 -67.34 7.62
CA PRO J 31 -11.29 -66.19 7.93
C PRO J 31 -10.52 -66.40 9.23
N GLY J 32 -9.27 -65.92 9.25
CA GLY J 32 -8.42 -65.95 10.42
C GLY J 32 -7.25 -66.91 10.31
N GLU J 33 -7.40 -67.98 9.54
CA GLU J 33 -6.40 -69.04 9.46
C GLU J 33 -5.50 -68.84 8.25
N PRO J 34 -4.27 -69.36 8.27
CA PRO J 34 -3.41 -69.24 7.09
C PRO J 34 -3.95 -70.04 5.92
N ALA J 35 -3.62 -69.58 4.71
CA ALA J 35 -3.96 -70.28 3.48
C ALA J 35 -2.73 -70.29 2.59
N SER J 36 -2.67 -71.29 1.71
CA SER J 36 -1.54 -71.42 0.79
C SER J 36 -2.02 -72.01 -0.52
N ILE J 37 -1.40 -71.55 -1.61
CA ILE J 37 -1.64 -72.07 -2.95
C ILE J 37 -0.28 -72.40 -3.55
N SER J 38 -0.22 -73.49 -4.32
CA SER J 38 1.01 -73.99 -4.91
C SER J 38 0.93 -73.92 -6.42
N CYS J 39 2.10 -73.93 -7.06
CA CYS J 39 2.20 -73.73 -8.49
C CYS J 39 3.43 -74.45 -8.99
N ARG J 40 3.29 -75.18 -10.10
CA ARG J 40 4.35 -76.02 -10.64
C ARG J 40 4.47 -75.82 -12.13
N SER J 41 5.70 -75.92 -12.63
CA SER J 41 6.02 -75.69 -14.04
C SER J 41 6.89 -76.82 -14.57
N SER J 42 6.76 -77.08 -15.87
CA SER J 42 7.58 -78.11 -16.51
C SER J 42 9.05 -77.71 -16.53
N GLN J 43 9.35 -76.59 -17.17
CA GLN J 43 10.72 -76.12 -17.28
C GLN J 43 11.15 -75.44 -15.98
N THR J 44 12.40 -74.99 -15.94
CA THR J 44 12.91 -74.21 -14.82
C THR J 44 12.77 -72.73 -15.13
N LEU J 45 12.45 -71.96 -14.09
CA LEU J 45 12.24 -70.52 -14.20
C LEU J 45 13.39 -69.73 -13.56
N MET J 46 14.54 -70.37 -13.39
CA MET J 46 15.66 -69.80 -12.66
C MET J 46 16.56 -69.05 -13.64
N ASN J 47 16.51 -67.72 -13.60
CA ASN J 47 17.36 -66.93 -14.46
C ASN J 47 18.81 -67.01 -13.98
N ARG J 48 19.74 -66.56 -14.83
CA ARG J 48 21.15 -66.64 -14.48
C ARG J 48 21.49 -65.76 -13.29
N ASN J 49 20.92 -64.55 -13.24
CA ASN J 49 21.21 -63.65 -12.12
C ASN J 49 20.61 -64.16 -10.83
N GLY J 50 19.42 -64.72 -10.89
CA GLY J 50 18.66 -65.09 -9.72
C GLY J 50 17.26 -64.51 -9.69
N ASN J 51 16.79 -64.00 -10.82
CA ASN J 51 15.42 -63.55 -10.96
C ASN J 51 14.55 -64.72 -11.36
N ASN J 52 13.37 -64.82 -10.74
CA ASN J 52 12.55 -66.01 -10.87
C ASN J 52 11.49 -65.90 -11.96
N PHE J 53 10.98 -64.72 -12.23
CA PHE J 53 10.01 -64.50 -13.32
C PHE J 53 8.74 -65.32 -13.12
N LEU J 54 8.12 -65.17 -11.95
CA LEU J 54 6.81 -65.74 -11.69
C LEU J 54 5.97 -64.72 -10.92
N ASP J 55 4.75 -64.52 -11.39
CA ASP J 55 3.82 -63.54 -10.83
C ASP J 55 2.55 -64.23 -10.34
N TRP J 56 1.91 -63.62 -9.36
CA TRP J 56 0.69 -64.11 -8.75
C TRP J 56 -0.38 -63.03 -8.88
N TYR J 57 -1.55 -63.40 -9.39
CA TYR J 57 -2.61 -62.45 -9.69
C TYR J 57 -3.89 -62.83 -8.96
N LEU J 58 -4.66 -61.80 -8.60
CA LEU J 58 -5.98 -61.95 -7.99
C LEU J 58 -6.99 -61.17 -8.81
N GLN J 59 -8.07 -61.84 -9.22
CA GLN J 59 -9.18 -61.21 -9.91
C GLN J 59 -10.41 -61.28 -9.00
N LYS J 60 -10.85 -60.11 -8.54
CA LYS J 60 -12.12 -60.01 -7.85
C LYS J 60 -13.24 -60.27 -8.85
N PRO J 61 -14.41 -60.73 -8.39
CA PRO J 61 -15.51 -60.98 -9.33
C PRO J 61 -16.00 -59.68 -9.96
N GLY J 62 -16.13 -59.67 -11.28
CA GLY J 62 -16.53 -58.48 -11.99
C GLY J 62 -15.53 -57.35 -11.90
N GLN J 63 -14.23 -57.66 -12.00
CA GLN J 63 -13.18 -56.66 -11.88
C GLN J 63 -12.03 -57.07 -12.78
N SER J 64 -11.17 -56.09 -13.09
CA SER J 64 -9.91 -56.39 -13.74
C SER J 64 -8.96 -57.04 -12.74
N PRO J 65 -7.99 -57.83 -13.20
CA PRO J 65 -7.10 -58.51 -12.26
C PRO J 65 -6.21 -57.51 -11.52
N GLN J 66 -5.58 -58.00 -10.47
CA GLN J 66 -4.65 -57.23 -9.66
C GLN J 66 -3.34 -58.00 -9.55
N LEU J 67 -2.27 -57.26 -9.32
CA LEU J 67 -0.95 -57.83 -9.09
C LEU J 67 -0.73 -57.96 -7.59
N LEU J 68 -0.23 -59.11 -7.16
CA LEU J 68 0.05 -59.41 -5.76
C LEU J 68 1.53 -59.59 -5.48
N ILE J 69 2.18 -60.45 -6.25
CA ILE J 69 3.62 -60.71 -6.15
C ILE J 69 4.13 -60.75 -7.57
N TYR J 70 5.23 -60.02 -7.84
CA TYR J 70 5.53 -59.62 -9.22
C TYR J 70 6.89 -60.04 -9.75
N LEU J 71 7.82 -60.53 -8.93
CA LEU J 71 9.00 -61.19 -9.48
C LEU J 71 9.32 -62.45 -8.69
N GLY J 72 8.29 -63.22 -8.35
CA GLY J 72 8.46 -64.51 -7.73
C GLY J 72 8.55 -64.47 -6.22
N SER J 73 9.16 -63.43 -5.66
CA SER J 73 9.31 -63.29 -4.21
C SER J 73 8.96 -61.91 -3.68
N ASN J 74 8.84 -60.89 -4.54
CA ASN J 74 8.64 -59.52 -4.09
C ASN J 74 7.17 -59.34 -3.71
N ARG J 75 6.78 -58.09 -3.42
CA ARG J 75 5.39 -57.75 -3.15
C ARG J 75 5.08 -56.43 -3.84
N ALA J 76 3.95 -56.37 -4.55
CA ALA J 76 3.65 -55.21 -5.36
C ALA J 76 3.30 -54.01 -4.48
N PRO J 77 3.45 -52.79 -5.00
CA PRO J 77 3.05 -51.62 -4.21
C PRO J 77 1.56 -51.60 -3.97
N GLY J 78 1.17 -51.06 -2.82
CA GLY J 78 -0.23 -50.93 -2.49
C GLY J 78 -0.91 -52.27 -2.30
N VAL J 79 -0.26 -53.17 -1.57
CA VAL J 79 -0.80 -54.49 -1.24
C VAL J 79 -0.63 -54.67 0.25
N PRO J 80 -1.50 -55.41 0.95
CA PRO J 80 -1.28 -55.63 2.38
C PRO J 80 0.01 -56.41 2.63
N ASP J 81 0.37 -56.49 3.92
CA ASP J 81 1.50 -57.28 4.35
C ASP J 81 1.14 -58.76 4.53
N ARG J 82 -0.14 -59.10 4.39
CA ARG J 82 -0.57 -60.48 4.64
C ARG J 82 0.02 -61.43 3.62
N PHE J 83 0.14 -61.00 2.37
CA PHE J 83 0.56 -61.88 1.28
C PHE J 83 2.06 -62.08 1.29
N SER J 84 2.49 -63.28 0.92
CA SER J 84 3.90 -63.55 0.72
C SER J 84 4.06 -64.65 -0.32
N GLY J 85 5.26 -64.73 -0.89
CA GLY J 85 5.57 -65.73 -1.87
C GLY J 85 6.90 -66.39 -1.56
N SER J 86 7.09 -67.56 -2.16
CA SER J 86 8.34 -68.29 -1.98
C SER J 86 8.47 -69.31 -3.09
N GLY J 87 9.67 -69.85 -3.21
CA GLY J 87 9.96 -70.92 -4.14
C GLY J 87 11.04 -70.54 -5.13
N SER J 88 11.34 -71.48 -6.01
CA SER J 88 12.38 -71.31 -7.02
C SER J 88 12.23 -72.42 -8.04
N GLY J 89 13.00 -72.31 -9.13
CA GLY J 89 13.10 -73.41 -10.07
C GLY J 89 11.77 -73.73 -10.72
N THR J 90 11.22 -74.89 -10.36
CA THR J 90 9.96 -75.37 -10.89
C THR J 90 8.81 -75.35 -9.90
N ASP J 91 9.02 -74.88 -8.66
CA ASP J 91 7.96 -74.84 -7.66
C ASP J 91 7.85 -73.45 -7.06
N PHE J 92 6.60 -73.03 -6.81
CA PHE J 92 6.34 -71.72 -6.23
C PHE J 92 5.10 -71.83 -5.35
N THR J 93 5.03 -70.95 -4.34
CA THR J 93 3.96 -71.00 -3.36
C THR J 93 3.59 -69.59 -2.92
N LEU J 94 2.30 -69.27 -3.00
CA LEU J 94 1.73 -68.08 -2.40
C LEU J 94 1.13 -68.45 -1.06
N ARG J 95 1.23 -67.54 -0.09
CA ARG J 95 0.74 -67.80 1.26
C ARG J 95 0.14 -66.53 1.85
N ILE J 96 -1.09 -66.66 2.34
CA ILE J 96 -1.80 -65.60 3.05
C ILE J 96 -1.74 -65.96 4.53
N SER J 97 -1.20 -65.04 5.34
CA SER J 97 -1.06 -65.31 6.76
C SER J 97 -2.41 -65.28 7.48
N ARG J 98 -3.24 -64.29 7.16
CA ARG J 98 -4.58 -64.17 7.70
C ARG J 98 -5.57 -63.93 6.56
N VAL J 99 -6.59 -64.78 6.47
CA VAL J 99 -7.61 -64.66 5.44
C VAL J 99 -8.76 -63.81 5.97
N GLU J 100 -9.25 -62.91 5.13
CA GLU J 100 -10.35 -62.01 5.44
C GLU J 100 -11.35 -62.07 4.30
N PRO J 101 -12.61 -61.67 4.53
CA PRO J 101 -13.62 -61.83 3.47
C PRO J 101 -13.44 -60.88 2.30
N GLU J 102 -12.49 -59.94 2.37
CA GLU J 102 -12.12 -59.20 1.16
C GLU J 102 -11.36 -60.10 0.18
N ASP J 103 -10.60 -61.07 0.69
CA ASP J 103 -9.75 -61.91 -0.15
C ASP J 103 -10.58 -63.05 -0.73
N VAL J 104 -11.48 -62.68 -1.65
CA VAL J 104 -12.31 -63.62 -2.38
C VAL J 104 -12.20 -63.30 -3.86
N GLY J 105 -12.04 -64.33 -4.68
CA GLY J 105 -11.83 -64.16 -6.09
C GLY J 105 -10.94 -65.27 -6.63
N VAL J 106 -10.63 -65.17 -7.91
CA VAL J 106 -9.84 -66.18 -8.59
C VAL J 106 -8.37 -65.82 -8.49
N TYR J 107 -7.51 -66.83 -8.29
CA TYR J 107 -6.08 -66.64 -8.16
C TYR J 107 -5.36 -67.35 -9.28
N TYR J 108 -4.44 -66.64 -9.95
CA TYR J 108 -3.76 -67.12 -11.14
C TYR J 108 -2.26 -67.06 -10.97
N CYS J 109 -1.56 -68.01 -11.57
CA CYS J 109 -0.13 -67.94 -11.76
C CYS J 109 0.20 -67.23 -13.07
N MET J 110 1.46 -66.85 -13.22
CA MET J 110 1.99 -66.46 -14.52
C MET J 110 3.49 -66.68 -14.51
N GLN J 111 4.03 -67.14 -15.63
CA GLN J 111 5.46 -67.25 -15.85
C GLN J 111 5.85 -66.24 -16.92
N ALA J 112 6.97 -65.55 -16.70
CA ALA J 112 7.41 -64.46 -17.57
C ALA J 112 8.69 -64.77 -18.32
N LEU J 113 9.18 -66.01 -18.26
CA LEU J 113 10.43 -66.33 -18.94
C LEU J 113 10.26 -66.29 -20.46
N GLN J 114 9.22 -66.95 -20.96
CA GLN J 114 8.95 -66.99 -22.40
C GLN J 114 7.45 -67.05 -22.63
N THR J 115 6.89 -66.00 -23.24
CA THR J 115 5.51 -65.98 -23.71
C THR J 115 4.50 -66.39 -22.64
N PRO J 116 4.27 -65.53 -21.62
CA PRO J 116 3.36 -65.87 -20.51
C PRO J 116 2.03 -66.52 -20.85
N SER J 117 1.58 -67.40 -19.96
CA SER J 117 0.49 -68.34 -20.20
C SER J 117 -0.77 -68.10 -19.39
N PHE J 118 -0.65 -67.70 -18.12
CA PHE J 118 -1.79 -67.60 -17.19
C PHE J 118 -2.45 -68.96 -16.97
N GLY J 119 -1.64 -69.95 -16.57
CA GLY J 119 -2.18 -71.23 -16.16
C GLY J 119 -2.56 -71.22 -14.70
N GLY J 120 -3.81 -71.55 -14.39
CA GLY J 120 -4.29 -71.47 -13.01
C GLY J 120 -5.82 -71.44 -12.97
N GLY J 121 -6.34 -70.72 -11.98
CA GLY J 121 -7.78 -70.65 -11.76
C GLY J 121 -8.27 -71.08 -10.39
N THR J 122 -7.42 -71.00 -9.36
CA THR J 122 -7.85 -71.36 -8.02
C THR J 122 -8.97 -70.42 -7.56
N LYS J 123 -9.88 -70.98 -6.76
CA LYS J 123 -11.24 -70.48 -6.59
C LYS J 123 -11.64 -70.41 -5.11
N VAL J 124 -10.79 -69.78 -4.29
CA VAL J 124 -11.05 -69.66 -2.84
C VAL J 124 -12.49 -69.24 -2.57
N GLU J 125 -13.17 -70.00 -1.71
CA GLU J 125 -14.61 -70.17 -1.67
C GLU J 125 -15.12 -70.05 -0.24
N ILE J 126 -14.73 -69.01 0.49
CA ILE J 126 -14.70 -69.00 1.95
C ILE J 126 -16.03 -69.33 2.61
N ARG J 127 -17.14 -69.34 1.87
CA ARG J 127 -18.35 -70.01 2.33
C ARG J 127 -18.15 -71.51 2.10
N ARG J 128 -17.82 -72.24 3.17
CA ARG J 128 -17.46 -73.65 3.07
C ARG J 128 -18.63 -74.48 2.52
N PRO J 133 -31.72 -66.65 5.22
CA PRO J 133 -32.19 -66.70 3.83
C PRO J 133 -33.53 -66.00 3.63
N SER J 134 -33.49 -64.71 3.31
CA SER J 134 -34.72 -63.97 3.11
C SER J 134 -35.36 -64.34 1.77
N VAL J 135 -36.68 -64.52 1.79
CA VAL J 135 -37.45 -64.96 0.62
C VAL J 135 -38.39 -63.83 0.23
N PHE J 136 -38.28 -63.37 -1.02
CA PHE J 136 -39.21 -62.41 -1.58
C PHE J 136 -39.82 -62.96 -2.86
N ILE J 137 -41.03 -62.50 -3.17
CA ILE J 137 -41.72 -62.81 -4.42
C ILE J 137 -42.34 -61.52 -4.92
N PHE J 138 -42.14 -61.21 -6.21
CA PHE J 138 -42.65 -59.97 -6.79
C PHE J 138 -43.70 -60.26 -7.84
N PRO J 139 -44.64 -59.34 -8.09
CA PRO J 139 -45.77 -59.66 -8.95
C PRO J 139 -45.41 -59.50 -10.42
N PRO J 140 -46.28 -59.94 -11.33
CA PRO J 140 -45.96 -59.80 -12.76
C PRO J 140 -46.04 -58.36 -13.24
N SER J 141 -45.32 -58.09 -14.31
CA SER J 141 -45.31 -56.76 -14.88
C SER J 141 -46.61 -56.51 -15.64
N ASP J 142 -46.79 -55.26 -16.09
CA ASP J 142 -47.99 -54.90 -16.82
C ASP J 142 -48.10 -55.67 -18.13
N GLU J 143 -46.98 -55.81 -18.86
CA GLU J 143 -46.95 -56.57 -20.10
C GLU J 143 -45.61 -57.27 -20.26
N THR J 149 -46.46 -60.02 -22.05
CA THR J 149 -46.28 -61.27 -21.32
C THR J 149 -46.33 -61.03 -19.82
N ALA J 150 -46.00 -62.08 -19.05
CA ALA J 150 -45.97 -62.00 -17.60
C ALA J 150 -44.74 -62.74 -17.09
N SER J 151 -44.15 -62.23 -16.02
CA SER J 151 -42.92 -62.77 -15.47
C SER J 151 -42.94 -62.59 -13.96
N VAL J 152 -42.92 -63.70 -13.22
CA VAL J 152 -42.91 -63.69 -11.77
C VAL J 152 -41.52 -64.08 -11.30
N VAL J 153 -40.98 -63.34 -10.34
CA VAL J 153 -39.61 -63.52 -9.87
C VAL J 153 -39.62 -63.78 -8.38
N CYS J 154 -38.87 -64.81 -7.98
CA CYS J 154 -38.66 -65.21 -6.59
C CYS J 154 -37.20 -64.96 -6.26
N LEU J 155 -36.94 -64.13 -5.26
CA LEU J 155 -35.60 -63.69 -4.90
C LEU J 155 -35.22 -64.29 -3.55
N LEU J 156 -34.16 -65.09 -3.53
CA LEU J 156 -33.57 -65.60 -2.30
C LEU J 156 -32.35 -64.73 -2.02
N ASN J 157 -32.50 -63.80 -1.08
CA ASN J 157 -31.49 -62.80 -0.79
C ASN J 157 -30.84 -63.07 0.56
N ASN J 158 -29.52 -62.89 0.60
CA ASN J 158 -28.74 -62.96 1.83
C ASN J 158 -28.85 -64.34 2.49
N PHE J 159 -28.54 -65.38 1.71
CA PHE J 159 -28.48 -66.75 2.19
C PHE J 159 -27.06 -67.27 2.06
N TYR J 160 -26.54 -67.81 3.15
CA TYR J 160 -25.19 -68.40 3.21
C TYR J 160 -25.05 -69.79 2.60
N PRO J 161 -25.95 -70.76 2.80
CA PRO J 161 -25.61 -72.16 2.47
C PRO J 161 -25.35 -72.43 0.99
N ARG J 162 -25.75 -71.53 0.09
CA ARG J 162 -25.48 -71.62 -1.35
C ARG J 162 -26.35 -72.65 -2.06
N GLU J 163 -27.15 -73.43 -1.32
CA GLU J 163 -27.82 -74.61 -1.86
C GLU J 163 -29.33 -74.42 -1.74
N ALA J 164 -29.99 -74.22 -2.88
CA ALA J 164 -31.45 -74.12 -2.90
C ALA J 164 -31.95 -74.63 -4.24
N LYS J 165 -33.17 -75.18 -4.23
CA LYS J 165 -33.95 -75.41 -5.44
C LYS J 165 -35.24 -74.62 -5.33
N VAL J 166 -35.59 -73.91 -6.40
CA VAL J 166 -36.76 -73.03 -6.43
C VAL J 166 -37.80 -73.68 -7.32
N GLN J 167 -39.02 -73.82 -6.80
CA GLN J 167 -40.12 -74.46 -7.52
C GLN J 167 -41.35 -73.59 -7.40
N TRP J 168 -42.33 -73.86 -8.27
CA TRP J 168 -43.52 -73.03 -8.41
C TRP J 168 -44.77 -73.87 -8.24
N LYS J 169 -45.84 -73.21 -7.82
CA LYS J 169 -47.12 -73.85 -7.55
C LYS J 169 -48.22 -72.91 -7.98
N VAL J 170 -49.14 -73.42 -8.81
CA VAL J 170 -50.27 -72.63 -9.30
C VAL J 170 -51.48 -73.55 -9.32
N ASP J 171 -52.48 -73.22 -8.50
CA ASP J 171 -53.70 -74.02 -8.36
C ASP J 171 -53.37 -75.48 -8.05
N ASN J 172 -52.35 -75.68 -7.21
CA ASN J 172 -51.81 -76.97 -6.83
C ASN J 172 -51.11 -77.70 -7.97
N ALA J 173 -50.95 -77.05 -9.13
CA ALA J 173 -50.32 -77.66 -10.29
C ALA J 173 -48.92 -77.08 -10.45
N LEU J 174 -47.95 -77.95 -10.72
CA LEU J 174 -46.58 -77.50 -10.92
C LEU J 174 -46.46 -76.75 -12.24
N GLN J 175 -45.45 -75.89 -12.32
CA GLN J 175 -45.08 -75.24 -13.58
C GLN J 175 -43.55 -75.13 -13.57
N SER J 176 -42.90 -76.04 -14.30
CA SER J 176 -41.44 -76.15 -14.29
C SER J 176 -40.77 -75.43 -15.45
N GLY J 177 -41.42 -75.36 -16.61
CA GLY J 177 -40.78 -74.78 -17.77
C GLY J 177 -40.58 -73.29 -17.63
N ASN J 178 -39.64 -72.78 -18.42
CA ASN J 178 -39.25 -71.37 -18.39
C ASN J 178 -38.81 -70.94 -16.99
N SER J 179 -38.03 -71.80 -16.33
CA SER J 179 -37.50 -71.55 -14.98
C SER J 179 -36.04 -71.15 -15.13
N GLN J 180 -35.77 -69.85 -15.13
CA GLN J 180 -34.44 -69.31 -15.39
C GLN J 180 -33.87 -68.71 -14.11
N GLU J 181 -32.65 -69.11 -13.76
CA GLU J 181 -32.04 -68.77 -12.49
C GLU J 181 -30.77 -67.96 -12.72
N SER J 182 -30.47 -67.07 -11.77
CA SER J 182 -29.26 -66.27 -11.81
C SER J 182 -28.73 -66.11 -10.39
N VAL J 183 -27.49 -66.52 -10.17
CA VAL J 183 -26.85 -66.50 -8.86
C VAL J 183 -25.66 -65.54 -8.93
N THR J 184 -25.59 -64.62 -7.98
CA THR J 184 -24.48 -63.69 -7.89
C THR J 184 -23.37 -64.29 -7.02
N GLU J 185 -22.18 -63.71 -7.13
CA GLU J 185 -21.04 -64.17 -6.36
C GLU J 185 -21.10 -63.62 -4.94
N GLN J 186 -20.26 -64.18 -4.08
CA GLN J 186 -20.31 -63.86 -2.66
C GLN J 186 -19.93 -62.39 -2.42
N ASP J 187 -20.40 -61.87 -1.29
CA ASP J 187 -20.09 -60.51 -0.90
C ASP J 187 -18.67 -60.44 -0.33
N SER J 188 -18.17 -59.22 -0.19
CA SER J 188 -16.84 -58.99 0.35
C SER J 188 -16.82 -58.81 1.86
N LYS J 189 -17.97 -58.55 2.48
CA LYS J 189 -18.07 -58.30 3.92
C LYS J 189 -18.63 -59.50 4.68
N ASP J 190 -19.79 -60.01 4.26
CA ASP J 190 -20.41 -61.16 4.89
C ASP J 190 -20.33 -62.44 4.07
N SER J 191 -20.07 -62.33 2.77
CA SER J 191 -19.85 -63.49 1.91
C SER J 191 -21.09 -64.38 1.79
N THR J 192 -22.27 -63.77 1.87
CA THR J 192 -23.53 -64.50 1.77
C THR J 192 -24.03 -64.45 0.33
N TYR J 193 -24.40 -65.61 -0.21
CA TYR J 193 -24.86 -65.69 -1.58
C TYR J 193 -26.23 -65.02 -1.73
N SER J 194 -26.56 -64.68 -2.98
CA SER J 194 -27.90 -64.26 -3.35
C SER J 194 -28.24 -64.88 -4.70
N LEU J 195 -29.53 -65.16 -4.92
CA LEU J 195 -29.96 -65.66 -6.22
C LEU J 195 -31.38 -65.21 -6.50
N SER J 196 -31.76 -65.34 -7.77
CA SER J 196 -33.10 -65.04 -8.25
C SER J 196 -33.53 -66.13 -9.22
N SER J 197 -34.84 -66.39 -9.26
CA SER J 197 -35.43 -67.33 -10.19
C SER J 197 -36.65 -66.67 -10.83
N THR J 198 -36.85 -66.94 -12.12
CA THR J 198 -37.87 -66.28 -12.93
C THR J 198 -38.69 -67.34 -13.66
N LEU J 199 -40.02 -67.19 -13.57
CA LEU J 199 -40.96 -67.95 -14.38
C LEU J 199 -41.71 -66.98 -15.28
N THR J 200 -41.51 -67.11 -16.59
CA THR J 200 -42.14 -66.27 -17.58
C THR J 200 -43.19 -67.07 -18.34
N LEU J 201 -44.41 -66.55 -18.37
CA LEU J 201 -45.52 -67.15 -19.10
C LEU J 201 -46.18 -66.11 -19.99
N SER J 202 -46.85 -66.57 -21.02
CA SER J 202 -47.64 -65.68 -21.86
C SER J 202 -48.81 -65.14 -21.06
N LYS J 203 -49.20 -63.90 -21.38
CA LYS J 203 -50.33 -63.28 -20.68
C LYS J 203 -51.60 -64.10 -20.87
N ALA J 204 -51.87 -64.55 -22.09
CA ALA J 204 -53.00 -65.44 -22.33
C ALA J 204 -52.86 -66.72 -21.51
N ASP J 205 -51.66 -67.31 -21.52
CA ASP J 205 -51.41 -68.47 -20.67
C ASP J 205 -51.52 -68.12 -19.19
N TYR J 206 -51.00 -66.95 -18.81
CA TYR J 206 -50.82 -66.63 -17.40
C TYR J 206 -52.16 -66.42 -16.68
N GLU J 207 -53.04 -65.61 -17.27
CA GLU J 207 -54.20 -65.13 -16.54
C GLU J 207 -55.24 -66.21 -16.26
N LYS J 208 -55.13 -67.37 -16.91
CA LYS J 208 -56.12 -68.43 -16.70
C LYS J 208 -56.19 -68.89 -15.25
N HIS J 209 -55.08 -68.77 -14.52
CA HIS J 209 -54.97 -69.27 -13.16
C HIS J 209 -54.89 -68.11 -12.18
N LYS J 210 -55.32 -68.36 -10.94
CA LYS J 210 -55.59 -67.32 -9.97
C LYS J 210 -54.44 -67.12 -8.97
N VAL J 211 -54.04 -68.18 -8.28
CA VAL J 211 -53.15 -68.10 -7.12
C VAL J 211 -51.84 -68.79 -7.43
N TYR J 212 -50.74 -68.07 -7.26
CA TYR J 212 -49.39 -68.57 -7.51
C TYR J 212 -48.60 -68.57 -6.20
N ALA J 213 -47.54 -69.38 -6.16
CA ALA J 213 -46.70 -69.44 -4.98
C ALA J 213 -45.32 -69.97 -5.34
N CYS J 214 -44.29 -69.29 -4.85
CA CYS J 214 -42.92 -69.76 -4.95
C CYS J 214 -42.57 -70.56 -3.71
N GLU J 215 -42.07 -71.79 -3.91
CA GLU J 215 -41.72 -72.71 -2.84
C GLU J 215 -40.22 -72.99 -2.90
N VAL J 216 -39.58 -72.95 -1.73
CA VAL J 216 -38.13 -73.10 -1.62
C VAL J 216 -37.82 -74.13 -0.54
N THR J 217 -36.95 -75.08 -0.88
CA THR J 217 -36.33 -76.01 0.07
C THR J 217 -34.88 -75.58 0.23
N HIS J 218 -34.47 -75.27 1.47
CA HIS J 218 -33.19 -74.63 1.72
C HIS J 218 -32.55 -75.22 2.96
N GLN J 219 -31.23 -75.11 3.03
CA GLN J 219 -30.43 -75.71 4.10
C GLN J 219 -30.34 -74.84 5.34
N GLY J 220 -30.29 -73.51 5.18
CA GLY J 220 -30.11 -72.65 6.34
C GLY J 220 -31.30 -72.68 7.27
N LEU J 221 -32.50 -72.68 6.71
CA LEU J 221 -33.72 -72.87 7.48
C LEU J 221 -33.91 -74.37 7.73
N SER J 222 -35.09 -74.76 8.25
CA SER J 222 -35.37 -76.13 8.65
C SER J 222 -36.39 -76.82 7.74
N SER J 223 -37.56 -76.20 7.53
CA SER J 223 -38.64 -76.78 6.74
C SER J 223 -38.92 -75.91 5.51
N PRO J 224 -39.17 -76.49 4.33
CA PRO J 224 -39.34 -75.66 3.13
C PRO J 224 -40.51 -74.70 3.26
N VAL J 225 -40.33 -73.50 2.69
CA VAL J 225 -41.25 -72.38 2.90
C VAL J 225 -41.78 -71.92 1.56
N THR J 226 -43.04 -71.47 1.57
CA THR J 226 -43.74 -71.01 0.38
C THR J 226 -44.29 -69.62 0.60
N LYS J 227 -44.19 -68.78 -0.43
CA LYS J 227 -44.74 -67.43 -0.43
C LYS J 227 -45.71 -67.33 -1.59
N SER J 228 -46.95 -66.91 -1.30
CA SER J 228 -48.06 -67.00 -2.22
C SER J 228 -48.69 -65.64 -2.47
N PHE J 229 -49.16 -65.45 -3.70
CA PHE J 229 -49.92 -64.26 -4.08
C PHE J 229 -51.01 -64.65 -5.05
N ASN J 230 -52.19 -64.07 -4.85
CA ASN J 230 -53.26 -64.06 -5.85
C ASN J 230 -53.10 -62.80 -6.69
N ARG J 231 -54.09 -62.49 -7.54
CA ARG J 231 -54.01 -61.27 -8.35
C ARG J 231 -53.95 -60.04 -7.46
N GLY J 232 -54.90 -59.90 -6.54
CA GLY J 232 -54.86 -58.88 -5.51
C GLY J 232 -54.71 -57.47 -6.04
N GLU J 233 -53.56 -56.85 -5.74
CA GLU J 233 -53.27 -55.52 -6.25
C GLU J 233 -52.91 -55.57 -7.73
N CYS J 234 -52.09 -56.55 -8.13
CA CYS J 234 -51.66 -56.68 -9.51
C CYS J 234 -51.16 -58.09 -9.79
N UNK K 1 -11.64 48.36 14.26
CA UNK K 1 -10.57 47.78 15.12
C UNK K 1 -10.27 46.34 14.71
N UNK K 2 -11.33 45.52 14.62
CA UNK K 2 -11.16 44.12 14.24
C UNK K 2 -10.78 43.97 12.78
N UNK K 3 -11.10 44.95 11.93
CA UNK K 3 -10.71 44.87 10.53
C UNK K 3 -9.19 44.87 10.39
N UNK K 4 -8.49 45.58 11.27
CA UNK K 4 -7.03 45.56 11.23
C UNK K 4 -6.49 44.17 11.52
N UNK K 5 -7.05 43.50 12.54
CA UNK K 5 -6.61 42.14 12.86
C UNK K 5 -6.93 41.18 11.72
N UNK K 6 -8.12 41.30 11.13
CA UNK K 6 -8.49 40.42 10.03
C UNK K 6 -7.59 40.62 8.83
N UNK K 7 -7.27 41.87 8.50
CA UNK K 7 -6.40 42.14 7.37
C UNK K 7 -4.98 41.67 7.63
N UNK K 8 -4.52 41.80 8.88
CA UNK K 8 -3.20 41.29 9.22
C UNK K 8 -3.14 39.77 9.09
N UNK K 9 -4.18 39.08 9.56
CA UNK K 9 -4.22 37.63 9.44
C UNK K 9 -4.23 37.20 7.98
N UNK K 10 -5.06 37.85 7.15
CA UNK K 10 -5.15 37.47 5.74
C UNK K 10 -3.84 37.76 5.01
N UNK K 11 -3.21 38.90 5.28
CA UNK K 11 -1.94 39.21 4.63
C UNK K 11 -0.86 38.24 5.05
N UNK K 12 -0.85 37.85 6.33
CA UNK K 12 0.15 36.89 6.79
C UNK K 12 -0.07 35.53 6.14
N UNK K 13 -1.34 35.11 5.99
CA UNK K 13 -1.62 33.85 5.33
C UNK K 13 -1.17 33.87 3.88
N UNK K 14 -1.45 34.97 3.18
CA UNK K 14 -1.06 35.05 1.77
C UNK K 14 0.45 35.08 1.63
N UNK K 15 1.15 35.80 2.51
CA UNK K 15 2.60 35.85 2.44
C UNK K 15 3.22 34.49 2.73
N UNK K 16 2.69 33.79 3.74
CA UNK K 16 3.21 32.46 4.07
C UNK K 16 2.97 31.48 2.93
N UNK K 17 1.79 31.52 2.33
CA UNK K 17 1.49 30.59 1.24
C UNK K 17 2.33 30.89 0.01
N UNK K 18 2.60 32.18 -0.26
CA UNK K 18 3.43 32.53 -1.40
C UNK K 18 4.89 32.14 -1.17
N UNK K 19 5.40 32.36 0.05
CA UNK K 19 6.79 32.08 0.32
C UNK K 19 7.08 30.59 0.47
N UNK K 20 6.11 29.82 0.96
CA UNK K 20 6.36 28.40 1.20
C UNK K 20 6.39 27.61 -0.10
N UNK K 21 5.51 27.93 -1.04
CA UNK K 21 5.45 27.22 -2.32
C UNK K 21 6.50 27.74 -3.28
N UNK L 1 -6.37 59.55 11.92
CA UNK L 1 -5.31 58.52 11.74
C UNK L 1 -4.63 58.67 10.38
N UNK L 2 -4.27 59.91 10.04
CA UNK L 2 -3.69 60.17 8.72
C UNK L 2 -2.28 59.61 8.62
N UNK L 3 -1.49 59.72 9.68
CA UNK L 3 -0.12 59.19 9.65
C UNK L 3 -0.14 57.67 9.61
N UNK L 4 -0.97 57.04 10.44
CA UNK L 4 -1.07 55.58 10.43
C UNK L 4 -1.68 55.09 9.12
N UNK L 5 -2.66 55.83 8.58
CA UNK L 5 -3.24 55.44 7.30
C UNK L 5 -2.22 55.52 6.18
N UNK L 6 -1.39 56.57 6.17
CA UNK L 6 -0.36 56.69 5.14
C UNK L 6 0.69 55.60 5.28
N UNK L 7 1.09 55.29 6.52
CA UNK L 7 2.03 54.19 6.73
C UNK L 7 1.45 52.87 6.25
N UNK L 8 0.17 52.63 6.53
CA UNK L 8 -0.46 51.39 6.10
C UNK L 8 -0.58 51.34 4.57
N UNK L 9 -0.81 52.49 3.93
CA UNK L 9 -0.86 52.53 2.47
C UNK L 9 0.51 52.22 1.88
N UNK L 10 1.57 52.76 2.46
CA UNK L 10 2.91 52.43 2.01
C UNK L 10 3.21 50.95 2.19
N UNK L 11 2.76 50.38 3.31
CA UNK L 11 2.92 48.94 3.52
C UNK L 11 2.14 48.14 2.48
N UNK L 12 0.95 48.63 2.10
CA UNK L 12 0.18 47.97 1.05
C UNK L 12 0.91 48.00 -0.28
N UNK L 13 1.51 49.15 -0.62
CA UNK L 13 2.28 49.24 -1.85
C UNK L 13 3.48 48.29 -1.81
N UNK L 14 4.14 48.19 -0.66
CA UNK L 14 5.26 47.26 -0.54
C UNK L 14 4.79 45.81 -0.68
N UNK L 15 3.62 45.49 -0.14
CA UNK L 15 3.08 44.15 -0.28
C UNK L 15 2.75 43.84 -1.74
N UNK L 16 2.21 44.82 -2.47
CA UNK L 16 1.95 44.63 -3.89
C UNK L 16 3.26 44.41 -4.65
N UNK L 17 4.30 45.16 -4.28
CA UNK L 17 5.59 44.97 -4.92
C UNK L 17 6.14 43.57 -4.63
N UNK L 18 5.96 43.08 -3.41
CA UNK L 18 6.45 41.76 -3.06
C UNK L 18 5.68 40.67 -3.80
N UNK L 19 4.37 40.85 -3.95
CA UNK L 19 3.58 39.88 -4.70
C UNK L 19 3.99 39.88 -6.17
N UNK L 20 4.26 41.06 -6.72
CA UNK L 20 4.73 41.12 -8.11
C UNK L 20 6.09 40.46 -8.25
N UNK L 21 6.98 40.65 -7.28
CA UNK L 21 8.30 40.05 -7.35
C UNK L 21 8.24 38.53 -7.23
N UNK L 22 7.35 38.02 -6.39
CA UNK L 22 7.12 36.59 -6.33
C UNK L 22 6.51 36.08 -7.63
N UNK L 23 5.67 36.90 -8.27
CA UNK L 23 5.13 36.55 -9.57
C UNK L 23 6.16 36.67 -10.69
N UNK L 24 7.19 37.49 -10.50
CA UNK L 24 8.23 37.66 -11.51
C UNK L 24 9.00 36.36 -11.74
#